data_5GM5
#
_entry.id   5GM5
#
_cell.length_a   87.447
_cell.length_b   85.567
_cell.length_c   106.526
_cell.angle_alpha   90.000
_cell.angle_beta   91.870
_cell.angle_gamma   90.000
#
_symmetry.space_group_name_H-M   'P 1 21 1'
#
loop_
_entity.id
_entity.type
_entity.pdbx_description
1 polymer Endoglucanase-1
2 branched beta-D-glucopyranose-(1-4)-beta-D-glucopyranose
3 non-polymer 'SULFATE ION'
4 non-polymer '4-(2-HYDROXYETHYL)-1-PIPERAZINE ETHANESULFONIC ACID'
5 water water
#
_entity_poly.entity_id   1
_entity_poly.type   'polypeptide(L)'
_entity_poly.pdbx_seq_one_letter_code
;QAQLCDQYATYTGGVYTINNNLWGKDAGSGSQCTTVNSASSAGTSWSTKWNWSGGENSVKSYANSGLTFNKKLVSQISQI
PTTARWSYDNTGIRADVAYDLFTAADINHVTWSGDYELMIWLARYGGVQPIGSQIATATVDGQTWELWYGANGSQKTYSF
VAPTPITSFQGDVNDFFKYLTQNHGFPASSQYLITLQFGTAPFTGGPATLSVSNWSASVQ
;
_entity_poly.pdbx_strand_id   A,B,C,D,E,F,G
#
# COMPACT_ATOMS: atom_id res chain seq x y z
N GLN A 3 9.27 13.11 30.30
CA GLN A 3 8.69 13.79 29.07
C GLN A 3 8.22 12.80 27.99
N LEU A 4 6.93 12.73 27.79
CA LEU A 4 6.36 11.59 27.17
C LEU A 4 5.84 12.01 25.79
N CYS A 5 6.53 11.63 24.72
CA CYS A 5 6.17 12.11 23.35
C CYS A 5 5.64 11.03 22.41
N ASP A 6 6.09 9.81 22.65
CA ASP A 6 5.69 8.69 21.82
C ASP A 6 4.19 8.40 22.00
N GLN A 7 3.64 7.60 21.12
CA GLN A 7 2.18 7.34 21.14
C GLN A 7 1.68 6.84 22.48
N TYR A 8 2.36 5.85 23.04
CA TYR A 8 1.95 5.32 24.35
C TYR A 8 3.00 5.50 25.42
N ALA A 9 3.71 6.63 25.34
CA ALA A 9 4.68 6.94 26.36
C ALA A 9 3.99 7.14 27.69
N THR A 10 4.63 6.72 28.77
CA THR A 10 3.91 6.58 30.04
C THR A 10 4.85 6.66 31.22
N TYR A 11 4.32 7.12 32.34
CA TYR A 11 5.07 7.12 33.56
C TYR A 11 4.10 6.91 34.71
N THR A 12 4.53 6.11 35.69
CA THR A 12 3.78 5.81 36.89
C THR A 12 4.53 6.25 38.13
N GLY A 13 3.83 7.01 38.98
CA GLY A 13 4.33 7.35 40.30
C GLY A 13 3.18 7.17 41.25
N GLY A 14 3.43 6.50 42.38
CA GLY A 14 2.39 6.27 43.37
C GLY A 14 1.23 5.51 42.77
N VAL A 15 0.01 6.06 42.91
CA VAL A 15 -1.17 5.42 42.33
C VAL A 15 -1.62 6.11 41.04
N TYR A 16 -0.74 6.95 40.50
CA TYR A 16 -1.05 7.66 39.24
C TYR A 16 -0.21 7.21 38.08
N THR A 17 -0.86 7.04 36.95
CA THR A 17 -0.20 6.66 35.71
C THR A 17 -0.56 7.69 34.67
N ILE A 18 0.47 8.31 34.10
CA ILE A 18 0.25 9.35 33.10
C ILE A 18 0.61 8.77 31.74
N ASN A 19 -0.29 8.84 30.76
CA ASN A 19 -0.05 8.27 29.43
C ASN A 19 -0.26 9.37 28.40
N ASN A 20 0.64 9.46 27.45
CA ASN A 20 0.44 10.39 26.34
C ASN A 20 -0.76 9.98 25.51
N ASN A 21 -0.96 8.67 25.31
CA ASN A 21 -2.14 8.14 24.71
C ASN A 21 -2.60 8.80 23.42
N LEU A 22 -1.69 8.89 22.45
CA LEU A 22 -2.01 9.43 21.15
C LEU A 22 -2.71 8.37 20.27
N TRP A 23 -3.83 7.89 20.77
CA TRP A 23 -4.49 6.75 20.14
C TRP A 23 -4.99 7.09 18.75
N GLY A 24 -5.27 8.37 18.49
CA GLY A 24 -5.81 8.80 17.21
C GLY A 24 -4.82 9.49 16.29
N LYS A 25 -3.54 9.29 16.54
CA LYS A 25 -2.54 10.15 15.89
C LYS A 25 -2.57 10.00 14.36
N ASP A 26 -2.93 8.82 13.90
CA ASP A 26 -2.97 8.60 12.45
C ASP A 26 -4.11 9.32 11.74
N ALA A 27 -5.06 9.90 12.49
CA ALA A 27 -6.11 10.65 11.85
C ALA A 27 -5.73 12.05 11.44
N GLY A 28 -4.59 12.55 11.89
CA GLY A 28 -4.16 13.87 11.51
C GLY A 28 -2.66 14.08 11.48
N SER A 29 -2.27 15.33 11.54
CA SER A 29 -0.90 15.75 11.38
C SER A 29 -0.56 16.54 12.63
N GLY A 30 0.52 16.14 13.28
CA GLY A 30 1.00 16.94 14.41
C GLY A 30 1.72 16.11 15.48
N SER A 31 1.67 16.60 16.70
CA SER A 31 2.51 16.01 17.75
C SER A 31 1.99 16.47 19.09
N GLN A 32 2.39 15.69 20.09
CA GLN A 32 1.94 15.94 21.44
C GLN A 32 2.90 15.31 22.44
N CYS A 33 3.26 16.11 23.43
CA CYS A 33 4.17 15.71 24.49
C CYS A 33 3.55 16.04 25.82
N THR A 34 3.66 15.07 26.72
CA THR A 34 3.11 15.17 28.06
C THR A 34 4.25 15.17 29.08
N THR A 35 4.18 16.11 30.05
CA THR A 35 5.25 16.29 31.02
C THR A 35 4.70 15.99 32.40
N VAL A 36 5.33 15.10 33.15
CA VAL A 36 4.91 14.83 34.53
C VAL A 36 5.67 15.67 35.54
N ASN A 37 4.94 16.41 36.35
CA ASN A 37 5.53 17.34 37.30
C ASN A 37 5.62 16.61 38.63
N SER A 38 4.59 15.84 38.98
CA SER A 38 4.59 15.08 40.24
C SER A 38 3.54 13.98 40.18
N ALA A 39 3.75 12.91 40.94
CA ALA A 39 2.80 11.78 41.00
C ALA A 39 3.12 10.96 42.23
N SER A 40 2.25 11.09 43.23
CA SER A 40 2.51 10.61 44.57
C SER A 40 1.26 9.89 45.04
N SER A 41 1.28 9.45 46.30
CA SER A 41 0.11 8.82 46.90
C SER A 41 -1.11 9.73 46.94
N ALA A 42 -0.88 11.03 47.01
CA ALA A 42 -1.95 12.01 47.25
C ALA A 42 -2.55 12.72 45.99
N GLY A 43 -1.77 12.79 44.92
CA GLY A 43 -2.25 13.44 43.69
C GLY A 43 -1.17 13.47 42.62
N THR A 44 -1.51 14.10 41.49
CA THR A 44 -0.56 14.27 40.42
C THR A 44 -0.71 15.60 39.74
N SER A 45 0.38 16.09 39.23
CA SER A 45 0.40 17.32 38.47
C SER A 45 1.17 17.03 37.18
N TRP A 46 0.65 17.47 36.05
CA TRP A 46 1.23 17.22 34.74
C TRP A 46 0.72 18.22 33.72
N SER A 47 1.28 18.23 32.52
CA SER A 47 0.84 19.10 31.45
C SER A 47 0.98 18.35 30.13
N THR A 48 0.23 18.78 29.12
CA THR A 48 0.41 18.22 27.79
C THR A 48 0.28 19.31 26.74
N LYS A 49 1.26 19.31 25.83
CA LYS A 49 1.35 20.32 24.78
C LYS A 49 1.19 19.68 23.41
N TRP A 50 0.25 20.19 22.65
CA TRP A 50 -0.13 19.55 21.37
C TRP A 50 -0.41 20.54 20.27
N ASN A 51 -0.22 20.05 19.06
CA ASN A 51 -0.57 20.75 17.81
C ASN A 51 -1.12 19.69 16.86
N TRP A 52 -2.39 19.83 16.50
CA TRP A 52 -3.07 18.86 15.64
C TRP A 52 -3.85 19.53 14.51
N SER A 53 -3.73 19.00 13.31
CA SER A 53 -4.52 19.45 12.18
C SER A 53 -5.03 18.25 11.41
N GLY A 54 -6.04 18.45 10.57
CA GLY A 54 -6.59 17.38 9.78
C GLY A 54 -7.56 16.54 10.59
N GLY A 55 -8.24 15.62 9.92
CA GLY A 55 -9.20 14.76 10.59
C GLY A 55 -10.07 15.49 11.59
N GLU A 56 -10.72 16.56 11.15
CA GLU A 56 -11.29 17.54 12.07
C GLU A 56 -12.40 16.96 12.95
N ASN A 57 -12.98 15.83 12.57
CA ASN A 57 -14.02 15.22 13.37
C ASN A 57 -13.55 13.99 14.09
N SER A 58 -12.22 13.83 14.23
CA SER A 58 -11.62 12.66 14.86
C SER A 58 -10.72 13.13 15.99
N VAL A 59 -10.93 12.53 17.16
CA VAL A 59 -10.05 12.78 18.29
C VAL A 59 -8.67 12.21 18.04
N LYS A 60 -7.63 13.00 18.29
CA LYS A 60 -6.25 12.58 18.06
C LYS A 60 -5.63 11.86 19.22
N SER A 61 -6.13 12.07 20.45
CA SER A 61 -5.45 11.60 21.63
C SER A 61 -6.32 11.82 22.86
N TYR A 62 -5.92 11.15 23.92
CA TYR A 62 -6.47 11.46 25.25
C TYR A 62 -5.40 11.26 26.31
N ALA A 63 -4.46 12.20 26.30
CA ALA A 63 -3.40 12.26 27.31
C ALA A 63 -4.10 12.44 28.64
N ASN A 64 -3.67 11.68 29.63
CA ASN A 64 -4.46 11.58 30.86
C ASN A 64 -3.61 11.04 31.99
N SER A 65 -4.04 11.37 33.20
CA SER A 65 -3.65 10.64 34.38
C SER A 65 -4.76 9.71 34.82
N GLY A 66 -4.39 8.48 35.17
CA GLY A 66 -5.33 7.41 35.55
C GLY A 66 -4.95 6.92 36.95
N LEU A 67 -5.95 6.40 37.66
CA LEU A 67 -5.80 5.97 39.05
C LEU A 67 -5.65 4.47 39.11
N THR A 68 -4.78 4.02 39.99
CA THR A 68 -4.70 2.61 40.36
C THR A 68 -5.60 2.45 41.60
N PHE A 69 -6.61 1.60 41.46
CA PHE A 69 -7.56 1.39 42.56
C PHE A 69 -8.08 -0.03 42.52
N ASN A 70 -8.71 -0.42 43.63
CA ASN A 70 -9.32 -1.74 43.74
C ASN A 70 -10.64 -1.80 43.03
N LYS A 71 -10.71 -2.57 41.96
CA LYS A 71 -11.90 -2.59 41.11
C LYS A 71 -13.02 -3.27 41.89
N LYS A 72 -14.23 -2.72 41.75
CA LYS A 72 -15.38 -3.28 42.41
C LYS A 72 -16.65 -2.91 41.67
N LEU A 73 -17.72 -3.65 41.96
CA LEU A 73 -19.03 -3.34 41.41
C LEU A 73 -19.41 -1.94 41.78
N VAL A 74 -20.04 -1.24 40.82
CA VAL A 74 -20.47 0.11 41.06
C VAL A 74 -21.49 0.19 42.20
N SER A 75 -22.27 -0.87 42.40
CA SER A 75 -23.25 -0.89 43.47
C SER A 75 -22.58 -0.99 44.84
N GLN A 76 -21.30 -1.37 44.87
CA GLN A 76 -20.59 -1.55 46.12
C GLN A 76 -19.69 -0.35 46.44
N ILE A 77 -19.67 0.63 45.54
CA ILE A 77 -18.87 1.83 45.77
C ILE A 77 -19.63 2.79 46.66
N SER A 78 -18.93 3.37 47.65
CA SER A 78 -19.52 4.40 48.52
C SER A 78 -19.18 5.81 48.06
N GLN A 79 -17.92 6.04 47.70
CA GLN A 79 -17.53 7.37 47.22
C GLN A 79 -16.42 7.21 46.20
N ILE A 80 -16.38 8.20 45.30
CA ILE A 80 -15.23 8.41 44.44
C ILE A 80 -14.86 9.88 44.53
N PRO A 81 -14.21 10.29 45.61
CA PRO A 81 -13.82 11.69 45.73
C PRO A 81 -12.72 12.06 44.78
N THR A 82 -12.84 13.24 44.20
CA THR A 82 -11.85 13.68 43.22
C THR A 82 -11.75 15.19 43.25
N THR A 83 -10.57 15.71 42.89
CA THR A 83 -10.38 17.14 42.58
C THR A 83 -9.56 17.27 41.29
N ALA A 84 -9.87 18.30 40.50
CA ALA A 84 -9.15 18.58 39.24
C ALA A 84 -9.00 20.06 39.14
N ARG A 85 -7.78 20.54 39.03
CA ARG A 85 -7.53 21.96 38.78
C ARG A 85 -6.63 22.05 37.59
N TRP A 86 -7.06 22.83 36.62
CA TRP A 86 -6.40 22.86 35.34
C TRP A 86 -6.60 24.21 34.64
N SER A 87 -5.85 24.43 33.56
CA SER A 87 -6.05 25.57 32.70
C SER A 87 -5.42 25.27 31.35
N TYR A 88 -5.95 25.92 30.35
CA TYR A 88 -5.41 25.89 29.02
C TYR A 88 -4.83 27.28 28.73
N ASP A 89 -3.69 27.33 28.06
CA ASP A 89 -3.10 28.60 27.69
C ASP A 89 -3.77 29.24 26.46
N ASN A 90 -4.37 28.39 25.64
CA ASN A 90 -4.89 28.75 24.33
C ASN A 90 -6.24 28.06 24.23
N THR A 91 -7.31 28.82 24.19
CA THR A 91 -8.63 28.20 24.04
C THR A 91 -9.17 28.34 22.63
N GLY A 92 -8.38 28.88 21.72
CA GLY A 92 -8.76 28.87 20.33
C GLY A 92 -8.55 27.51 19.68
N ILE A 93 -9.25 26.48 20.18
CA ILE A 93 -8.95 25.10 19.86
C ILE A 93 -10.29 24.38 19.74
N ARG A 94 -10.26 23.15 19.24
CA ARG A 94 -11.40 22.24 19.23
C ARG A 94 -11.02 21.00 20.03
N ALA A 95 -11.53 20.92 21.26
CA ALA A 95 -11.04 19.99 22.25
C ALA A 95 -11.97 19.96 23.45
N ASP A 96 -11.80 18.97 24.30
CA ASP A 96 -12.54 18.93 25.55
C ASP A 96 -11.65 18.47 26.66
N VAL A 97 -12.02 18.83 27.89
CA VAL A 97 -11.32 18.39 29.09
C VAL A 97 -12.30 17.55 29.88
N ALA A 98 -11.92 16.33 30.25
CA ALA A 98 -12.91 15.36 30.74
C ALA A 98 -12.32 14.26 31.62
N TYR A 99 -13.12 13.86 32.60
CA TYR A 99 -12.98 12.55 33.23
C TYR A 99 -13.48 11.49 32.23
N ASP A 100 -12.86 10.33 32.28
CA ASP A 100 -13.29 9.17 31.52
C ASP A 100 -13.22 7.93 32.41
N LEU A 101 -14.34 7.26 32.57
CA LEU A 101 -14.42 6.05 33.38
C LEU A 101 -15.06 4.92 32.55
N PHE A 102 -14.55 3.70 32.70
CA PHE A 102 -15.12 2.56 32.01
C PHE A 102 -15.66 1.60 33.07
N THR A 103 -16.73 0.89 32.72
CA THR A 103 -17.20 -0.22 33.50
C THR A 103 -17.37 -1.42 32.59
N ALA A 104 -17.33 -2.61 33.21
CA ALA A 104 -17.56 -3.83 32.46
C ALA A 104 -18.15 -4.86 33.38
N ALA A 105 -18.85 -5.80 32.76
CA ALA A 105 -19.32 -6.97 33.49
C ALA A 105 -18.18 -7.93 33.85
N ASP A 106 -17.10 -7.92 33.07
CA ASP A 106 -15.92 -8.76 33.31
C ASP A 106 -14.86 -7.89 34.00
N ILE A 107 -14.45 -8.26 35.20
CA ILE A 107 -13.56 -7.41 35.97
C ILE A 107 -12.19 -7.34 35.29
N ASN A 108 -11.94 -8.24 34.35
CA ASN A 108 -10.69 -8.28 33.57
C ASN A 108 -10.84 -7.78 32.14
N HIS A 109 -11.87 -6.99 31.88
CA HIS A 109 -12.04 -6.41 30.56
C HIS A 109 -10.80 -5.56 30.26
N VAL A 110 -10.50 -5.38 28.97
CA VAL A 110 -9.45 -4.43 28.55
C VAL A 110 -9.81 -3.04 29.10
N THR A 111 -8.81 -2.30 29.59
CA THR A 111 -9.10 -1.08 30.33
C THR A 111 -9.20 0.21 29.52
N TRP A 112 -9.12 0.09 28.20
CA TRP A 112 -9.32 1.23 27.32
C TRP A 112 -10.72 1.31 26.70
N SER A 113 -11.59 0.43 27.14
CA SER A 113 -12.99 0.46 26.72
C SER A 113 -13.81 -0.32 27.76
N GLY A 114 -15.13 -0.22 27.64
CA GLY A 114 -16.06 -0.79 28.61
C GLY A 114 -17.30 -1.31 27.92
N ASP A 115 -18.12 -2.03 28.69
CA ASP A 115 -19.55 -2.13 28.36
C ASP A 115 -20.23 -0.76 28.44
N TYR A 116 -19.83 0.00 29.48
CA TYR A 116 -20.24 1.38 29.66
C TYR A 116 -19.04 2.29 29.84
N GLU A 117 -19.30 3.55 29.55
CA GLU A 117 -18.35 4.65 29.80
C GLU A 117 -19.14 5.77 30.45
N LEU A 118 -18.55 6.39 31.46
CA LEU A 118 -19.07 7.58 32.10
C LEU A 118 -18.00 8.67 31.92
N MET A 119 -18.38 9.75 31.25
CA MET A 119 -17.52 10.93 31.10
C MET A 119 -18.12 12.11 31.81
N ILE A 120 -17.23 12.96 32.31
CA ILE A 120 -17.60 14.23 32.91
C ILE A 120 -16.73 15.30 32.27
N TRP A 121 -17.32 16.06 31.38
CA TRP A 121 -16.65 17.09 30.61
C TRP A 121 -16.66 18.38 31.39
N LEU A 122 -15.49 18.75 31.89
CA LEU A 122 -15.30 20.01 32.61
C LEU A 122 -15.25 21.19 31.65
N ALA A 123 -14.96 20.95 30.38
CA ALA A 123 -14.86 22.04 29.44
C ALA A 123 -14.93 21.49 28.04
N ARG A 124 -15.52 22.30 27.18
CA ARG A 124 -15.35 22.08 25.76
C ARG A 124 -15.20 23.36 24.99
N TYR A 125 -14.38 23.27 23.98
CA TYR A 125 -14.06 24.37 23.15
C TYR A 125 -14.43 24.06 21.70
N GLY A 126 -14.90 25.09 21.00
CA GLY A 126 -15.21 24.98 19.59
C GLY A 126 -16.43 24.14 19.25
N GLY A 127 -17.26 23.85 20.23
CA GLY A 127 -18.52 23.14 19.95
C GLY A 127 -18.40 21.65 19.79
N VAL A 128 -17.23 21.08 20.07
CA VAL A 128 -17.16 19.65 19.95
C VAL A 128 -18.08 19.00 20.99
N GLN A 129 -18.57 17.83 20.64
CA GLN A 129 -19.63 17.19 21.39
C GLN A 129 -19.35 15.72 21.65
N PRO A 130 -19.92 15.21 22.72
CA PRO A 130 -19.80 13.83 23.08
C PRO A 130 -20.47 12.94 22.04
N ILE A 131 -20.20 11.64 22.11
CA ILE A 131 -20.94 10.69 21.32
C ILE A 131 -22.42 10.71 21.68
N GLY A 132 -23.25 10.61 20.65
CA GLY A 132 -24.70 10.48 20.86
C GLY A 132 -25.46 11.79 20.78
N SER A 133 -26.46 11.94 21.64
CA SER A 133 -27.29 13.13 21.72
C SER A 133 -27.57 13.47 23.15
N GLN A 134 -27.94 14.73 23.37
CA GLN A 134 -28.36 15.14 24.68
C GLN A 134 -29.73 14.53 24.99
N ILE A 135 -29.81 13.82 26.09
CA ILE A 135 -31.05 13.24 26.52
C ILE A 135 -31.74 13.85 27.72
N ALA A 136 -31.04 14.66 28.51
CA ALA A 136 -31.57 15.13 29.78
C ALA A 136 -30.69 16.30 30.19
N THR A 137 -31.24 17.11 31.07
CA THR A 137 -30.46 17.97 31.90
C THR A 137 -30.47 17.36 33.28
N ALA A 138 -29.29 17.01 33.75
CA ALA A 138 -29.14 16.34 35.04
C ALA A 138 -28.65 17.27 36.13
N THR A 139 -29.27 17.18 37.29
CA THR A 139 -28.77 17.90 38.44
C THR A 139 -28.02 16.92 39.32
N VAL A 140 -26.75 17.18 39.55
CA VAL A 140 -25.91 16.31 40.36
C VAL A 140 -25.17 17.14 41.38
N ASP A 141 -25.33 16.81 42.65
CA ASP A 141 -24.73 17.60 43.75
C ASP A 141 -25.02 19.09 43.62
N GLY A 142 -26.24 19.42 43.21
CA GLY A 142 -26.68 20.79 43.13
C GLY A 142 -26.24 21.60 41.91
N GLN A 143 -25.56 20.97 40.95
CA GLN A 143 -25.06 21.64 39.74
C GLN A 143 -25.73 20.98 38.51
N THR A 144 -26.00 21.74 37.44
CA THR A 144 -26.65 21.16 36.27
C THR A 144 -25.60 20.74 35.25
N TRP A 145 -25.91 19.65 34.54
CA TRP A 145 -25.06 19.04 33.53
C TRP A 145 -25.93 18.71 32.34
N GLU A 146 -25.45 18.96 31.13
CA GLU A 146 -26.15 18.39 30.00
C GLU A 146 -25.76 16.92 30.02
N LEU A 147 -26.74 16.03 29.90
CA LEU A 147 -26.44 14.60 29.87
C LEU A 147 -26.67 14.02 28.49
N TRP A 148 -25.59 13.47 27.94
CA TRP A 148 -25.59 12.87 26.61
C TRP A 148 -25.52 11.37 26.74
N TYR A 149 -26.12 10.69 25.79
CA TYR A 149 -26.05 9.27 25.70
C TYR A 149 -25.76 8.87 24.25
N GLY A 150 -24.76 8.03 24.05
CA GLY A 150 -24.39 7.54 22.75
C GLY A 150 -23.85 6.15 22.82
N ALA A 151 -23.71 5.52 21.67
CA ALA A 151 -23.22 4.17 21.62
C ALA A 151 -22.63 3.84 20.27
N ASN A 152 -21.65 2.93 20.29
CA ASN A 152 -20.98 2.54 19.05
C ASN A 152 -21.25 1.07 18.77
N GLY A 153 -22.29 0.51 19.40
CA GLY A 153 -22.64 -0.88 19.21
C GLY A 153 -21.97 -1.89 20.14
N SER A 154 -20.93 -1.51 20.87
CA SER A 154 -20.50 -2.30 22.03
C SER A 154 -20.50 -1.51 23.34
N GLN A 155 -19.98 -0.31 23.25
CA GLN A 155 -19.79 0.54 24.40
C GLN A 155 -20.91 1.57 24.40
N LYS A 156 -21.52 1.72 25.57
CA LYS A 156 -22.57 2.71 25.78
C LYS A 156 -22.03 3.81 26.69
N THR A 157 -22.14 5.05 26.26
CA THR A 157 -21.41 6.14 26.87
C THR A 157 -22.39 7.23 27.34
N TYR A 158 -22.37 7.54 28.64
CA TYR A 158 -23.07 8.67 29.20
C TYR A 158 -22.05 9.77 29.48
N SER A 159 -22.26 10.95 28.93
CA SER A 159 -21.36 12.09 29.14
C SER A 159 -22.15 13.19 29.82
N PHE A 160 -21.63 13.63 30.94
CA PHE A 160 -22.19 14.79 31.66
C PHE A 160 -21.36 15.99 31.28
N VAL A 161 -21.97 16.97 30.60
CA VAL A 161 -21.24 18.10 30.09
C VAL A 161 -21.53 19.37 30.89
N ALA A 162 -20.48 20.06 31.30
CA ALA A 162 -20.67 21.30 32.07
C ALA A 162 -21.14 22.37 31.08
N PRO A 163 -22.18 23.12 31.43
CA PRO A 163 -22.65 24.19 30.52
C PRO A 163 -21.62 25.30 30.36
N THR A 164 -20.86 25.59 31.40
CA THR A 164 -19.70 26.47 31.28
C THR A 164 -18.49 25.82 31.93
N PRO A 165 -17.29 26.22 31.52
CA PRO A 165 -16.03 25.55 31.91
C PRO A 165 -15.79 25.57 33.39
N ILE A 166 -15.41 24.44 33.93
CA ILE A 166 -15.08 24.31 35.34
C ILE A 166 -13.59 23.99 35.44
N THR A 167 -12.80 25.00 35.82
CA THR A 167 -11.35 24.85 35.90
C THR A 167 -10.89 24.38 37.27
N SER A 168 -11.77 24.48 38.25
CA SER A 168 -11.48 23.96 39.59
C SER A 168 -12.65 23.10 40.07
N PHE A 169 -12.51 21.78 39.95
CA PHE A 169 -13.61 20.85 40.23
C PHE A 169 -13.28 20.04 41.50
N GLN A 170 -14.29 19.92 42.36
CA GLN A 170 -14.21 18.98 43.49
C GLN A 170 -15.57 18.31 43.59
N GLY A 171 -15.59 16.99 43.61
CA GLY A 171 -16.88 16.28 43.70
C GLY A 171 -16.69 14.82 44.02
N ASP A 172 -17.79 14.09 43.92
CA ASP A 172 -17.77 12.68 44.16
C ASP A 172 -18.34 12.08 42.89
N VAL A 173 -17.55 11.31 42.15
CA VAL A 173 -18.02 10.79 40.88
C VAL A 173 -19.12 9.77 41.09
N ASN A 174 -19.14 9.16 42.28
CA ASN A 174 -20.18 8.22 42.57
C ASN A 174 -21.57 8.86 42.59
N ASP A 175 -21.66 10.17 42.81
CA ASP A 175 -22.96 10.86 42.63
C ASP A 175 -23.47 10.72 41.19
N PHE A 176 -22.56 10.67 40.22
CA PHE A 176 -22.94 10.48 38.84
C PHE A 176 -23.38 9.06 38.55
N PHE A 177 -22.70 8.08 39.12
CA PHE A 177 -23.11 6.69 38.97
C PHE A 177 -24.48 6.52 39.64
N LYS A 178 -24.66 7.13 40.80
CA LYS A 178 -25.97 7.00 41.49
C LYS A 178 -27.10 7.58 40.63
N TYR A 179 -26.84 8.75 40.06
CA TYR A 179 -27.80 9.34 39.16
C TYR A 179 -28.18 8.38 38.03
N LEU A 180 -27.18 7.80 37.36
CA LEU A 180 -27.44 6.89 36.27
C LEU A 180 -28.24 5.66 36.74
N THR A 181 -27.87 5.13 37.90
CA THR A 181 -28.49 3.93 38.42
C THR A 181 -29.97 4.20 38.71
N GLN A 182 -30.23 5.37 39.26
CA GLN A 182 -31.55 5.66 39.80
C GLN A 182 -32.45 6.21 38.70
N ASN A 183 -31.86 6.90 37.72
CA ASN A 183 -32.64 7.60 36.71
C ASN A 183 -32.62 6.97 35.32
N HIS A 184 -31.61 6.16 35.02
CA HIS A 184 -31.38 5.63 33.67
C HIS A 184 -31.14 4.13 33.61
N GLY A 185 -31.44 3.40 34.69
CA GLY A 185 -31.41 1.97 34.71
C GLY A 185 -30.02 1.40 34.57
N PHE A 186 -29.00 2.17 34.93
CA PHE A 186 -27.64 1.69 34.80
C PHE A 186 -27.49 0.48 35.71
N PRO A 187 -26.94 -0.64 35.18
CA PRO A 187 -26.87 -1.89 35.95
C PRO A 187 -25.70 -1.96 36.94
N ALA A 188 -25.79 -1.16 37.98
CA ALA A 188 -24.68 -0.91 38.91
C ALA A 188 -24.26 -2.23 39.60
N SER A 189 -25.22 -3.13 39.83
CA SER A 189 -24.91 -4.34 40.54
C SER A 189 -24.26 -5.41 39.69
N SER A 190 -24.07 -5.19 38.39
CA SER A 190 -23.36 -6.15 37.53
C SER A 190 -22.21 -5.54 36.70
N GLN A 191 -21.88 -4.29 36.99
CA GLN A 191 -20.77 -3.59 36.33
C GLN A 191 -19.70 -3.25 37.31
N TYR A 192 -18.48 -3.70 36.95
CA TYR A 192 -17.27 -3.34 37.68
C TYR A 192 -16.70 -2.04 37.14
N LEU A 193 -16.34 -1.13 38.03
CA LEU A 193 -15.54 0.04 37.66
C LEU A 193 -14.12 -0.42 37.38
N ILE A 194 -13.67 -0.21 36.14
CA ILE A 194 -12.34 -0.70 35.77
C ILE A 194 -11.30 0.37 35.51
N THR A 195 -11.74 1.59 35.18
CA THR A 195 -10.81 2.65 34.80
C THR A 195 -11.34 3.98 35.30
N LEU A 196 -10.43 4.86 35.72
CA LEU A 196 -10.79 6.21 36.14
C LEU A 196 -9.63 7.14 35.77
N GLN A 197 -9.89 8.01 34.80
CA GLN A 197 -8.88 8.88 34.15
C GLN A 197 -9.40 10.30 34.03
N PHE A 198 -8.47 11.24 33.89
CA PHE A 198 -8.76 12.62 33.68
C PHE A 198 -7.75 13.21 32.70
N GLY A 199 -8.25 13.90 31.67
CA GLY A 199 -7.37 14.45 30.68
C GLY A 199 -8.03 15.33 29.67
N THR A 200 -7.47 15.39 28.46
CA THR A 200 -8.01 16.21 27.42
C THR A 200 -8.04 15.45 26.10
N ALA A 201 -9.08 15.69 25.32
CA ALA A 201 -9.21 15.13 23.96
C ALA A 201 -9.24 16.22 22.92
N PRO A 202 -8.14 16.38 22.18
CA PRO A 202 -8.07 17.36 21.13
C PRO A 202 -8.49 16.81 19.78
N PHE A 203 -9.15 17.67 19.03
CA PHE A 203 -9.51 17.41 17.64
C PHE A 203 -8.53 18.22 16.78
N THR A 204 -8.56 19.55 16.85
CA THR A 204 -7.68 20.36 16.07
C THR A 204 -7.30 21.63 16.84
N GLY A 205 -6.19 22.19 16.43
CA GLY A 205 -5.69 23.48 16.93
C GLY A 205 -4.27 23.38 17.44
N GLY A 206 -3.83 24.47 18.08
CA GLY A 206 -2.59 24.51 18.77
C GLY A 206 -1.56 25.35 18.05
N PRO A 207 -0.37 25.49 18.62
CA PRO A 207 0.00 24.82 19.88
C PRO A 207 -0.80 25.26 21.08
N ALA A 208 -1.13 24.28 21.90
CA ALA A 208 -1.95 24.51 23.10
C ALA A 208 -1.45 23.59 24.20
N THR A 209 -1.46 24.11 25.42
CA THR A 209 -0.96 23.40 26.58
C THR A 209 -2.04 23.37 27.69
N LEU A 210 -2.47 22.17 28.06
CA LEU A 210 -3.26 21.89 29.27
C LEU A 210 -2.32 21.72 30.43
N SER A 211 -2.45 22.60 31.43
CA SER A 211 -1.69 22.42 32.64
C SER A 211 -2.57 21.91 33.76
N VAL A 212 -2.32 20.70 34.25
CA VAL A 212 -3.09 20.15 35.34
C VAL A 212 -2.29 20.38 36.60
N SER A 213 -2.71 21.40 37.35
CA SER A 213 -1.97 21.74 38.57
C SER A 213 -2.21 20.72 39.67
N ASN A 214 -3.36 20.04 39.65
CA ASN A 214 -3.57 18.94 40.56
C ASN A 214 -4.72 18.07 40.09
N TRP A 215 -4.51 16.76 40.11
CA TRP A 215 -5.61 15.79 39.99
C TRP A 215 -5.44 14.78 41.11
N SER A 216 -6.53 14.52 41.80
CA SER A 216 -6.58 13.49 42.82
C SER A 216 -7.87 12.72 42.63
N ALA A 217 -7.82 11.42 42.96
CA ALA A 217 -9.05 10.65 43.08
C ALA A 217 -8.80 9.46 44.02
N SER A 218 -9.89 8.86 44.47
CA SER A 218 -9.83 7.58 45.15
C SER A 218 -11.16 6.87 44.96
N VAL A 219 -11.15 5.55 45.10
CA VAL A 219 -12.39 4.77 45.00
C VAL A 219 -12.57 3.94 46.27
N GLN A 220 -13.61 4.23 47.05
CA GLN A 220 -13.87 3.52 48.31
C GLN A 220 -15.22 2.85 48.24
N ALA B 2 12.35 -27.54 53.04
CA ALA B 2 12.50 -26.22 53.73
C ALA B 2 11.13 -25.60 54.00
N GLN B 3 10.98 -24.99 55.18
CA GLN B 3 9.81 -24.18 55.56
C GLN B 3 10.19 -22.72 55.76
N LEU B 4 9.79 -21.85 54.86
CA LEU B 4 10.42 -20.56 54.69
C LEU B 4 9.41 -19.46 55.02
N CYS B 5 9.50 -18.99 56.26
CA CYS B 5 8.49 -18.12 56.82
C CYS B 5 8.92 -16.69 57.03
N ASP B 6 10.19 -16.45 57.30
CA ASP B 6 10.71 -15.08 57.52
C ASP B 6 10.62 -14.29 56.24
N GLN B 7 10.67 -12.98 56.35
CA GLN B 7 10.58 -12.10 55.20
C GLN B 7 11.41 -12.50 53.99
N TYR B 8 12.68 -12.85 54.19
CA TYR B 8 13.56 -13.19 53.08
C TYR B 8 14.12 -14.58 53.31
N ALA B 9 13.35 -15.46 53.95
CA ALA B 9 13.72 -16.83 54.07
C ALA B 9 13.81 -17.48 52.71
N THR B 10 14.79 -18.35 52.57
CA THR B 10 15.22 -18.83 51.26
C THR B 10 15.89 -20.18 51.34
N TYR B 11 15.87 -20.90 50.23
CA TYR B 11 16.53 -22.20 50.14
C TYR B 11 17.01 -22.36 48.70
N THR B 12 18.27 -22.73 48.55
CA THR B 12 18.82 -23.08 47.26
C THR B 12 19.15 -24.56 47.17
N GLY B 13 18.68 -25.19 46.09
CA GLY B 13 18.98 -26.56 45.73
C GLY B 13 19.36 -26.59 44.26
N GLY B 14 20.63 -26.83 43.99
CA GLY B 14 21.12 -26.80 42.60
C GLY B 14 20.96 -25.42 41.98
N VAL B 15 20.36 -25.35 40.80
CA VAL B 15 20.19 -24.06 40.10
C VAL B 15 18.89 -23.33 40.49
N TYR B 16 18.16 -23.87 41.46
CA TYR B 16 16.90 -23.28 41.86
C TYR B 16 16.97 -22.70 43.25
N THR B 17 16.52 -21.46 43.37
CA THR B 17 16.39 -20.78 44.65
C THR B 17 14.94 -20.46 44.87
N ILE B 18 14.43 -20.85 46.02
CA ILE B 18 13.05 -20.54 46.37
C ILE B 18 13.10 -19.50 47.49
N ASN B 19 12.27 -18.47 47.36
CA ASN B 19 12.31 -17.34 48.25
C ASN B 19 10.92 -16.93 48.68
N ASN B 20 10.74 -16.75 49.98
CA ASN B 20 9.45 -16.31 50.50
C ASN B 20 9.19 -14.85 50.14
N ASN B 21 10.24 -14.03 50.22
CA ASN B 21 10.26 -12.72 49.55
C ASN B 21 9.07 -11.82 49.89
N LEU B 22 8.84 -11.63 51.18
CA LEU B 22 7.74 -10.77 51.61
C LEU B 22 8.09 -9.32 51.54
N TRP B 23 8.46 -8.84 50.34
CA TRP B 23 9.12 -7.55 50.26
C TRP B 23 8.19 -6.38 50.60
N GLY B 24 6.88 -6.64 50.49
CA GLY B 24 5.85 -5.65 50.70
C GLY B 24 5.11 -5.78 52.00
N LYS B 25 5.61 -6.60 52.93
CA LYS B 25 4.86 -6.96 54.13
C LYS B 25 4.42 -5.77 54.99
N ASP B 26 5.14 -4.66 54.91
CA ASP B 26 4.80 -3.52 55.76
C ASP B 26 3.62 -2.74 55.16
N ALA B 27 3.22 -3.06 53.93
CA ALA B 27 2.06 -2.39 53.37
C ALA B 27 0.74 -2.88 53.90
N GLY B 28 0.74 -3.98 54.64
CA GLY B 28 -0.52 -4.44 55.18
C GLY B 28 -0.33 -5.36 56.36
N SER B 29 -1.27 -6.25 56.57
CA SER B 29 -1.32 -7.09 57.74
C SER B 29 -1.53 -8.54 57.28
N GLY B 30 -0.75 -9.45 57.82
CA GLY B 30 -0.85 -10.84 57.45
C GLY B 30 0.47 -11.56 57.54
N SER B 31 0.55 -12.73 56.89
CA SER B 31 1.71 -13.55 57.00
C SER B 31 1.69 -14.61 55.91
N GLN B 32 2.82 -15.27 55.74
CA GLN B 32 2.98 -16.14 54.57
C GLN B 32 4.21 -17.06 54.75
N CYS B 33 4.05 -18.32 54.40
CA CYS B 33 5.12 -19.33 54.44
C CYS B 33 5.18 -20.00 53.10
N THR B 34 6.40 -20.28 52.66
CA THR B 34 6.70 -21.02 51.46
C THR B 34 7.45 -22.29 51.77
N THR B 35 6.98 -23.39 51.16
CA THR B 35 7.42 -24.74 51.44
C THR B 35 8.12 -25.26 50.19
N VAL B 36 9.33 -25.79 50.30
CA VAL B 36 10.00 -26.38 49.17
C VAL B 36 9.80 -27.90 49.22
N ASN B 37 9.25 -28.45 48.12
CA ASN B 37 9.00 -29.90 48.03
C ASN B 37 10.19 -30.62 47.41
N SER B 38 10.76 -30.00 46.40
CA SER B 38 11.91 -30.56 45.73
C SER B 38 12.63 -29.47 44.94
N ALA B 39 13.92 -29.67 44.71
CA ALA B 39 14.73 -28.76 43.92
C ALA B 39 15.95 -29.48 43.42
N SER B 40 16.04 -29.71 42.12
CA SER B 40 17.09 -30.53 41.52
C SER B 40 17.48 -29.88 40.19
N SER B 41 18.48 -30.42 39.49
CA SER B 41 18.91 -29.83 38.22
C SER B 41 17.78 -29.90 37.18
N ALA B 42 16.78 -30.74 37.40
CA ALA B 42 15.66 -30.85 36.46
C ALA B 42 14.50 -29.88 36.66
N GLY B 43 14.30 -29.43 37.89
CA GLY B 43 13.14 -28.61 38.20
C GLY B 43 12.92 -28.47 39.67
N THR B 44 11.89 -27.71 40.04
CA THR B 44 11.54 -27.49 41.44
C THR B 44 10.02 -27.55 41.64
N SER B 45 9.60 -27.99 42.81
CA SER B 45 8.20 -28.00 43.21
C SER B 45 8.14 -27.38 44.60
N TRP B 46 7.18 -26.52 44.80
CA TRP B 46 7.08 -25.74 45.99
C TRP B 46 5.66 -25.19 46.09
N SER B 47 5.31 -24.64 47.25
CA SER B 47 4.00 -24.05 47.45
C SER B 47 4.17 -22.88 48.41
N THR B 48 3.22 -21.96 48.40
CA THR B 48 3.27 -20.84 49.33
C THR B 48 1.84 -20.57 49.79
N LYS B 49 1.71 -20.31 51.08
CA LYS B 49 0.40 -20.10 51.72
C LYS B 49 0.41 -18.74 52.37
N TRP B 50 -0.61 -17.94 52.11
CA TRP B 50 -0.63 -16.57 52.58
C TRP B 50 -2.00 -16.10 52.95
N ASN B 51 -1.99 -15.07 53.78
CA ASN B 51 -3.17 -14.33 54.17
C ASN B 51 -2.76 -12.88 54.30
N TRP B 52 -3.31 -12.00 53.47
CA TRP B 52 -2.95 -10.57 53.44
C TRP B 52 -4.19 -9.68 53.43
N SER B 53 -4.11 -8.62 54.22
CA SER B 53 -5.13 -7.58 54.15
C SER B 53 -4.52 -6.23 54.30
N GLY B 54 -5.31 -5.24 53.90
CA GLY B 54 -4.85 -3.87 53.90
C GLY B 54 -3.97 -3.59 52.70
N GLY B 55 -3.61 -2.32 52.55
CA GLY B 55 -2.82 -1.82 51.42
C GLY B 55 -3.27 -2.41 50.10
N GLU B 56 -4.56 -2.27 49.82
CA GLU B 56 -5.22 -3.04 48.78
C GLU B 56 -4.60 -2.81 47.38
N ASN B 57 -3.90 -1.70 47.20
CA ASN B 57 -3.23 -1.50 45.93
C ASN B 57 -1.71 -1.77 45.96
N SER B 58 -1.25 -2.51 46.97
CA SER B 58 0.20 -2.71 47.15
C SER B 58 0.46 -4.21 47.20
N VAL B 59 1.36 -4.69 46.36
CA VAL B 59 1.77 -6.10 46.43
C VAL B 59 2.49 -6.34 47.75
N LYS B 60 2.12 -7.42 48.44
CA LYS B 60 2.75 -7.72 49.72
C LYS B 60 4.04 -8.53 49.59
N SER B 61 4.14 -9.32 48.53
CA SER B 61 5.21 -10.31 48.44
C SER B 61 5.34 -10.84 47.02
N TYR B 62 6.44 -11.54 46.75
CA TYR B 62 6.54 -12.29 45.49
C TYR B 62 7.35 -13.53 45.77
N ALA B 63 6.73 -14.46 46.48
CA ALA B 63 7.35 -15.75 46.73
C ALA B 63 7.55 -16.37 45.38
N ASN B 64 8.74 -16.91 45.14
CA ASN B 64 9.13 -17.35 43.83
C ASN B 64 10.20 -18.40 43.83
N SER B 65 10.27 -19.14 42.72
CA SER B 65 11.48 -19.87 42.38
C SER B 65 12.24 -19.13 41.27
N GLY B 66 13.56 -19.02 41.46
CA GLY B 66 14.42 -18.34 40.51
C GLY B 66 15.54 -19.24 40.03
N LEU B 67 15.97 -19.01 38.79
CA LEU B 67 17.00 -19.80 38.16
C LEU B 67 18.38 -19.17 38.25
N THR B 68 19.38 -20.00 38.50
CA THR B 68 20.77 -19.63 38.34
C THR B 68 21.22 -20.07 36.94
N PHE B 69 21.66 -19.10 36.16
CA PHE B 69 22.07 -19.34 34.78
C PHE B 69 23.22 -18.40 34.41
N ASN B 70 23.87 -18.71 33.30
CA ASN B 70 24.94 -17.89 32.78
C ASN B 70 24.36 -16.68 32.06
N LYS B 71 24.57 -15.50 32.64
CA LYS B 71 23.97 -14.27 32.14
C LYS B 71 24.61 -13.92 30.81
N LYS B 72 23.81 -13.43 29.88
CA LYS B 72 24.33 -13.01 28.59
C LYS B 72 23.42 -12.01 27.93
N LEU B 73 23.90 -11.41 26.86
CA LEU B 73 23.10 -10.46 26.11
C LEU B 73 21.89 -11.18 25.57
N VAL B 74 20.76 -10.47 25.58
CA VAL B 74 19.56 -11.02 25.04
C VAL B 74 19.71 -11.36 23.54
N SER B 75 20.51 -10.57 22.83
CA SER B 75 20.77 -10.82 21.41
C SER B 75 21.52 -12.13 21.19
N GLN B 76 22.15 -12.65 22.23
CA GLN B 76 22.95 -13.86 22.12
C GLN B 76 22.20 -15.10 22.61
N ILE B 77 21.00 -14.92 23.16
CA ILE B 77 20.21 -16.04 23.65
C ILE B 77 19.49 -16.75 22.51
N SER B 78 19.59 -18.08 22.52
CA SER B 78 18.90 -18.98 21.59
C SER B 78 17.57 -19.45 22.07
N GLN B 79 17.53 -19.94 23.29
CA GLN B 79 16.30 -20.45 23.84
C GLN B 79 16.23 -20.23 25.33
N ILE B 80 15.02 -19.96 25.81
CA ILE B 80 14.73 -20.02 27.25
C ILE B 80 13.55 -20.95 27.51
N PRO B 81 13.80 -22.27 27.43
CA PRO B 81 12.69 -23.20 27.58
C PRO B 81 12.25 -23.20 29.04
N THR B 82 10.93 -23.27 29.25
CA THR B 82 10.40 -23.23 30.59
C THR B 82 9.10 -24.01 30.61
N THR B 83 8.87 -24.63 31.75
CA THR B 83 7.60 -25.24 32.12
C THR B 83 7.14 -24.72 33.45
N ALA B 84 5.84 -24.42 33.57
CA ALA B 84 5.22 -24.06 34.82
C ALA B 84 3.89 -24.75 34.94
N ARG B 85 3.75 -25.51 36.01
CA ARG B 85 2.49 -26.20 36.31
C ARG B 85 2.14 -25.90 37.75
N TRP B 86 0.96 -25.34 37.92
CA TRP B 86 0.55 -24.77 39.18
C TRP B 86 -0.97 -24.76 39.34
N SER B 87 -1.41 -24.55 40.57
CA SER B 87 -2.79 -24.21 40.84
C SER B 87 -2.94 -23.42 42.13
N TYR B 88 -4.06 -22.72 42.24
CA TYR B 88 -4.44 -22.05 43.46
C TYR B 88 -5.63 -22.84 44.03
N ASP B 89 -5.65 -22.98 45.34
CA ASP B 89 -6.79 -23.63 46.03
C ASP B 89 -8.00 -22.73 46.18
N ASN B 90 -7.77 -21.43 46.13
CA ASN B 90 -8.70 -20.37 46.45
C ASN B 90 -8.44 -19.23 45.49
N THR B 91 -9.39 -18.99 44.59
CA THR B 91 -9.22 -17.96 43.60
C THR B 91 -10.05 -16.73 43.93
N GLY B 92 -10.65 -16.72 45.11
CA GLY B 92 -11.31 -15.55 45.66
C GLY B 92 -10.31 -14.58 46.29
N ILE B 93 -9.39 -14.12 45.44
CA ILE B 93 -8.23 -13.38 45.89
C ILE B 93 -7.94 -12.24 44.94
N ARG B 94 -7.02 -11.37 45.36
CA ARG B 94 -6.52 -10.32 44.50
C ARG B 94 -5.01 -10.44 44.33
N ALA B 95 -4.61 -11.02 43.19
CA ALA B 95 -3.25 -11.55 43.03
C ALA B 95 -2.95 -11.87 41.58
N ASP B 96 -1.67 -12.02 41.24
CA ASP B 96 -1.29 -12.54 39.96
C ASP B 96 -0.28 -13.63 40.12
N VAL B 97 -0.21 -14.45 39.08
CA VAL B 97 0.79 -15.49 38.96
C VAL B 97 1.62 -15.20 37.72
N ALA B 98 2.93 -15.03 37.89
CA ALA B 98 3.77 -14.46 36.83
C ALA B 98 5.22 -14.93 36.85
N TYR B 99 5.79 -15.01 35.65
CA TYR B 99 7.23 -14.91 35.42
C TYR B 99 7.67 -13.48 35.57
N ASP B 100 8.84 -13.28 36.15
CA ASP B 100 9.47 -11.98 36.23
C ASP B 100 10.89 -12.17 35.75
N LEU B 101 11.27 -11.39 34.75
CA LEU B 101 12.62 -11.36 34.25
C LEU B 101 13.11 -9.93 34.25
N PHE B 102 14.39 -9.74 34.49
CA PHE B 102 14.99 -8.41 34.41
C PHE B 102 16.18 -8.45 33.47
N THR B 103 16.41 -7.34 32.78
CA THR B 103 17.64 -7.14 32.00
C THR B 103 18.28 -5.83 32.39
N ALA B 104 19.56 -5.72 32.15
CA ALA B 104 20.29 -4.48 32.46
C ALA B 104 21.49 -4.41 31.53
N ALA B 105 21.93 -3.18 31.21
CA ALA B 105 23.13 -2.99 30.41
C ALA B 105 24.39 -3.42 31.22
N ASP B 106 24.30 -3.38 32.54
CA ASP B 106 25.39 -3.85 33.44
C ASP B 106 25.17 -5.30 33.90
N ILE B 107 26.02 -6.22 33.48
CA ILE B 107 25.82 -7.65 33.71
C ILE B 107 25.81 -7.95 35.23
N ASN B 108 26.37 -7.04 36.02
CA ASN B 108 26.46 -7.21 37.47
C ASN B 108 25.38 -6.43 38.21
N HIS B 109 24.39 -5.88 37.50
CA HIS B 109 23.29 -5.15 38.12
C HIS B 109 22.64 -6.01 39.20
N VAL B 110 22.07 -5.38 40.23
CA VAL B 110 21.33 -6.11 41.23
C VAL B 110 20.12 -6.75 40.59
N THR B 111 19.69 -7.87 41.15
CA THR B 111 18.84 -8.82 40.43
C THR B 111 17.36 -8.75 40.75
N TRP B 112 17.01 -7.76 41.54
CA TRP B 112 15.61 -7.51 41.87
C TRP B 112 15.06 -6.35 41.09
N SER B 113 15.84 -5.78 40.17
CA SER B 113 15.37 -4.73 39.28
C SER B 113 16.26 -4.72 38.04
N GLY B 114 15.89 -3.92 37.07
CA GLY B 114 16.67 -3.82 35.82
C GLY B 114 16.40 -2.54 35.07
N ASP B 115 17.07 -2.40 33.93
CA ASP B 115 16.74 -1.36 32.97
C ASP B 115 15.37 -1.72 32.39
N TYR B 116 15.20 -2.99 32.16
CA TYR B 116 13.95 -3.51 31.65
C TYR B 116 13.49 -4.71 32.49
N GLU B 117 12.17 -4.92 32.45
CA GLU B 117 11.50 -6.03 33.10
C GLU B 117 10.53 -6.66 32.11
N LEU B 118 10.57 -7.97 31.99
CA LEU B 118 9.65 -8.71 31.16
C LEU B 118 8.87 -9.62 32.09
N MET B 119 7.55 -9.47 32.11
CA MET B 119 6.69 -10.30 32.92
C MET B 119 5.80 -11.09 32.02
N ILE B 120 5.48 -12.31 32.45
CA ILE B 120 4.48 -13.13 31.78
C ILE B 120 3.45 -13.59 32.78
N TRP B 121 2.29 -12.94 32.77
CA TRP B 121 1.28 -13.19 33.76
C TRP B 121 0.41 -14.38 33.31
N LEU B 122 0.60 -15.53 33.92
CA LEU B 122 -0.18 -16.72 33.54
C LEU B 122 -1.59 -16.60 34.10
N ALA B 123 -1.76 -15.82 35.17
CA ALA B 123 -3.07 -15.64 35.78
C ALA B 123 -3.17 -14.34 36.55
N ARG B 124 -4.41 -13.87 36.64
CA ARG B 124 -4.70 -12.77 37.56
C ARG B 124 -6.14 -12.77 38.00
N TYR B 125 -6.29 -12.37 39.24
CA TYR B 125 -7.52 -12.55 39.96
C TYR B 125 -7.84 -11.19 40.56
N GLY B 126 -9.12 -10.86 40.50
CA GLY B 126 -9.60 -9.63 41.11
C GLY B 126 -9.34 -8.37 40.29
N GLY B 127 -8.92 -8.52 39.04
CA GLY B 127 -8.78 -7.37 38.16
C GLY B 127 -7.49 -6.60 38.41
N VAL B 128 -6.57 -7.18 39.18
CA VAL B 128 -5.27 -6.51 39.32
C VAL B 128 -4.57 -6.48 37.97
N GLN B 129 -3.74 -5.48 37.78
CA GLN B 129 -3.21 -5.26 36.42
C GLN B 129 -1.74 -4.83 36.47
N PRO B 130 -1.04 -5.05 35.36
CA PRO B 130 0.36 -4.65 35.30
C PRO B 130 0.54 -3.15 35.44
N ILE B 131 1.79 -2.76 35.59
CA ILE B 131 2.14 -1.34 35.44
C ILE B 131 1.87 -0.84 34.03
N GLY B 132 1.39 0.40 33.92
CA GLY B 132 1.22 1.07 32.63
C GLY B 132 -0.12 0.81 31.98
N SER B 133 -0.12 0.65 30.65
CA SER B 133 -1.35 0.45 29.88
C SER B 133 -1.12 -0.58 28.81
N GLN B 134 -2.21 -1.19 28.37
CA GLN B 134 -2.16 -2.11 27.26
C GLN B 134 -1.83 -1.36 25.95
N ILE B 135 -0.79 -1.80 25.26
CA ILE B 135 -0.36 -1.16 24.03
C ILE B 135 -0.53 -2.02 22.79
N ALA B 136 -0.76 -3.30 22.98
CA ALA B 136 -0.91 -4.19 21.85
C ALA B 136 -1.54 -5.52 22.23
N THR B 137 -1.84 -6.30 21.22
CA THR B 137 -2.16 -7.69 21.40
C THR B 137 -1.09 -8.48 20.68
N ALA B 138 -0.45 -9.40 21.38
CA ALA B 138 0.66 -10.11 20.79
C ALA B 138 0.37 -11.57 20.65
N THR B 139 0.82 -12.17 19.55
CA THR B 139 0.71 -13.61 19.43
C THR B 139 2.05 -14.31 19.52
N VAL B 140 2.13 -15.37 20.34
CA VAL B 140 3.33 -16.22 20.51
C VAL B 140 2.94 -17.70 20.58
N ASP B 141 3.55 -18.54 19.73
CA ASP B 141 3.28 -19.99 19.68
C ASP B 141 1.79 -20.28 19.73
N GLY B 142 1.05 -19.50 18.95
CA GLY B 142 -0.38 -19.71 18.72
C GLY B 142 -1.29 -19.28 19.87
N GLN B 143 -0.77 -18.38 20.70
CA GLN B 143 -1.44 -17.98 21.94
C GLN B 143 -1.36 -16.45 21.98
N THR B 144 -2.48 -15.81 22.33
CA THR B 144 -2.57 -14.36 22.27
C THR B 144 -2.44 -13.84 23.68
N TRP B 145 -1.74 -12.73 23.78
CA TRP B 145 -1.38 -12.10 25.05
C TRP B 145 -1.74 -10.62 24.92
N GLU B 146 -2.33 -10.04 25.95
CA GLU B 146 -2.44 -8.58 26.02
C GLU B 146 -1.06 -8.08 26.47
N LEU B 147 -0.46 -7.21 25.68
CA LEU B 147 0.83 -6.64 26.04
C LEU B 147 0.73 -5.26 26.64
N TRP B 148 1.20 -5.13 27.87
CA TRP B 148 1.19 -3.90 28.62
C TRP B 148 2.62 -3.36 28.64
N TYR B 149 2.72 -2.04 28.68
CA TYR B 149 3.99 -1.37 28.86
C TYR B 149 3.79 -0.26 29.88
N GLY B 150 4.68 -0.21 30.86
CA GLY B 150 4.71 0.91 31.79
C GLY B 150 6.11 1.18 32.23
N ALA B 151 6.29 2.30 32.93
CA ALA B 151 7.63 2.73 33.30
C ALA B 151 7.54 3.57 34.57
N ASN B 152 8.51 3.43 35.43
CA ASN B 152 8.52 4.21 36.69
C ASN B 152 9.73 5.13 36.73
N GLY B 153 10.31 5.42 35.58
CA GLY B 153 11.43 6.37 35.57
C GLY B 153 12.84 5.81 35.70
N SER B 154 13.03 4.65 36.32
CA SER B 154 14.27 3.89 36.11
C SER B 154 14.07 2.58 35.32
N GLN B 155 12.94 1.91 35.55
CA GLN B 155 12.69 0.59 34.97
C GLN B 155 11.51 0.66 34.00
N LYS B 156 11.69 0.04 32.84
CA LYS B 156 10.65 -0.08 31.86
C LYS B 156 10.14 -1.53 31.84
N THR B 157 8.84 -1.70 31.91
CA THR B 157 8.24 -3.03 32.13
C THR B 157 7.24 -3.43 31.06
N TYR B 158 7.54 -4.53 30.37
CA TYR B 158 6.61 -5.12 29.42
C TYR B 158 5.97 -6.32 30.09
N SER B 159 4.64 -6.34 30.17
CA SER B 159 3.92 -7.47 30.77
C SER B 159 3.01 -8.14 29.72
N PHE B 160 3.21 -9.43 29.48
CA PHE B 160 2.31 -10.19 28.63
C PHE B 160 1.27 -10.86 29.50
N VAL B 161 -0.01 -10.57 29.28
CA VAL B 161 -1.07 -11.00 30.18
C VAL B 161 -2.00 -12.02 29.52
N ALA B 162 -2.12 -13.20 30.13
CA ALA B 162 -3.00 -14.25 29.58
C ALA B 162 -4.45 -13.83 29.81
N PRO B 163 -5.32 -13.97 28.82
CA PRO B 163 -6.74 -13.61 29.02
C PRO B 163 -7.52 -14.63 29.84
N THR B 164 -7.04 -15.87 29.87
CA THR B 164 -7.62 -16.84 30.81
C THR B 164 -6.45 -17.53 31.54
N PRO B 165 -6.63 -17.95 32.80
CA PRO B 165 -5.48 -18.47 33.57
C PRO B 165 -4.86 -19.68 32.90
N ILE B 166 -3.54 -19.67 32.75
CA ILE B 166 -2.80 -20.79 32.20
C ILE B 166 -2.14 -21.57 33.31
N THR B 167 -2.71 -22.72 33.69
CA THR B 167 -2.22 -23.45 34.87
C THR B 167 -1.21 -24.46 34.43
N SER B 168 -1.06 -24.61 33.13
CA SER B 168 -0.06 -25.52 32.58
C SER B 168 0.63 -24.92 31.37
N PHE B 169 1.78 -24.29 31.59
CA PHE B 169 2.44 -23.51 30.59
C PHE B 169 3.75 -24.19 30.22
N GLN B 170 3.99 -24.26 28.90
CA GLN B 170 5.26 -24.73 28.42
C GLN B 170 5.58 -23.96 27.17
N GLY B 171 6.74 -23.30 27.16
CA GLY B 171 7.09 -22.35 26.13
C GLY B 171 8.55 -21.97 26.19
N ASP B 172 8.91 -21.04 25.32
CA ASP B 172 10.27 -20.52 25.18
C ASP B 172 10.23 -19.01 25.40
N VAL B 173 10.74 -18.57 26.55
CA VAL B 173 10.61 -17.14 26.89
C VAL B 173 11.39 -16.28 25.91
N ASN B 174 12.34 -16.85 25.17
CA ASN B 174 13.04 -16.05 24.19
C ASN B 174 12.11 -15.64 23.04
N ASP B 175 11.00 -16.33 22.87
CA ASP B 175 10.04 -15.89 21.86
C ASP B 175 9.42 -14.55 22.22
N PHE B 176 9.28 -14.30 23.52
CA PHE B 176 8.80 -13.03 24.00
C PHE B 176 9.86 -11.94 23.81
N PHE B 177 11.13 -12.25 24.12
CA PHE B 177 12.18 -11.29 23.84
C PHE B 177 12.27 -10.99 22.35
N LYS B 178 12.18 -12.00 21.50
CA LYS B 178 12.22 -11.71 20.07
C LYS B 178 11.08 -10.81 19.65
N TYR B 179 9.88 -11.08 20.14
CA TYR B 179 8.74 -10.23 19.84
C TYR B 179 9.00 -8.77 20.25
N LEU B 180 9.55 -8.56 21.46
CA LEU B 180 9.87 -7.20 21.87
C LEU B 180 11.01 -6.56 21.02
N THR B 181 12.01 -7.37 20.71
CA THR B 181 13.14 -6.94 19.89
C THR B 181 12.71 -6.54 18.47
N GLN B 182 11.75 -7.27 17.91
CA GLN B 182 11.31 -7.06 16.52
C GLN B 182 10.11 -6.13 16.32
N ASN B 183 9.42 -5.83 17.42
CA ASN B 183 8.25 -4.98 17.35
C ASN B 183 8.25 -3.73 18.19
N HIS B 184 9.10 -3.69 19.22
CA HIS B 184 9.08 -2.63 20.20
C HIS B 184 10.43 -2.02 20.48
N GLY B 185 11.38 -2.28 19.59
CA GLY B 185 12.69 -1.71 19.73
C GLY B 185 13.47 -2.09 20.97
N PHE B 186 13.18 -3.27 21.53
CA PHE B 186 13.92 -3.67 22.70
C PHE B 186 15.42 -3.78 22.39
N PRO B 187 16.30 -3.17 23.21
CA PRO B 187 17.73 -3.07 22.83
C PRO B 187 18.49 -4.34 23.16
N ALA B 188 18.19 -5.42 22.44
CA ALA B 188 18.67 -6.74 22.77
C ALA B 188 20.21 -6.86 22.77
N SER B 189 20.89 -6.04 21.96
CA SER B 189 22.34 -6.21 21.81
C SER B 189 23.09 -5.48 22.91
N SER B 190 22.38 -4.79 23.83
CA SER B 190 23.03 -4.07 24.90
C SER B 190 22.43 -4.40 26.28
N GLN B 191 21.51 -5.35 26.34
CA GLN B 191 20.84 -5.71 27.60
C GLN B 191 21.19 -7.15 27.95
N TYR B 192 21.75 -7.35 29.14
CA TYR B 192 21.99 -8.69 29.69
C TYR B 192 20.76 -9.21 30.39
N LEU B 193 20.41 -10.47 30.16
CA LEU B 193 19.42 -11.13 31.00
C LEU B 193 19.98 -11.49 32.34
N ILE B 194 19.44 -10.90 33.41
CA ILE B 194 20.00 -11.08 34.74
C ILE B 194 19.19 -11.85 35.74
N THR B 195 17.89 -11.99 35.52
CA THR B 195 17.02 -12.66 36.45
C THR B 195 15.95 -13.41 35.69
N LEU B 196 15.55 -14.55 36.23
CA LEU B 196 14.44 -15.33 35.70
C LEU B 196 13.76 -16.05 36.85
N GLN B 197 12.54 -15.59 37.18
CA GLN B 197 11.83 -16.08 38.37
C GLN B 197 10.39 -16.37 37.94
N PHE B 198 9.72 -17.17 38.75
CA PHE B 198 8.31 -17.51 38.62
C PHE B 198 7.69 -17.59 40.01
N GLY B 199 6.55 -16.93 40.17
CA GLY B 199 5.86 -17.00 41.45
C GLY B 199 4.53 -16.29 41.45
N THR B 200 4.16 -15.79 42.62
CA THR B 200 2.86 -15.14 42.77
C THR B 200 3.04 -13.86 43.58
N ALA B 201 2.27 -12.87 43.16
CA ALA B 201 2.20 -11.53 43.81
C ALA B 201 0.83 -11.24 44.37
N PRO B 202 0.65 -11.49 45.68
CA PRO B 202 -0.63 -11.19 46.26
C PRO B 202 -0.78 -9.73 46.66
N PHE B 203 -2.01 -9.23 46.56
CA PHE B 203 -2.43 -7.96 47.15
C PHE B 203 -3.26 -8.22 48.43
N THR B 204 -4.39 -8.89 48.28
CA THR B 204 -5.26 -9.14 49.43
C THR B 204 -6.00 -10.45 49.23
N GLY B 205 -6.35 -11.09 50.35
CA GLY B 205 -7.19 -12.28 50.35
C GLY B 205 -6.63 -13.36 51.25
N GLY B 206 -7.20 -14.55 51.20
CA GLY B 206 -6.59 -15.69 51.91
C GLY B 206 -7.47 -16.27 53.00
N PRO B 207 -7.08 -17.40 53.56
CA PRO B 207 -5.85 -18.10 53.22
C PRO B 207 -5.93 -18.61 51.81
N ALA B 208 -4.81 -18.54 51.11
CA ALA B 208 -4.73 -19.06 49.76
C ALA B 208 -3.36 -19.71 49.62
N THR B 209 -3.34 -20.83 48.92
CA THR B 209 -2.12 -21.57 48.67
C THR B 209 -1.85 -21.77 47.20
N LEU B 210 -0.70 -21.30 46.73
CA LEU B 210 -0.27 -21.59 45.38
C LEU B 210 0.57 -22.84 45.44
N SER B 211 0.16 -23.87 44.72
CA SER B 211 0.94 -25.11 44.61
C SER B 211 1.58 -25.21 43.25
N VAL B 212 2.91 -25.18 43.24
CA VAL B 212 3.67 -25.32 42.02
C VAL B 212 4.17 -26.76 41.89
N SER B 213 3.46 -27.53 41.08
CA SER B 213 3.83 -28.93 40.87
C SER B 213 5.16 -29.10 40.19
N ASN B 214 5.44 -28.24 39.22
CA ASN B 214 6.72 -28.23 38.57
C ASN B 214 6.99 -26.87 37.97
N TRP B 215 8.21 -26.40 38.21
CA TRP B 215 8.79 -25.27 37.50
C TRP B 215 10.19 -25.61 37.08
N SER B 216 10.45 -25.43 35.81
CA SER B 216 11.79 -25.58 35.29
C SER B 216 12.08 -24.54 34.25
N ALA B 217 13.36 -24.26 34.04
CA ALA B 217 13.80 -23.29 33.05
C ALA B 217 15.29 -23.45 32.80
N SER B 218 15.71 -23.06 31.60
CA SER B 218 17.11 -22.97 31.26
C SER B 218 17.33 -21.82 30.29
N VAL B 219 18.54 -21.28 30.27
CA VAL B 219 18.90 -20.18 29.39
C VAL B 219 20.12 -20.56 28.56
N GLN B 220 19.89 -20.68 27.27
CA GLN B 220 20.96 -21.12 26.36
C GLN B 220 21.17 -20.08 25.27
N GLN C 3 -30.67 -2.70 16.28
CA GLN C 3 -32.12 -2.39 16.44
C GLN C 3 -32.45 -1.39 17.56
N LEU C 4 -32.87 -0.18 17.22
CA LEU C 4 -32.92 0.89 18.22
C LEU C 4 -34.38 1.21 18.55
N CYS C 5 -34.88 0.69 19.69
CA CYS C 5 -36.30 0.81 20.07
C CYS C 5 -36.62 1.73 21.25
N ASP C 6 -35.67 1.85 22.19
CA ASP C 6 -35.84 2.69 23.35
C ASP C 6 -35.96 4.14 22.92
N GLN C 7 -36.44 4.99 23.82
CA GLN C 7 -36.72 6.39 23.47
C GLN C 7 -35.52 7.08 22.83
N TYR C 8 -34.34 6.90 23.41
CA TYR C 8 -33.13 7.56 22.90
C TYR C 8 -32.07 6.55 22.51
N ALA C 9 -32.52 5.40 22.05
CA ALA C 9 -31.60 4.42 21.48
C ALA C 9 -30.87 4.99 20.26
N THR C 10 -29.60 4.64 20.13
CA THR C 10 -28.72 5.35 19.24
C THR C 10 -27.55 4.50 18.84
N TYR C 11 -27.01 4.80 17.67
CA TYR C 11 -25.79 4.18 17.18
C TYR C 11 -25.01 5.21 16.37
N THR C 12 -23.72 5.26 16.59
CA THR C 12 -22.84 6.09 15.80
C THR C 12 -21.87 5.23 15.02
N GLY C 13 -21.74 5.57 13.74
CA GLY C 13 -20.74 5.01 12.82
C GLY C 13 -20.13 6.13 11.97
N GLY C 14 -18.82 6.30 12.10
CA GLY C 14 -18.13 7.40 11.39
C GLY C 14 -18.65 8.76 11.84
N VAL C 15 -19.08 9.58 10.87
CA VAL C 15 -19.59 10.89 11.18
C VAL C 15 -21.14 10.94 11.28
N TYR C 16 -21.76 9.78 11.29
CA TYR C 16 -23.22 9.68 11.32
C TYR C 16 -23.71 9.08 12.62
N THR C 17 -24.70 9.74 13.22
CA THR C 17 -25.31 9.27 14.44
C THR C 17 -26.78 9.03 14.13
N ILE C 18 -27.26 7.81 14.37
CA ILE C 18 -28.68 7.50 14.14
C ILE C 18 -29.38 7.40 15.48
N ASN C 19 -30.50 8.13 15.67
CA ASN C 19 -31.18 8.20 16.98
C ASN C 19 -32.65 7.92 16.71
N ASN C 20 -33.20 7.03 17.49
CA ASN C 20 -34.64 6.71 17.42
C ASN C 20 -35.43 7.92 17.87
N ASN C 21 -34.95 8.62 18.90
CA ASN C 21 -35.38 9.98 19.24
C ASN C 21 -36.91 10.09 19.37
N LEU C 22 -37.51 9.30 20.26
CA LEU C 22 -38.96 9.32 20.50
C LEU C 22 -39.31 10.40 21.52
N TRP C 23 -38.94 11.63 21.20
CA TRP C 23 -38.97 12.72 22.19
C TRP C 23 -40.36 13.02 22.65
N GLY C 24 -41.33 12.80 21.75
CA GLY C 24 -42.73 13.07 22.03
C GLY C 24 -43.59 11.89 22.37
N LYS C 25 -42.99 10.78 22.80
CA LYS C 25 -43.75 9.55 22.92
C LYS C 25 -44.86 9.68 23.98
N ASP C 26 -44.69 10.56 24.95
CA ASP C 26 -45.72 10.64 25.99
C ASP C 26 -46.97 11.38 25.53
N ALA C 27 -46.95 11.96 24.34
CA ALA C 27 -48.12 12.66 23.81
C ALA C 27 -49.09 11.69 23.20
N GLY C 28 -48.71 10.43 23.05
CA GLY C 28 -49.57 9.48 22.38
C GLY C 28 -49.32 8.05 22.80
N SER C 29 -49.79 7.15 21.95
CA SER C 29 -49.70 5.74 22.21
C SER C 29 -49.15 5.05 20.97
N GLY C 30 -48.15 4.20 21.15
CA GLY C 30 -47.60 3.44 20.04
C GLY C 30 -46.15 3.09 20.27
N SER C 31 -45.41 2.89 19.20
CA SER C 31 -44.03 2.43 19.32
C SER C 31 -43.27 2.66 18.02
N GLN C 32 -41.94 2.61 18.13
CA GLN C 32 -41.14 2.93 16.98
C GLN C 32 -39.76 2.37 17.20
N CYS C 33 -39.22 1.75 16.17
CA CYS C 33 -37.90 1.16 16.18
C CYS C 33 -37.15 1.62 14.93
N THR C 34 -35.87 1.93 15.13
CA THR C 34 -35.05 2.35 14.04
C THR C 34 -33.92 1.37 13.78
N THR C 35 -33.65 1.10 12.50
CA THR C 35 -32.67 0.07 12.13
C THR C 35 -31.54 0.76 11.37
N VAL C 36 -30.30 0.48 11.74
CA VAL C 36 -29.17 0.97 11.02
C VAL C 36 -28.66 -0.05 10.01
N ASN C 37 -28.62 0.30 8.72
CA ASN C 37 -28.08 -0.60 7.72
C ASN C 37 -26.59 -0.36 7.49
N SER C 38 -26.18 0.91 7.40
CA SER C 38 -24.75 1.22 7.24
C SER C 38 -24.52 2.66 7.71
N ALA C 39 -23.29 2.93 8.14
CA ALA C 39 -22.93 4.27 8.58
C ALA C 39 -21.43 4.42 8.55
N SER C 40 -20.94 5.13 7.53
CA SER C 40 -19.51 5.20 7.23
C SER C 40 -19.14 6.64 6.97
N SER C 41 -17.89 6.93 6.60
CA SER C 41 -17.49 8.29 6.21
C SER C 41 -18.23 8.91 5.01
N ALA C 42 -18.80 8.08 4.13
CA ALA C 42 -19.38 8.53 2.87
C ALA C 42 -20.90 8.77 2.98
N GLY C 43 -21.53 8.13 3.96
CA GLY C 43 -23.02 8.20 4.05
C GLY C 43 -23.59 7.17 5.00
N THR C 44 -24.91 7.15 5.15
CA THR C 44 -25.58 6.23 6.04
C THR C 44 -26.89 5.80 5.39
N SER C 45 -27.30 4.60 5.77
CA SER C 45 -28.58 4.02 5.33
C SER C 45 -29.26 3.46 6.55
N TRP C 46 -30.55 3.73 6.71
CA TRP C 46 -31.27 3.29 7.89
C TRP C 46 -32.76 3.29 7.59
N SER C 47 -33.54 2.69 8.48
CA SER C 47 -34.99 2.73 8.32
C SER C 47 -35.60 2.91 9.67
N THR C 48 -36.83 3.40 9.70
CA THR C 48 -37.55 3.43 10.95
C THR C 48 -38.99 3.00 10.68
N LYS C 49 -39.50 2.22 11.62
CA LYS C 49 -40.89 1.70 11.55
C LYS C 49 -41.67 2.10 12.78
N TRP C 50 -42.80 2.74 12.53
CA TRP C 50 -43.58 3.30 13.62
C TRP C 50 -45.10 3.10 13.51
N ASN C 51 -45.76 3.28 14.64
CA ASN C 51 -47.23 3.34 14.70
C ASN C 51 -47.54 4.23 15.89
N TRP C 52 -48.27 5.29 15.62
CA TRP C 52 -48.61 6.30 16.63
C TRP C 52 -50.10 6.68 16.51
N SER C 53 -50.75 6.84 17.66
CA SER C 53 -52.11 7.35 17.73
C SER C 53 -52.24 8.27 18.92
N GLY C 54 -53.27 9.11 18.92
CA GLY C 54 -53.47 10.06 19.98
C GLY C 54 -52.60 11.27 19.82
N GLY C 55 -52.88 12.29 20.61
CA GLY C 55 -52.18 13.56 20.59
C GLY C 55 -51.99 14.07 19.18
N GLU C 56 -53.10 14.17 18.45
CA GLU C 56 -53.00 14.18 16.97
C GLU C 56 -52.25 15.40 16.47
N ASN C 57 -52.14 16.46 17.27
CA ASN C 57 -51.40 17.65 16.85
C ASN C 57 -49.98 17.76 17.43
N SER C 58 -49.49 16.67 18.02
CA SER C 58 -48.18 16.62 18.65
C SER C 58 -47.31 15.62 17.90
N VAL C 59 -46.12 16.06 17.52
CA VAL C 59 -45.11 15.15 16.96
C VAL C 59 -44.66 14.16 18.04
N LYS C 60 -44.55 12.89 17.69
CA LYS C 60 -44.18 11.86 18.67
C LYS C 60 -42.67 11.56 18.69
N SER C 61 -41.98 11.86 17.58
CA SER C 61 -40.61 11.48 17.41
C SER C 61 -39.98 12.19 16.23
N TYR C 62 -38.66 12.17 16.21
CA TYR C 62 -37.92 12.55 15.01
C TYR C 62 -36.69 11.64 14.91
N ALA C 63 -36.95 10.38 14.61
CA ALA C 63 -35.88 9.44 14.23
C ALA C 63 -35.10 10.03 13.06
N ASN C 64 -33.78 10.02 13.20
CA ASN C 64 -32.95 10.80 12.32
C ASN C 64 -31.51 10.30 12.26
N SER C 65 -30.85 10.63 11.16
CA SER C 65 -29.38 10.59 11.11
C SER C 65 -28.87 12.02 11.19
N GLY C 66 -27.89 12.21 12.06
CA GLY C 66 -27.28 13.53 12.23
C GLY C 66 -25.80 13.46 11.95
N LEU C 67 -25.26 14.56 11.41
CA LEU C 67 -23.89 14.67 10.98
C LEU C 67 -22.99 15.27 12.04
N THR C 68 -21.85 14.62 12.28
CA THR C 68 -20.75 15.25 13.03
C THR C 68 -19.95 16.10 12.08
N PHE C 69 -19.83 17.39 12.41
CA PHE C 69 -19.09 18.33 11.53
C PHE C 69 -18.44 19.42 12.38
N ASN C 70 -17.51 20.14 11.76
CA ASN C 70 -16.86 21.28 12.41
C ASN C 70 -17.74 22.53 12.38
N LYS C 71 -18.24 22.94 13.55
CA LYS C 71 -19.22 24.01 13.65
C LYS C 71 -18.57 25.33 13.28
N LYS C 72 -19.28 26.18 12.53
CA LYS C 72 -18.75 27.47 12.18
C LYS C 72 -19.89 28.43 11.91
N LEU C 73 -19.56 29.71 11.86
CA LEU C 73 -20.51 30.73 11.39
C LEU C 73 -21.08 30.46 10.00
N VAL C 74 -22.38 30.73 9.86
CA VAL C 74 -23.08 30.48 8.62
C VAL C 74 -22.47 31.39 7.55
N SER C 75 -22.07 32.60 7.91
CA SER C 75 -21.42 33.48 6.94
C SER C 75 -20.10 32.93 6.44
N GLN C 76 -19.50 31.97 7.16
CA GLN C 76 -18.25 31.43 6.71
C GLN C 76 -18.36 30.13 5.98
N ILE C 77 -19.57 29.55 5.91
CA ILE C 77 -19.75 28.28 5.22
C ILE C 77 -19.71 28.48 3.70
N SER C 78 -19.03 27.59 3.00
CA SER C 78 -18.96 27.60 1.53
C SER C 78 -20.07 26.81 0.85
N GLN C 79 -20.24 25.59 1.36
CA GLN C 79 -21.26 24.69 0.87
C GLN C 79 -21.62 23.69 1.96
N ILE C 80 -22.86 23.19 1.88
CA ILE C 80 -23.29 22.08 2.68
C ILE C 80 -23.90 21.10 1.69
N PRO C 81 -23.08 20.34 0.98
CA PRO C 81 -23.61 19.39 0.01
C PRO C 81 -24.32 18.26 0.71
N THR C 82 -25.43 17.80 0.15
CA THR C 82 -26.16 16.72 0.80
C THR C 82 -26.91 15.92 -0.26
N THR C 83 -27.15 14.65 0.05
CA THR C 83 -28.00 13.80 -0.76
C THR C 83 -28.90 13.03 0.18
N ALA C 84 -30.12 12.78 -0.28
CA ALA C 84 -31.05 11.99 0.48
C ALA C 84 -31.89 11.18 -0.48
N ARG C 85 -32.00 9.89 -0.22
CA ARG C 85 -32.82 8.99 -1.04
C ARG C 85 -33.63 8.11 -0.16
N TRP C 86 -34.96 8.25 -0.22
CA TRP C 86 -35.83 7.62 0.76
C TRP C 86 -37.12 7.18 0.09
N SER C 87 -37.89 6.37 0.79
CA SER C 87 -39.26 6.06 0.39
C SER C 87 -40.03 5.62 1.62
N TYR C 88 -41.35 5.75 1.56
CA TYR C 88 -42.23 5.17 2.58
C TYR C 88 -42.97 3.96 1.98
N ASP C 89 -43.32 3.00 2.82
CA ASP C 89 -44.16 1.88 2.36
C ASP C 89 -45.64 2.16 2.56
N ASN C 90 -45.96 3.24 3.27
CA ASN C 90 -47.32 3.62 3.61
C ASN C 90 -47.31 5.16 3.80
N THR C 91 -47.91 5.92 2.88
CA THR C 91 -48.02 7.36 3.02
C THR C 91 -49.43 7.81 3.44
N GLY C 92 -50.26 6.86 3.83
CA GLY C 92 -51.53 7.15 4.47
C GLY C 92 -51.32 7.52 5.93
N ILE C 93 -50.52 8.54 6.14
CA ILE C 93 -49.99 8.91 7.44
C ILE C 93 -50.09 10.43 7.61
N ARG C 94 -49.93 10.89 8.83
CA ARG C 94 -49.76 12.31 9.10
C ARG C 94 -48.35 12.49 9.64
N ALA C 95 -47.47 12.97 8.78
CA ALA C 95 -46.02 12.93 9.05
C ALA C 95 -45.28 13.78 8.03
N ASP C 96 -44.08 14.21 8.36
CA ASP C 96 -43.25 14.84 7.36
C ASP C 96 -41.89 14.16 7.29
N VAL C 97 -41.17 14.39 6.18
CA VAL C 97 -39.79 13.94 5.98
C VAL C 97 -38.97 15.21 5.79
N ALA C 98 -38.01 15.44 6.68
CA ALA C 98 -37.35 16.73 6.69
C ALA C 98 -35.88 16.71 7.17
N TYR C 99 -35.09 17.62 6.62
CA TYR C 99 -33.86 18.11 7.23
C TYR C 99 -34.22 19.07 8.37
N ASP C 100 -33.41 19.04 9.43
CA ASP C 100 -33.55 19.94 10.55
C ASP C 100 -32.17 20.44 10.93
N LEU C 101 -31.99 21.75 10.86
CA LEU C 101 -30.71 22.40 11.21
C LEU C 101 -30.95 23.47 12.26
N PHE C 102 -30.07 23.55 13.27
CA PHE C 102 -30.14 24.62 14.26
C PHE C 102 -28.90 25.49 14.14
N THR C 103 -29.12 26.77 14.40
CA THR C 103 -28.04 27.74 14.55
C THR C 103 -28.19 28.50 15.86
N ALA C 104 -27.06 28.96 16.37
CA ALA C 104 -27.09 29.74 17.59
C ALA C 104 -25.92 30.70 17.63
N ALA C 105 -26.04 31.76 18.40
CA ALA C 105 -24.93 32.73 18.55
C ALA C 105 -23.81 32.18 19.41
N ASP C 106 -24.13 31.20 20.24
CA ASP C 106 -23.13 30.49 21.04
C ASP C 106 -22.80 29.11 20.41
N ILE C 107 -21.54 28.89 20.05
CA ILE C 107 -21.12 27.66 19.35
C ILE C 107 -21.37 26.44 20.24
N ASN C 108 -21.43 26.66 21.55
CA ASN C 108 -21.64 25.57 22.49
C ASN C 108 -23.10 25.41 22.93
N HIS C 109 -24.05 25.97 22.17
CA HIS C 109 -25.45 25.96 22.54
C HIS C 109 -25.91 24.48 22.52
N VAL C 110 -26.90 24.17 23.35
CA VAL C 110 -27.55 22.86 23.28
C VAL C 110 -28.03 22.54 21.87
N THR C 111 -27.89 21.29 21.45
CA THR C 111 -27.97 20.94 20.06
C THR C 111 -29.36 20.43 19.65
N TRP C 112 -30.32 20.51 20.55
CA TRP C 112 -31.73 20.22 20.19
C TRP C 112 -32.62 21.45 20.03
N SER C 113 -32.02 22.63 20.00
CA SER C 113 -32.75 23.87 19.79
C SER C 113 -31.74 24.92 19.40
N GLY C 114 -32.23 26.02 18.83
CA GLY C 114 -31.34 27.09 18.38
C GLY C 114 -31.95 28.46 18.62
N ASP C 115 -31.17 29.48 18.32
CA ASP C 115 -31.76 30.80 18.07
C ASP C 115 -32.61 30.72 16.82
N TYR C 116 -32.13 29.99 15.83
CA TYR C 116 -32.83 29.76 14.58
C TYR C 116 -32.83 28.27 14.25
N GLU C 117 -33.88 27.89 13.52
CA GLU C 117 -34.00 26.55 12.93
C GLU C 117 -34.29 26.70 11.44
N LEU C 118 -33.60 25.90 10.64
CA LEU C 118 -33.81 25.80 9.19
C LEU C 118 -34.28 24.38 8.93
N MET C 119 -35.47 24.22 8.38
CA MET C 119 -35.97 22.89 7.97
C MET C 119 -36.18 22.86 6.46
N ILE C 120 -35.94 21.69 5.86
CA ILE C 120 -36.22 21.46 4.47
C ILE C 120 -37.08 20.19 4.48
N TRP C 121 -38.37 20.38 4.21
CA TRP C 121 -39.34 19.30 4.18
C TRP C 121 -39.37 18.70 2.77
N LEU C 122 -38.84 17.50 2.63
CA LEU C 122 -38.88 16.81 1.35
C LEU C 122 -40.28 16.23 1.08
N ALA C 123 -41.03 15.98 2.15
CA ALA C 123 -42.39 15.50 1.99
C ALA C 123 -43.22 15.86 3.20
N ARG C 124 -44.52 16.05 2.94
CA ARG C 124 -45.49 16.06 4.00
C ARG C 124 -46.72 15.34 3.57
N TYR C 125 -47.28 14.65 4.54
CA TYR C 125 -48.49 13.87 4.30
C TYR C 125 -49.56 14.21 5.31
N GLY C 126 -50.80 14.25 4.85
CA GLY C 126 -51.93 14.41 5.78
C GLY C 126 -52.14 15.86 6.14
N GLY C 127 -51.50 16.76 5.42
CA GLY C 127 -51.66 18.20 5.62
C GLY C 127 -50.95 18.76 6.85
N VAL C 128 -50.08 17.98 7.51
CA VAL C 128 -49.32 18.49 8.65
C VAL C 128 -48.42 19.64 8.19
N GLN C 129 -48.28 20.66 9.03
CA GLN C 129 -47.65 21.88 8.58
C GLN C 129 -46.54 22.36 9.52
N PRO C 130 -45.60 23.12 8.96
CA PRO C 130 -44.54 23.66 9.78
C PRO C 130 -45.11 24.60 10.83
N ILE C 131 -44.28 25.01 11.78
CA ILE C 131 -44.64 26.13 12.68
C ILE C 131 -44.75 27.44 11.88
N GLY C 132 -45.73 28.25 12.23
CA GLY C 132 -45.90 29.56 11.64
C GLY C 132 -46.87 29.62 10.47
N SER C 133 -46.51 30.36 9.43
CA SER C 133 -47.37 30.45 8.24
C SER C 133 -46.47 30.63 7.03
N GLN C 134 -46.98 30.35 5.83
CA GLN C 134 -46.20 30.59 4.62
C GLN C 134 -46.02 32.07 4.41
N ILE C 135 -44.77 32.50 4.25
CA ILE C 135 -44.46 33.89 3.93
C ILE C 135 -44.00 34.20 2.51
N ALA C 136 -43.66 33.19 1.72
CA ALA C 136 -43.01 33.43 0.46
C ALA C 136 -43.05 32.13 -0.32
N THR C 137 -42.77 32.21 -1.62
CA THR C 137 -42.44 31.08 -2.47
C THR C 137 -41.03 31.33 -3.01
N ALA C 138 -40.12 30.38 -2.80
CA ALA C 138 -38.71 30.58 -3.12
C ALA C 138 -38.35 29.58 -4.20
N THR C 139 -37.36 29.87 -5.03
CA THR C 139 -36.80 28.80 -5.88
C THR C 139 -35.33 28.67 -5.57
N VAL C 140 -34.90 27.42 -5.64
CA VAL C 140 -33.50 27.07 -5.50
C VAL C 140 -33.23 26.02 -6.52
N ASP C 141 -32.21 26.25 -7.34
CA ASP C 141 -31.85 25.26 -8.38
C ASP C 141 -33.02 24.90 -9.32
N GLY C 142 -33.86 25.88 -9.56
CA GLY C 142 -34.98 25.79 -10.51
C GLY C 142 -36.21 25.13 -9.90
N GLN C 143 -36.15 24.84 -8.61
CA GLN C 143 -37.17 24.06 -7.88
C GLN C 143 -37.90 25.01 -6.95
N THR C 144 -39.23 24.91 -6.90
CA THR C 144 -40.00 25.78 -5.98
C THR C 144 -40.17 25.20 -4.58
N TRP C 145 -40.18 26.10 -3.61
CA TRP C 145 -40.36 25.76 -2.21
C TRP C 145 -41.32 26.76 -1.58
N GLU C 146 -42.24 26.25 -0.76
CA GLU C 146 -43.11 27.07 0.04
C GLU C 146 -42.31 27.44 1.28
N LEU C 147 -42.09 28.73 1.51
CA LEU C 147 -41.28 29.14 2.68
C LEU C 147 -42.14 29.59 3.82
N TRP C 148 -42.03 28.87 4.93
CA TRP C 148 -42.73 29.17 6.16
C TRP C 148 -41.78 29.81 7.17
N TYR C 149 -42.38 30.62 8.04
CA TYR C 149 -41.68 31.23 9.14
C TYR C 149 -42.61 31.16 10.33
N GLY C 150 -42.04 30.70 11.43
CA GLY C 150 -42.75 30.65 12.71
C GLY C 150 -41.80 30.85 13.87
N ALA C 151 -42.38 31.14 15.03
CA ALA C 151 -41.58 31.36 16.20
C ALA C 151 -42.34 30.95 17.45
N ASN C 152 -41.60 30.52 18.46
CA ASN C 152 -42.21 30.23 19.75
C ASN C 152 -41.64 31.11 20.84
N GLY C 153 -41.03 32.23 20.47
CA GLY C 153 -40.55 33.15 21.48
C GLY C 153 -39.09 33.03 21.89
N SER C 154 -38.46 31.89 21.66
CA SER C 154 -36.99 31.88 21.63
C SER C 154 -36.36 31.42 20.30
N GLN C 155 -37.07 30.52 19.63
CA GLN C 155 -36.54 29.87 18.43
C GLN C 155 -37.37 30.30 17.25
N LYS C 156 -36.71 30.90 16.26
CA LYS C 156 -37.30 31.27 15.00
C LYS C 156 -37.04 30.18 13.95
N THR C 157 -38.08 29.68 13.30
CA THR C 157 -37.91 28.56 12.42
C THR C 157 -38.37 28.90 11.01
N TYR C 158 -37.50 28.69 10.06
CA TYR C 158 -37.81 28.82 8.64
C TYR C 158 -37.89 27.44 8.09
N SER C 159 -38.98 27.13 7.42
CA SER C 159 -39.18 25.80 6.81
C SER C 159 -39.45 25.92 5.32
N PHE C 160 -38.57 25.33 4.51
CA PHE C 160 -38.77 25.26 3.07
C PHE C 160 -39.50 23.94 2.79
N VAL C 161 -40.72 24.02 2.24
CA VAL C 161 -41.58 22.86 2.03
C VAL C 161 -41.76 22.52 0.55
N ALA C 162 -41.44 21.29 0.19
CA ALA C 162 -41.61 20.82 -1.19
C ALA C 162 -43.09 20.71 -1.49
N PRO C 163 -43.54 21.29 -2.60
CA PRO C 163 -44.97 21.16 -2.94
C PRO C 163 -45.39 19.76 -3.29
N THR C 164 -44.45 18.97 -3.78
CA THR C 164 -44.67 17.55 -4.01
C THR C 164 -43.45 16.77 -3.51
N PRO C 165 -43.64 15.55 -3.02
CA PRO C 165 -42.53 14.85 -2.37
C PRO C 165 -41.31 14.67 -3.24
N ILE C 166 -40.15 14.85 -2.64
CA ILE C 166 -38.84 14.66 -3.30
C ILE C 166 -38.16 13.50 -2.63
N THR C 167 -38.11 12.35 -3.32
CA THR C 167 -37.53 11.14 -2.78
C THR C 167 -36.06 10.91 -3.13
N SER C 168 -35.59 11.66 -4.13
CA SER C 168 -34.21 11.68 -4.51
C SER C 168 -33.71 13.12 -4.58
N PHE C 169 -33.11 13.58 -3.49
CA PHE C 169 -32.74 14.95 -3.32
C PHE C 169 -31.22 15.04 -3.39
N GLN C 170 -30.76 16.04 -4.10
CA GLN C 170 -29.32 16.36 -4.08
C GLN C 170 -29.27 17.86 -4.12
N GLY C 171 -28.51 18.47 -3.22
CA GLY C 171 -28.44 19.93 -3.26
C GLY C 171 -27.40 20.45 -2.31
N ASP C 172 -27.45 21.74 -2.04
CA ASP C 172 -26.49 22.40 -1.17
C ASP C 172 -27.33 23.19 -0.19
N VAL C 173 -27.35 22.75 1.06
CA VAL C 173 -28.19 23.39 2.04
C VAL C 173 -27.81 24.83 2.24
N ASN C 174 -26.56 25.19 1.93
CA ASN C 174 -26.14 26.57 2.09
C ASN C 174 -26.88 27.55 1.14
N ASP C 175 -27.47 27.03 0.07
CA ASP C 175 -28.29 27.87 -0.82
C ASP C 175 -29.48 28.40 -0.06
N PHE C 176 -29.96 27.57 0.88
CA PHE C 176 -31.12 27.92 1.64
C PHE C 176 -30.76 28.98 2.70
N PHE C 177 -29.61 28.81 3.38
CA PHE C 177 -29.14 29.88 4.24
C PHE C 177 -28.92 31.20 3.48
N LYS C 178 -28.29 31.10 2.33
CA LYS C 178 -28.09 32.27 1.48
C LYS C 178 -29.38 33.02 1.14
N TYR C 179 -30.39 32.27 0.70
CA TYR C 179 -31.71 32.83 0.52
C TYR C 179 -32.22 33.59 1.73
N LEU C 180 -32.09 33.01 2.92
CA LEU C 180 -32.60 33.65 4.11
C LEU C 180 -31.76 34.91 4.42
N THR C 181 -30.45 34.83 4.22
CA THR C 181 -29.54 35.94 4.51
C THR C 181 -29.83 37.11 3.57
N GLN C 182 -30.12 36.77 2.32
CA GLN C 182 -30.35 37.80 1.30
C GLN C 182 -31.76 38.39 1.44
N ASN C 183 -32.76 37.56 1.79
CA ASN C 183 -34.17 37.95 1.60
C ASN C 183 -34.96 38.17 2.88
N HIS C 184 -34.45 37.68 4.01
CA HIS C 184 -35.15 37.69 5.28
C HIS C 184 -34.25 38.08 6.45
N GLY C 185 -33.16 38.77 6.15
CA GLY C 185 -32.33 39.35 7.19
C GLY C 185 -31.73 38.36 8.19
N PHE C 186 -31.52 37.13 7.75
CA PHE C 186 -30.98 36.11 8.65
C PHE C 186 -29.56 36.56 9.06
N PRO C 187 -29.26 36.56 10.36
CA PRO C 187 -27.96 37.15 10.78
C PRO C 187 -26.79 36.16 10.67
N ALA C 188 -26.38 35.89 9.44
CA ALA C 188 -25.47 34.81 9.15
C ALA C 188 -24.13 35.02 9.86
N SER C 189 -23.75 36.28 10.07
CA SER C 189 -22.40 36.56 10.51
C SER C 189 -22.30 36.48 12.02
N SER C 190 -23.36 36.08 12.70
CA SER C 190 -23.30 35.87 14.12
C SER C 190 -23.98 34.58 14.56
N GLN C 191 -24.35 33.71 13.62
CA GLN C 191 -25.02 32.47 13.96
C GLN C 191 -24.12 31.31 13.56
N TYR C 192 -23.80 30.44 14.51
CA TYR C 192 -23.05 29.24 14.25
C TYR C 192 -23.99 28.10 13.87
N LEU C 193 -23.67 27.38 12.80
CA LEU C 193 -24.38 26.15 12.51
C LEU C 193 -23.96 25.08 13.50
N ILE C 194 -24.93 24.53 14.22
CA ILE C 194 -24.62 23.62 15.33
C ILE C 194 -25.19 22.22 15.13
N THR C 195 -26.21 22.06 14.30
CA THR C 195 -26.81 20.72 14.07
C THR C 195 -27.19 20.55 12.61
N LEU C 196 -27.12 19.31 12.13
CA LEU C 196 -27.61 19.01 10.79
C LEU C 196 -28.11 17.58 10.78
N GLN C 197 -29.42 17.41 10.65
CA GLN C 197 -30.06 16.11 10.75
C GLN C 197 -31.03 15.89 9.60
N PHE C 198 -31.39 14.64 9.39
CA PHE C 198 -32.42 14.30 8.41
C PHE C 198 -33.22 13.13 8.93
N GLY C 199 -34.54 13.20 8.77
CA GLY C 199 -35.39 12.13 9.27
C GLY C 199 -36.85 12.40 9.05
N THR C 200 -37.67 11.79 9.88
CA THR C 200 -39.12 11.82 9.74
C THR C 200 -39.79 12.16 11.06
N ALA C 201 -40.78 13.03 10.99
CA ALA C 201 -41.53 13.44 12.19
C ALA C 201 -42.99 13.04 12.08
N PRO C 202 -43.36 11.96 12.76
CA PRO C 202 -44.75 11.48 12.67
C PRO C 202 -45.64 12.13 13.71
N PHE C 203 -46.88 12.32 13.32
CA PHE C 203 -47.91 12.70 14.26
C PHE C 203 -48.81 11.49 14.54
N THR C 204 -49.40 10.93 13.49
CA THR C 204 -50.29 9.79 13.65
C THR C 204 -50.22 8.89 12.44
N GLY C 205 -50.54 7.62 12.65
CA GLY C 205 -50.74 6.66 11.57
C GLY C 205 -49.91 5.42 11.77
N GLY C 206 -49.78 4.63 10.72
CA GLY C 206 -48.93 3.44 10.73
C GLY C 206 -49.71 2.17 10.97
N PRO C 207 -49.04 1.03 10.94
CA PRO C 207 -47.60 0.92 10.80
C PRO C 207 -47.07 1.51 9.51
N ALA C 208 -45.94 2.20 9.61
CA ALA C 208 -45.31 2.80 8.43
C ALA C 208 -43.79 2.73 8.61
N THR C 209 -43.08 2.47 7.53
CA THR C 209 -41.64 2.37 7.52
C THR C 209 -41.08 3.38 6.53
N LEU C 210 -40.22 4.27 7.04
CA LEU C 210 -39.36 5.10 6.23
C LEU C 210 -38.09 4.32 5.96
N SER C 211 -37.75 4.14 4.68
CA SER C 211 -36.48 3.50 4.26
C SER C 211 -35.58 4.57 3.68
N VAL C 212 -34.45 4.83 4.35
CA VAL C 212 -33.48 5.83 3.89
C VAL C 212 -32.33 5.06 3.26
N SER C 213 -32.39 4.92 1.93
CA SER C 213 -31.37 4.12 1.26
C SER C 213 -30.01 4.82 1.28
N ASN C 214 -30.00 6.15 1.29
CA ASN C 214 -28.76 6.92 1.48
C ASN C 214 -29.07 8.30 2.04
N TRP C 215 -28.26 8.69 3.01
CA TRP C 215 -28.15 10.07 3.43
C TRP C 215 -26.68 10.40 3.57
N SER C 216 -26.30 11.52 2.99
CA SER C 216 -24.93 12.03 3.20
C SER C 216 -24.97 13.53 3.28
N ALA C 217 -24.03 14.09 4.02
CA ALA C 217 -23.90 15.52 4.09
C ALA C 217 -22.48 15.87 4.49
N SER C 218 -22.09 17.09 4.22
CA SER C 218 -20.83 17.63 4.73
C SER C 218 -21.02 19.13 4.91
N VAL C 219 -20.19 19.75 5.76
CA VAL C 219 -20.22 21.17 5.99
C VAL C 219 -18.80 21.71 5.75
N GLN C 220 -18.68 22.60 4.77
CA GLN C 220 -17.37 23.16 4.42
C GLN C 220 -17.40 24.67 4.44
N GLN D 3 25.10 5.29 20.30
CA GLN D 3 24.56 6.66 20.09
C GLN D 3 25.35 7.48 19.07
N LEU D 4 24.78 7.73 17.90
CA LEU D 4 25.55 8.18 16.74
C LEU D 4 25.12 9.62 16.41
N CYS D 5 25.91 10.61 16.89
CA CYS D 5 25.57 12.01 16.77
C CYS D 5 26.39 12.77 15.74
N ASP D 6 27.63 12.33 15.53
CA ASP D 6 28.47 12.97 14.56
C ASP D 6 27.95 12.78 13.15
N GLN D 7 28.45 13.61 12.24
CA GLN D 7 27.95 13.63 10.89
C GLN D 7 27.89 12.27 10.22
N TYR D 8 28.96 11.50 10.33
CA TYR D 8 29.01 10.20 9.65
C TYR D 8 29.30 9.10 10.67
N ALA D 9 28.75 9.23 11.87
CA ALA D 9 28.88 8.21 12.89
C ALA D 9 28.08 6.95 12.49
N THR D 10 28.73 5.78 12.55
CA THR D 10 28.14 4.51 12.13
C THR D 10 28.26 3.44 13.19
N TYR D 11 27.44 2.40 12.97
CA TYR D 11 27.49 1.19 13.77
C TYR D 11 27.25 0.05 12.82
N THR D 12 28.03 -1.02 12.97
CA THR D 12 27.85 -2.19 12.12
C THR D 12 27.46 -3.38 12.99
N GLY D 13 26.39 -4.07 12.61
CA GLY D 13 25.90 -5.29 13.27
C GLY D 13 25.59 -6.28 12.16
N GLY D 14 26.44 -7.30 12.02
CA GLY D 14 26.26 -8.30 10.93
C GLY D 14 26.28 -7.61 9.57
N VAL D 15 25.20 -7.78 8.81
CA VAL D 15 25.12 -7.23 7.46
C VAL D 15 24.53 -5.83 7.41
N TYR D 16 24.25 -5.27 8.58
CA TYR D 16 23.58 -3.96 8.69
C TYR D 16 24.56 -2.91 9.18
N THR D 17 24.60 -1.79 8.48
CA THR D 17 25.41 -0.63 8.90
C THR D 17 24.44 0.54 9.05
N ILE D 18 24.44 1.17 10.22
CA ILE D 18 23.54 2.26 10.51
C ILE D 18 24.39 3.51 10.58
N ASN D 19 23.99 4.54 9.81
CA ASN D 19 24.79 5.74 9.61
C ASN D 19 23.92 6.95 9.92
N ASN D 20 24.38 7.83 10.79
CA ASN D 20 23.65 9.08 11.06
C ASN D 20 23.50 9.91 9.76
N ASN D 21 24.54 9.90 8.95
CA ASN D 21 24.57 10.48 7.62
C ASN D 21 23.94 11.87 7.56
N LEU D 22 24.52 12.82 8.28
CA LEU D 22 24.04 14.20 8.26
C LEU D 22 24.69 14.95 7.11
N TRP D 23 24.46 14.43 5.91
CA TRP D 23 25.17 14.94 4.74
C TRP D 23 24.88 16.40 4.44
N GLY D 24 23.67 16.82 4.75
CA GLY D 24 23.21 18.17 4.44
C GLY D 24 23.18 19.12 5.61
N LYS D 25 23.92 18.82 6.67
CA LYS D 25 23.82 19.60 7.90
C LYS D 25 24.19 21.06 7.69
N ASP D 26 25.07 21.35 6.74
CA ASP D 26 25.49 22.75 6.56
C ASP D 26 24.40 23.59 5.89
N ALA D 27 23.31 22.97 5.45
CA ALA D 27 22.25 23.76 4.83
C ALA D 27 21.27 24.34 5.85
N GLY D 28 21.44 23.96 7.11
CA GLY D 28 20.55 24.42 8.14
C GLY D 28 21.08 24.39 9.57
N SER D 29 20.18 24.65 10.48
CA SER D 29 20.53 24.71 11.88
C SER D 29 19.78 23.62 12.63
N GLY D 30 20.52 22.87 13.44
CA GLY D 30 19.92 21.87 14.32
C GLY D 30 20.83 20.71 14.64
N SER D 31 20.22 19.57 14.93
CA SER D 31 20.98 18.41 15.31
C SER D 31 20.19 17.12 15.25
N GLN D 32 20.95 16.04 15.25
CA GLN D 32 20.37 14.73 14.98
C GLN D 32 21.29 13.63 15.50
N CYS D 33 20.68 12.71 16.23
CA CYS D 33 21.35 11.56 16.81
C CYS D 33 20.55 10.32 16.48
N THR D 34 21.29 9.28 16.12
CA THR D 34 20.74 7.98 15.77
C THR D 34 21.17 6.94 16.82
N THR D 35 20.23 6.08 17.21
CA THR D 35 20.46 5.06 18.24
C THR D 35 20.17 3.69 17.66
N VAL D 36 21.04 2.71 17.86
CA VAL D 36 20.79 1.38 17.39
C VAL D 36 20.29 0.48 18.50
N ASN D 37 19.18 -0.19 18.28
CA ASN D 37 18.62 -1.12 19.28
C ASN D 37 19.13 -2.56 19.12
N SER D 38 19.17 -3.01 17.88
CA SER D 38 19.55 -4.38 17.57
C SER D 38 19.91 -4.48 16.08
N ALA D 39 20.56 -5.58 15.72
CA ALA D 39 20.91 -5.88 14.33
C ALA D 39 21.35 -7.33 14.22
N SER D 40 20.49 -8.19 13.70
CA SER D 40 20.76 -9.63 13.58
C SER D 40 20.18 -10.10 12.25
N SER D 41 20.15 -11.42 12.04
CA SER D 41 19.54 -11.95 10.82
C SER D 41 18.04 -11.68 10.69
N ALA D 42 17.36 -11.37 11.79
CA ALA D 42 15.95 -10.98 11.74
C ALA D 42 15.75 -9.53 11.24
N GLY D 43 16.83 -8.75 11.22
CA GLY D 43 16.76 -7.34 10.81
C GLY D 43 17.34 -6.46 11.89
N THR D 44 17.20 -5.17 11.66
CA THR D 44 17.74 -4.19 12.56
C THR D 44 16.64 -3.25 13.04
N SER D 45 16.74 -2.85 14.29
CA SER D 45 15.90 -1.82 14.88
C SER D 45 16.76 -0.66 15.34
N TRP D 46 16.34 0.54 14.99
CA TRP D 46 17.06 1.73 15.32
C TRP D 46 16.10 2.90 15.37
N SER D 47 16.58 4.05 15.81
CA SER D 47 15.77 5.24 15.82
C SER D 47 16.64 6.45 15.55
N THR D 48 16.03 7.51 15.07
CA THR D 48 16.80 8.75 14.90
C THR D 48 15.92 9.90 15.32
N LYS D 49 16.54 10.84 16.01
CA LYS D 49 15.82 11.95 16.62
C LYS D 49 16.48 13.23 16.15
N TRP D 50 15.68 14.12 15.60
CA TRP D 50 16.21 15.31 14.94
C TRP D 50 15.40 16.55 15.15
N ASN D 51 16.06 17.69 14.94
CA ASN D 51 15.43 18.98 14.82
C ASN D 51 16.23 19.83 13.87
N TRP D 52 15.53 20.26 12.82
CA TRP D 52 16.13 21.02 11.74
C TRP D 52 15.31 22.24 11.37
N SER D 53 16.02 23.35 11.20
CA SER D 53 15.39 24.57 10.67
C SER D 53 16.29 25.25 9.63
N GLY D 54 15.68 26.08 8.81
CA GLY D 54 16.42 26.77 7.73
C GLY D 54 16.70 25.88 6.53
N GLY D 55 17.18 26.50 5.45
CA GLY D 55 17.36 25.81 4.18
C GLY D 55 16.17 24.90 3.88
N GLU D 56 14.99 25.51 3.81
CA GLU D 56 13.75 24.78 3.87
C GLU D 56 13.51 23.90 2.65
N ASN D 57 14.24 24.09 1.54
CA ASN D 57 14.09 23.21 0.41
C ASN D 57 15.32 22.32 0.24
N SER D 58 16.12 22.18 1.30
CA SER D 58 17.33 21.35 1.31
C SER D 58 17.22 20.23 2.34
N VAL D 59 17.47 18.99 1.93
CA VAL D 59 17.49 17.85 2.86
C VAL D 59 18.70 18.00 3.78
N LYS D 60 18.50 17.75 5.07
CA LYS D 60 19.61 17.91 6.04
C LYS D 60 20.43 16.63 6.24
N SER D 61 19.81 15.47 6.02
CA SER D 61 20.42 14.19 6.40
C SER D 61 19.64 13.04 5.77
N TYR D 62 20.22 11.85 5.87
CA TYR D 62 19.52 10.62 5.52
C TYR D 62 20.07 9.52 6.39
N ALA D 63 19.76 9.65 7.69
CA ALA D 63 20.10 8.58 8.63
C ALA D 63 19.40 7.31 8.17
N ASN D 64 20.14 6.22 8.17
CA ASN D 64 19.66 5.00 7.49
C ASN D 64 20.34 3.75 8.00
N SER D 65 19.66 2.62 7.81
CA SER D 65 20.30 1.32 7.85
C SER D 65 20.54 0.84 6.43
N GLY D 66 21.75 0.38 6.15
CA GLY D 66 22.12 -0.11 4.85
C GLY D 66 22.67 -1.53 4.88
N LEU D 67 22.49 -2.22 3.77
CA LEU D 67 22.81 -3.63 3.68
C LEU D 67 24.17 -3.87 3.02
N THR D 68 24.95 -4.79 3.58
CA THR D 68 26.13 -5.34 2.93
C THR D 68 25.69 -6.54 2.11
N PHE D 69 25.99 -6.49 0.83
CA PHE D 69 25.57 -7.54 -0.10
C PHE D 69 26.54 -7.64 -1.27
N ASN D 70 26.43 -8.76 -1.98
CA ASN D 70 27.23 -8.99 -3.19
C ASN D 70 26.67 -8.21 -4.39
N LYS D 71 27.42 -7.23 -4.87
CA LYS D 71 26.92 -6.31 -5.87
C LYS D 71 26.88 -7.05 -7.21
N LYS D 72 25.81 -6.82 -7.98
CA LYS D 72 25.68 -7.52 -9.26
C LYS D 72 24.79 -6.73 -10.18
N LEU D 73 24.82 -7.10 -11.45
CA LEU D 73 23.97 -6.41 -12.40
C LEU D 73 22.50 -6.58 -12.00
N VAL D 74 21.70 -5.53 -12.21
CA VAL D 74 20.29 -5.60 -11.88
C VAL D 74 19.57 -6.71 -12.64
N SER D 75 19.99 -6.97 -13.86
CA SER D 75 19.46 -8.13 -14.61
C SER D 75 19.69 -9.49 -13.97
N GLN D 76 20.73 -9.61 -13.15
CA GLN D 76 21.10 -10.88 -12.56
C GLN D 76 20.46 -11.08 -11.20
N ILE D 77 19.77 -10.05 -10.71
CA ILE D 77 19.06 -10.18 -9.44
C ILE D 77 17.70 -10.89 -9.60
N SER D 78 17.45 -11.87 -8.74
CA SER D 78 16.13 -12.51 -8.76
C SER D 78 15.17 -12.03 -7.66
N GLN D 79 15.69 -11.63 -6.51
CA GLN D 79 14.80 -11.04 -5.51
C GLN D 79 15.58 -10.13 -4.57
N ILE D 80 14.87 -9.13 -4.06
CA ILE D 80 15.40 -8.29 -2.98
C ILE D 80 14.27 -8.27 -1.95
N PRO D 81 14.14 -9.33 -1.13
CA PRO D 81 13.05 -9.32 -0.15
C PRO D 81 13.35 -8.39 0.98
N THR D 82 12.34 -7.64 1.39
CA THR D 82 12.57 -6.63 2.39
C THR D 82 11.35 -6.43 3.25
N THR D 83 11.58 -6.03 4.49
CA THR D 83 10.51 -5.61 5.38
C THR D 83 10.94 -4.30 6.06
N ALA D 84 9.97 -3.42 6.29
CA ALA D 84 10.20 -2.15 7.00
C ALA D 84 8.99 -1.83 7.87
N ARG D 85 9.23 -1.70 9.17
CA ARG D 85 8.16 -1.41 10.12
C ARG D 85 8.66 -0.24 10.95
N TRP D 86 7.87 0.82 10.98
CA TRP D 86 8.40 2.09 11.49
C TRP D 86 7.24 2.97 11.94
N SER D 87 7.59 4.02 12.68
CA SER D 87 6.60 5.05 13.03
C SER D 87 7.35 6.36 13.31
N TYR D 88 6.63 7.47 13.18
CA TYR D 88 7.11 8.78 13.64
C TYR D 88 6.21 9.22 14.79
N ASP D 89 6.85 9.79 15.81
CA ASP D 89 6.10 10.39 16.93
C ASP D 89 5.41 11.70 16.60
N ASN D 90 6.03 12.48 15.71
CA ASN D 90 5.61 13.81 15.36
C ASN D 90 5.52 13.83 13.83
N THR D 91 4.32 13.95 13.31
CA THR D 91 4.12 14.04 11.86
C THR D 91 3.97 15.47 11.34
N GLY D 92 4.00 16.46 12.23
CA GLY D 92 4.03 17.86 11.85
C GLY D 92 5.42 18.31 11.42
N ILE D 93 5.86 17.71 10.33
CA ILE D 93 7.21 17.82 9.86
C ILE D 93 7.24 17.89 8.32
N ARG D 94 8.38 18.25 7.79
CA ARG D 94 8.62 18.20 6.37
C ARG D 94 9.78 17.24 6.14
N ALA D 95 9.44 16.06 5.66
CA ALA D 95 10.38 14.92 5.65
C ALA D 95 9.77 13.76 4.90
N ASP D 96 10.61 12.79 4.51
CA ASP D 96 10.13 11.55 3.95
C ASP D 96 10.78 10.36 4.61
N VAL D 97 10.16 9.20 4.44
CA VAL D 97 10.72 7.90 4.85
C VAL D 97 10.81 7.07 3.59
N ALA D 98 12.01 6.57 3.34
CA ALA D 98 12.26 6.01 2.01
C ALA D 98 13.33 4.95 2.02
N TYR D 99 13.16 3.97 1.11
CA TYR D 99 14.28 3.22 0.59
C TYR D 99 15.08 4.05 -0.38
N ASP D 100 16.39 3.84 -0.39
CA ASP D 100 17.30 4.43 -1.36
C ASP D 100 18.26 3.38 -1.91
N LEU D 101 18.29 3.23 -3.24
CA LEU D 101 19.19 2.25 -3.87
C LEU D 101 19.91 3.00 -4.97
N PHE D 102 21.21 2.79 -5.10
CA PHE D 102 21.92 3.38 -6.22
C PHE D 102 22.40 2.25 -7.10
N THR D 103 22.50 2.55 -8.40
CA THR D 103 23.15 1.65 -9.37
C THR D 103 24.13 2.42 -10.21
N ALA D 104 25.11 1.69 -10.74
CA ALA D 104 26.10 2.31 -11.57
C ALA D 104 26.64 1.33 -12.59
N ALA D 105 27.08 1.87 -13.73
CA ALA D 105 27.81 1.03 -14.71
C ALA D 105 29.12 0.44 -14.20
N ASP D 106 29.77 1.15 -13.29
CA ASP D 106 31.00 0.75 -12.66
C ASP D 106 30.68 0.12 -11.29
N ILE D 107 30.95 -1.15 -11.14
CA ILE D 107 30.66 -1.84 -9.87
C ILE D 107 31.41 -1.31 -8.67
N ASN D 108 32.48 -0.57 -8.94
CA ASN D 108 33.28 0.06 -7.90
C ASN D 108 32.96 1.53 -7.73
N HIS D 109 31.84 1.98 -8.27
CA HIS D 109 31.37 3.35 -8.06
C HIS D 109 31.26 3.74 -6.57
N VAL D 110 31.55 4.99 -6.23
CA VAL D 110 31.22 5.46 -4.88
C VAL D 110 29.79 5.18 -4.47
N THR D 111 29.60 4.86 -3.20
CA THR D 111 28.36 4.29 -2.73
C THR D 111 27.37 5.36 -2.30
N TRP D 112 27.73 6.62 -2.46
CA TRP D 112 26.81 7.66 -2.05
C TRP D 112 26.15 8.38 -3.22
N SER D 113 26.32 7.84 -4.42
CA SER D 113 25.57 8.32 -5.57
C SER D 113 25.57 7.21 -6.60
N GLY D 114 24.81 7.37 -7.67
CA GLY D 114 24.78 6.41 -8.75
C GLY D 114 24.58 7.08 -10.09
N ASP D 115 24.72 6.29 -11.15
CA ASP D 115 24.21 6.70 -12.45
C ASP D 115 22.66 6.76 -12.37
N TYR D 116 22.12 5.78 -11.65
CA TYR D 116 20.70 5.75 -11.37
C TYR D 116 20.45 5.57 -9.87
N GLU D 117 19.28 6.05 -9.48
CA GLU D 117 18.79 5.89 -8.13
C GLU D 117 17.35 5.38 -8.19
N LEU D 118 17.03 4.44 -7.32
CA LEU D 118 15.64 4.00 -7.13
C LEU D 118 15.25 4.28 -5.69
N MET D 119 14.18 5.05 -5.47
CA MET D 119 13.70 5.30 -4.12
C MET D 119 12.30 4.74 -4.01
N ILE D 120 11.97 4.27 -2.82
CA ILE D 120 10.61 3.86 -2.53
C ILE D 120 10.21 4.62 -1.28
N TRP D 121 9.31 5.59 -1.44
CA TRP D 121 8.93 6.48 -0.34
C TRP D 121 7.73 5.88 0.34
N LEU D 122 7.93 5.37 1.55
CA LEU D 122 6.82 4.81 2.31
C LEU D 122 5.98 5.90 2.98
N ALA D 123 6.53 7.11 3.09
CA ALA D 123 5.78 8.22 3.64
C ALA D 123 6.38 9.52 3.23
N ARG D 124 5.52 10.51 3.12
CA ARG D 124 5.86 11.87 2.77
C ARG D 124 5.06 12.71 3.74
N TYR D 125 5.71 13.69 4.33
CA TYR D 125 5.05 14.64 5.21
C TYR D 125 5.29 16.07 4.74
N GLY D 126 4.25 16.90 4.79
CA GLY D 126 4.43 18.32 4.50
C GLY D 126 4.55 18.64 3.01
N GLY D 127 4.19 17.69 2.18
CA GLY D 127 4.18 17.90 0.74
C GLY D 127 5.54 17.89 0.06
N VAL D 128 6.57 17.42 0.77
CA VAL D 128 7.91 17.41 0.19
C VAL D 128 7.91 16.44 -0.97
N GLN D 129 8.76 16.70 -1.95
CA GLN D 129 8.71 16.00 -3.25
C GLN D 129 10.02 15.32 -3.54
N PRO D 130 9.94 14.22 -4.27
CA PRO D 130 11.14 13.69 -4.92
C PRO D 130 11.70 14.65 -5.96
N ILE D 131 12.93 14.40 -6.40
CA ILE D 131 13.45 15.09 -7.57
C ILE D 131 12.58 14.82 -8.79
N GLY D 132 12.36 15.85 -9.61
CA GLY D 132 11.74 15.67 -10.87
C GLY D 132 10.26 15.95 -10.84
N SER D 133 9.50 15.11 -11.53
CA SER D 133 8.07 15.25 -11.63
C SER D 133 7.47 13.87 -11.69
N GLN D 134 6.18 13.80 -11.37
CA GLN D 134 5.42 12.57 -11.48
C GLN D 134 5.21 12.23 -12.95
N ILE D 135 5.54 11.02 -13.34
CA ILE D 135 5.38 10.64 -14.75
C ILE D 135 4.31 9.61 -14.98
N ALA D 136 3.91 8.93 -13.92
CA ALA D 136 3.02 7.78 -14.06
C ALA D 136 2.45 7.40 -12.71
N THR D 137 1.41 6.58 -12.74
CA THR D 137 0.94 5.88 -11.57
C THR D 137 1.19 4.40 -11.86
N ALA D 138 2.05 3.81 -11.05
CA ALA D 138 2.54 2.48 -11.29
C ALA D 138 1.93 1.51 -10.32
N THR D 139 1.52 0.36 -10.83
CA THR D 139 1.06 -0.72 -10.01
C THR D 139 2.13 -1.78 -9.89
N VAL D 140 2.58 -2.01 -8.66
CA VAL D 140 3.63 -2.95 -8.33
C VAL D 140 3.11 -3.86 -7.23
N ASP D 141 3.16 -5.16 -7.50
CA ASP D 141 2.70 -6.18 -6.55
C ASP D 141 1.35 -5.83 -5.94
N GLY D 142 0.45 -5.35 -6.79
CA GLY D 142 -0.92 -5.05 -6.35
C GLY D 142 -1.18 -3.75 -5.62
N GLN D 143 -0.21 -2.83 -5.59
CA GLN D 143 -0.39 -1.55 -4.90
C GLN D 143 0.00 -0.45 -5.85
N THR D 144 -0.65 0.70 -5.74
CA THR D 144 -0.32 1.80 -6.63
C THR D 144 0.68 2.72 -5.96
N TRP D 145 1.52 3.31 -6.80
CA TRP D 145 2.59 4.24 -6.43
C TRP D 145 2.52 5.39 -7.39
N GLU D 146 2.79 6.59 -6.91
CA GLU D 146 3.14 7.69 -7.78
C GLU D 146 4.56 7.45 -8.21
N LEU D 147 4.82 7.45 -9.50
CA LEU D 147 6.18 7.24 -10.01
C LEU D 147 6.74 8.55 -10.52
N TRP D 148 7.80 9.00 -9.88
CA TRP D 148 8.53 10.21 -10.23
C TRP D 148 9.82 9.88 -10.96
N TYR D 149 10.24 10.80 -11.83
CA TYR D 149 11.52 10.73 -12.52
C TYR D 149 12.12 12.12 -12.48
N GLY D 150 13.37 12.19 -12.05
CA GLY D 150 14.12 13.45 -11.97
C GLY D 150 15.60 13.21 -12.24
N ALA D 151 16.35 14.23 -12.60
CA ALA D 151 17.79 14.06 -12.89
C ALA D 151 18.52 15.33 -12.55
N ASN D 152 19.74 15.20 -12.06
CA ASN D 152 20.53 16.37 -11.70
C ASN D 152 21.71 16.50 -12.65
N GLY D 153 21.69 15.73 -13.72
CA GLY D 153 22.74 15.84 -14.72
C GLY D 153 23.90 14.86 -14.58
N SER D 154 23.96 14.09 -13.50
CA SER D 154 24.69 12.81 -13.56
C SER D 154 23.85 11.63 -13.05
N GLN D 155 23.02 11.92 -12.07
CA GLN D 155 22.25 10.86 -11.42
C GLN D 155 20.78 11.01 -11.81
N LYS D 156 20.21 9.90 -12.29
CA LYS D 156 18.86 9.82 -12.75
C LYS D 156 18.05 9.07 -11.70
N THR D 157 17.01 9.71 -11.16
CA THR D 157 16.28 9.12 -10.03
C THR D 157 14.85 8.79 -10.35
N TYR D 158 14.47 7.53 -10.07
CA TYR D 158 13.11 7.10 -10.11
C TYR D 158 12.62 6.92 -8.69
N SER D 159 11.52 7.57 -8.33
CA SER D 159 10.97 7.49 -6.96
C SER D 159 9.54 7.02 -6.99
N PHE D 160 9.29 5.86 -6.39
CA PHE D 160 7.93 5.35 -6.22
C PHE D 160 7.38 5.88 -4.87
N VAL D 161 6.33 6.70 -4.90
CA VAL D 161 5.82 7.34 -3.68
C VAL D 161 4.46 6.80 -3.24
N ALA D 162 4.39 6.30 -2.03
CA ALA D 162 3.11 5.84 -1.46
C ALA D 162 2.10 7.00 -1.35
N PRO D 163 0.84 6.76 -1.75
CA PRO D 163 -0.12 7.85 -1.70
C PRO D 163 -0.46 8.25 -0.28
N THR D 164 -0.43 7.30 0.66
CA THR D 164 -0.48 7.66 2.08
C THR D 164 0.51 6.76 2.80
N PRO D 165 0.90 7.12 4.02
CA PRO D 165 2.01 6.40 4.63
C PRO D 165 1.81 4.91 4.84
N ILE D 166 2.83 4.14 4.50
CA ILE D 166 2.88 2.70 4.79
C ILE D 166 3.87 2.46 5.92
N THR D 167 3.37 2.18 7.11
CA THR D 167 4.18 2.02 8.30
C THR D 167 4.65 0.57 8.50
N SER D 168 4.02 -0.35 7.77
CA SER D 168 4.40 -1.75 7.77
C SER D 168 4.44 -2.29 6.33
N PHE D 169 5.66 -2.39 5.82
CA PHE D 169 5.89 -2.75 4.42
C PHE D 169 6.59 -4.08 4.30
N GLN D 170 6.13 -4.90 3.36
CA GLN D 170 6.82 -6.13 3.06
C GLN D 170 6.73 -6.27 1.56
N GLY D 171 7.85 -6.53 0.90
CA GLY D 171 7.85 -6.61 -0.54
C GLY D 171 9.19 -7.01 -1.10
N ASP D 172 9.23 -7.05 -2.42
CA ASP D 172 10.43 -7.40 -3.16
C ASP D 172 10.83 -6.20 -4.00
N VAL D 173 11.92 -5.57 -3.58
CA VAL D 173 12.37 -4.36 -4.28
C VAL D 173 12.66 -4.65 -5.73
N ASN D 174 13.03 -5.89 -6.04
CA ASN D 174 13.28 -6.21 -7.43
C ASN D 174 12.04 -6.06 -8.30
N ASP D 175 10.84 -6.16 -7.72
CA ASP D 175 9.64 -5.88 -8.51
C ASP D 175 9.68 -4.48 -9.09
N PHE D 176 10.26 -3.54 -8.35
CA PHE D 176 10.35 -2.17 -8.81
C PHE D 176 11.38 -1.99 -9.93
N PHE D 177 12.54 -2.64 -9.77
CA PHE D 177 13.50 -2.69 -10.88
C PHE D 177 12.91 -3.32 -12.15
N LYS D 178 12.20 -4.42 -11.98
CA LYS D 178 11.53 -5.05 -13.09
C LYS D 178 10.52 -4.15 -13.78
N TYR D 179 9.71 -3.41 -13.01
CA TYR D 179 8.80 -2.43 -13.54
C TYR D 179 9.54 -1.37 -14.38
N LEU D 180 10.64 -0.87 -13.86
CA LEU D 180 11.38 0.13 -14.57
C LEU D 180 12.01 -0.46 -15.84
N THR D 181 12.51 -1.68 -15.76
CA THR D 181 13.17 -2.31 -16.91
C THR D 181 12.16 -2.55 -18.05
N GLN D 182 10.97 -2.95 -17.66
CA GLN D 182 9.93 -3.33 -18.62
C GLN D 182 9.19 -2.12 -19.20
N ASN D 183 9.01 -1.08 -18.39
CA ASN D 183 8.13 0.05 -18.73
C ASN D 183 8.83 1.37 -19.01
N HIS D 184 10.10 1.52 -18.60
CA HIS D 184 10.80 2.80 -18.63
C HIS D 184 12.22 2.70 -19.19
N GLY D 185 12.50 1.59 -19.85
CA GLY D 185 13.80 1.38 -20.45
C GLY D 185 14.99 1.45 -19.51
N PHE D 186 14.81 1.11 -18.25
CA PHE D 186 15.91 1.13 -17.31
C PHE D 186 16.97 0.10 -17.80
N PRO D 187 18.24 0.50 -17.90
CA PRO D 187 19.29 -0.41 -18.42
C PRO D 187 19.81 -1.42 -17.40
N ALA D 188 18.94 -2.37 -17.06
CA ALA D 188 19.25 -3.34 -16.05
C ALA D 188 20.50 -4.16 -16.46
N SER D 189 20.73 -4.30 -17.77
CA SER D 189 21.75 -5.23 -18.26
C SER D 189 23.13 -4.68 -18.08
N SER D 190 23.25 -3.39 -17.74
CA SER D 190 24.52 -2.74 -17.63
C SER D 190 24.69 -1.90 -16.37
N GLN D 191 23.74 -2.01 -15.46
CA GLN D 191 23.82 -1.28 -14.19
C GLN D 191 23.98 -2.26 -13.05
N TYR D 192 24.97 -2.03 -12.19
CA TYR D 192 25.17 -2.82 -11.00
C TYR D 192 24.43 -2.16 -9.86
N LEU D 193 23.81 -2.98 -9.03
CA LEU D 193 23.24 -2.48 -7.79
C LEU D 193 24.35 -2.33 -6.78
N ILE D 194 24.54 -1.14 -6.23
CA ILE D 194 25.66 -0.86 -5.37
C ILE D 194 25.29 -0.46 -3.96
N THR D 195 24.03 -0.04 -3.71
CA THR D 195 23.64 0.43 -2.38
C THR D 195 22.18 0.03 -2.17
N LEU D 196 21.83 -0.28 -0.92
CA LEU D 196 20.45 -0.56 -0.51
C LEU D 196 20.29 -0.12 0.94
N GLN D 197 19.53 0.97 1.11
CA GLN D 197 19.37 1.62 2.40
C GLN D 197 17.89 1.93 2.67
N PHE D 198 17.60 2.18 3.95
CA PHE D 198 16.29 2.62 4.37
C PHE D 198 16.48 3.63 5.46
N GLY D 199 15.72 4.71 5.40
CA GLY D 199 15.79 5.70 6.49
C GLY D 199 14.88 6.87 6.21
N THR D 200 15.26 8.05 6.70
CA THR D 200 14.40 9.23 6.60
C THR D 200 15.22 10.43 6.19
N ALA D 201 14.61 11.26 5.34
CA ALA D 201 15.21 12.53 4.89
C ALA D 201 14.40 13.68 5.40
N PRO D 202 14.91 14.37 6.40
CA PRO D 202 14.22 15.58 6.88
C PRO D 202 14.63 16.85 6.15
N PHE D 203 13.65 17.74 6.03
CA PHE D 203 13.92 19.06 5.51
C PHE D 203 13.86 19.98 6.73
N THR D 204 12.70 20.06 7.37
CA THR D 204 12.51 20.98 8.52
C THR D 204 11.52 20.39 9.49
N GLY D 205 11.62 20.83 10.74
CA GLY D 205 10.71 20.44 11.79
C GLY D 205 11.40 19.92 13.02
N GLY D 206 10.60 19.37 13.93
CA GLY D 206 11.15 18.65 15.05
C GLY D 206 10.94 19.41 16.36
N PRO D 207 11.35 18.81 17.47
CA PRO D 207 11.98 17.50 17.50
C PRO D 207 11.03 16.42 17.02
N ALA D 208 11.60 15.41 16.39
CA ALA D 208 10.85 14.31 15.87
C ALA D 208 11.75 13.09 15.85
N THR D 209 11.14 11.93 16.02
CA THR D 209 11.90 10.69 16.13
C THR D 209 11.26 9.64 15.22
N LEU D 210 12.07 9.13 14.32
CA LEU D 210 11.68 7.94 13.55
C LEU D 210 12.10 6.72 14.33
N SER D 211 11.16 5.83 14.60
CA SER D 211 11.44 4.59 15.25
C SER D 211 11.30 3.47 14.22
N VAL D 212 12.39 2.81 13.88
CA VAL D 212 12.32 1.69 12.95
C VAL D 212 12.35 0.46 13.85
N SER D 213 11.20 -0.19 14.00
CA SER D 213 11.09 -1.40 14.77
C SER D 213 11.76 -2.58 14.06
N ASN D 214 11.73 -2.58 12.73
CA ASN D 214 12.39 -3.65 11.96
C ASN D 214 12.65 -3.21 10.52
N TRP D 215 13.91 -3.40 10.12
CA TRP D 215 14.25 -3.33 8.71
C TRP D 215 15.09 -4.54 8.38
N SER D 216 14.69 -5.24 7.34
CA SER D 216 15.48 -6.39 6.91
C SER D 216 15.55 -6.36 5.40
N ALA D 217 16.64 -6.92 4.85
CA ALA D 217 16.78 -6.99 3.40
C ALA D 217 17.81 -8.03 3.05
N SER D 218 17.69 -8.56 1.83
CA SER D 218 18.76 -9.34 1.24
C SER D 218 18.65 -9.18 -0.27
N VAL D 219 19.77 -9.44 -0.95
CA VAL D 219 19.84 -9.33 -2.42
C VAL D 219 20.34 -10.68 -2.95
N GLN D 220 19.51 -11.35 -3.74
CA GLN D 220 19.92 -12.61 -4.35
C GLN D 220 19.85 -12.53 -5.85
N GLN E 1 25.48 20.17 -21.32
CA GLN E 1 24.48 19.15 -20.90
C GLN E 1 23.49 18.80 -22.00
N ALA E 2 22.79 17.69 -21.79
CA ALA E 2 22.05 17.08 -22.88
C ALA E 2 20.70 17.83 -22.96
N GLN E 3 20.21 18.01 -24.17
CA GLN E 3 18.86 18.52 -24.35
C GLN E 3 17.88 17.53 -23.84
N LEU E 4 16.72 18.05 -23.47
CA LEU E 4 15.64 17.25 -22.97
C LEU E 4 14.60 16.95 -24.07
N CYS E 5 14.66 15.77 -24.69
CA CYS E 5 13.89 15.45 -25.90
C CYS E 5 12.86 14.36 -25.68
N ASP E 6 13.14 13.45 -24.75
CA ASP E 6 12.15 12.44 -24.38
C ASP E 6 10.90 13.05 -23.72
N GLN E 7 9.80 12.29 -23.67
CA GLN E 7 8.52 12.78 -23.19
C GLN E 7 8.63 13.49 -21.82
N TYR E 8 9.32 12.84 -20.89
CA TYR E 8 9.43 13.39 -19.53
C TYR E 8 10.90 13.59 -19.14
N ALA E 9 11.69 13.97 -20.14
CA ALA E 9 13.06 14.33 -19.92
C ALA E 9 13.11 15.58 -19.04
N THR E 10 14.06 15.61 -18.12
CA THR E 10 14.06 16.61 -17.07
C THR E 10 15.45 16.92 -16.52
N TYR E 11 15.61 18.10 -15.96
CA TYR E 11 16.86 18.52 -15.32
C TYR E 11 16.50 19.42 -14.15
N THR E 12 17.12 19.15 -13.01
CA THR E 12 16.97 20.02 -11.83
C THR E 12 18.29 20.70 -11.46
N GLY E 13 18.21 21.99 -11.25
CA GLY E 13 19.34 22.80 -10.78
C GLY E 13 18.86 23.78 -9.72
N GLY E 14 19.40 23.68 -8.51
CA GLY E 14 18.84 24.47 -7.41
C GLY E 14 17.38 24.19 -7.15
N VAL E 15 16.58 25.26 -7.07
CA VAL E 15 15.15 25.12 -6.80
C VAL E 15 14.35 25.05 -8.07
N TYR E 16 15.02 24.93 -9.21
CA TYR E 16 14.34 24.92 -10.50
C TYR E 16 14.43 23.57 -11.24
N THR E 17 13.28 23.07 -11.60
CA THR E 17 13.17 21.82 -12.34
C THR E 17 12.65 22.16 -13.73
N ILE E 18 13.37 21.75 -14.76
CA ILE E 18 12.93 21.94 -16.14
C ILE E 18 12.48 20.59 -16.73
N ASN E 19 11.29 20.53 -17.34
CA ASN E 19 10.65 19.27 -17.77
C ASN E 19 10.16 19.53 -19.19
N ASN E 20 10.54 18.65 -20.11
CA ASN E 20 10.01 18.69 -21.49
C ASN E 20 8.51 18.41 -21.50
N ASN E 21 8.05 17.48 -20.66
CA ASN E 21 6.65 17.34 -20.31
C ASN E 21 5.74 17.24 -21.54
N LEU E 22 6.00 16.24 -22.39
CA LEU E 22 5.20 16.08 -23.61
C LEU E 22 3.96 15.23 -23.34
N TRP E 23 3.16 15.69 -22.41
CA TRP E 23 2.11 14.87 -21.84
C TRP E 23 1.00 14.55 -22.83
N GLY E 24 0.84 15.37 -23.85
CA GLY E 24 -0.17 15.17 -24.86
C GLY E 24 0.36 14.71 -26.21
N LYS E 25 1.56 14.17 -26.23
CA LYS E 25 2.19 13.89 -27.52
C LYS E 25 1.35 12.88 -28.32
N ASP E 26 0.56 12.06 -27.65
CA ASP E 26 -0.17 11.03 -28.41
C ASP E 26 -1.41 11.61 -29.10
N ALA E 27 -1.72 12.88 -28.84
CA ALA E 27 -2.83 13.55 -29.55
C ALA E 27 -2.48 13.99 -30.98
N GLY E 28 -1.21 14.03 -31.30
CA GLY E 28 -0.82 14.48 -32.64
C GLY E 28 0.53 13.95 -33.08
N SER E 29 1.14 14.62 -34.05
CA SER E 29 2.44 14.23 -34.57
C SER E 29 3.42 15.36 -34.49
N GLY E 30 4.67 15.01 -34.18
CA GLY E 30 5.76 16.00 -34.17
C GLY E 30 6.74 15.65 -33.06
N SER E 31 7.42 16.67 -32.56
CA SER E 31 8.50 16.49 -31.61
C SER E 31 8.81 17.81 -30.92
N GLN E 32 9.57 17.69 -29.82
CA GLN E 32 9.88 18.87 -29.03
C GLN E 32 11.07 18.56 -28.13
N CYS E 33 12.01 19.50 -28.07
CA CYS E 33 13.20 19.39 -27.25
C CYS E 33 13.32 20.68 -26.47
N THR E 34 13.78 20.51 -25.23
CA THR E 34 13.96 21.62 -24.29
C THR E 34 15.44 21.70 -23.91
N THR E 35 15.99 22.91 -23.86
CA THR E 35 17.39 23.13 -23.60
C THR E 35 17.52 23.92 -22.30
N VAL E 36 18.31 23.45 -21.36
CA VAL E 36 18.57 24.21 -20.15
C VAL E 36 19.79 25.07 -20.33
N ASN E 37 19.68 26.36 -20.10
CA ASN E 37 20.84 27.27 -20.24
C ASN E 37 21.48 27.51 -18.88
N SER E 38 20.66 27.66 -17.84
CA SER E 38 21.12 27.86 -16.49
C SER E 38 20.02 27.54 -15.52
N ALA E 39 20.39 27.10 -14.31
CA ALA E 39 19.40 26.83 -13.25
C ALA E 39 20.10 26.79 -11.94
N SER E 40 19.77 27.75 -11.08
CA SER E 40 20.49 27.98 -9.85
C SER E 40 19.50 28.43 -8.76
N SER E 41 20.01 28.77 -7.58
CA SER E 41 19.17 29.32 -6.52
C SER E 41 18.47 30.62 -6.94
N ALA E 42 19.08 31.39 -7.84
CA ALA E 42 18.59 32.71 -8.25
C ALA E 42 17.59 32.74 -9.41
N GLY E 43 17.59 31.72 -10.26
CA GLY E 43 16.66 31.69 -11.39
C GLY E 43 17.14 30.73 -12.44
N THR E 44 16.43 30.72 -13.57
CA THR E 44 16.70 29.73 -14.62
C THR E 44 16.46 30.39 -15.97
N SER E 45 17.18 29.88 -16.96
CA SER E 45 17.02 30.30 -18.32
C SER E 45 17.02 28.99 -19.14
N TRP E 46 16.09 28.90 -20.08
CA TRP E 46 15.88 27.69 -20.87
C TRP E 46 15.11 28.05 -22.15
N SER E 47 15.03 27.11 -23.07
CA SER E 47 14.26 27.27 -24.28
C SER E 47 13.69 25.92 -24.70
N THR E 48 12.62 26.00 -25.48
CA THR E 48 12.01 24.79 -26.00
C THR E 48 11.61 25.04 -27.45
N LYS E 49 11.82 24.03 -28.27
CA LYS E 49 11.59 24.14 -29.70
C LYS E 49 10.72 22.94 -30.08
N TRP E 50 9.62 23.23 -30.77
CA TRP E 50 8.60 22.26 -31.05
C TRP E 50 7.99 22.43 -32.43
N ASN E 51 7.40 21.34 -32.91
CA ASN E 51 6.61 21.31 -34.14
C ASN E 51 5.51 20.28 -33.95
N TRP E 52 4.27 20.72 -33.97
CA TRP E 52 3.18 19.79 -33.70
C TRP E 52 2.10 19.96 -34.78
N SER E 53 1.49 18.85 -35.19
CA SER E 53 0.33 18.87 -36.07
C SER E 53 -0.66 17.84 -35.62
N GLY E 54 -1.91 17.95 -36.05
CA GLY E 54 -2.96 17.06 -35.66
C GLY E 54 -3.59 17.42 -34.33
N GLY E 55 -4.68 16.74 -34.01
CA GLY E 55 -5.37 16.93 -32.73
C GLY E 55 -5.43 18.41 -32.38
N GLU E 56 -5.96 19.18 -33.30
CA GLU E 56 -5.79 20.62 -33.29
C GLU E 56 -6.42 21.27 -32.05
N ASN E 57 -7.34 20.59 -31.37
CA ASN E 57 -7.96 21.16 -30.16
C ASN E 57 -7.40 20.60 -28.84
N SER E 58 -6.26 19.91 -28.95
CA SER E 58 -5.62 19.21 -27.84
C SER E 58 -4.20 19.75 -27.65
N VAL E 59 -3.88 20.06 -26.40
CA VAL E 59 -2.55 20.48 -26.04
C VAL E 59 -1.62 19.28 -26.10
N LYS E 60 -0.44 19.49 -26.70
CA LYS E 60 0.57 18.44 -26.90
C LYS E 60 1.55 18.30 -25.75
N SER E 61 1.81 19.40 -25.03
CA SER E 61 2.88 19.44 -24.06
C SER E 61 2.78 20.70 -23.21
N TYR E 62 3.52 20.73 -22.11
CA TYR E 62 3.71 21.97 -21.34
C TYR E 62 5.12 21.94 -20.77
N ALA E 63 6.07 22.12 -21.68
CA ALA E 63 7.48 22.24 -21.27
C ALA E 63 7.55 23.43 -20.35
N ASN E 64 8.23 23.28 -19.23
CA ASN E 64 8.12 24.28 -18.17
C ASN E 64 9.29 24.23 -17.23
N SER E 65 9.51 25.36 -16.54
CA SER E 65 10.27 25.37 -15.32
C SER E 65 9.33 25.45 -14.13
N GLY E 66 9.62 24.63 -13.13
CA GLY E 66 8.83 24.59 -11.91
C GLY E 66 9.74 24.91 -10.74
N LEU E 67 9.12 25.53 -9.73
CA LEU E 67 9.79 25.93 -8.53
C LEU E 67 9.63 24.88 -7.43
N THR E 68 10.76 24.58 -6.76
CA THR E 68 10.71 23.91 -5.46
C THR E 68 10.53 24.93 -4.36
N PHE E 69 9.50 24.71 -3.54
CA PHE E 69 9.14 25.62 -2.45
C PHE E 69 8.43 24.88 -1.32
N ASN E 70 8.35 25.57 -0.19
CA ASN E 70 7.68 25.06 0.98
C ASN E 70 6.17 25.34 0.79
N LYS E 71 5.41 24.28 0.69
CA LYS E 71 3.98 24.35 0.42
C LYS E 71 3.23 24.87 1.66
N LYS E 72 2.28 25.75 1.45
CA LYS E 72 1.63 26.51 2.52
C LYS E 72 0.19 26.73 2.08
N LEU E 73 -0.68 26.95 3.05
CA LEU E 73 -2.00 27.46 2.76
C LEU E 73 -1.90 28.79 2.04
N VAL E 74 -2.79 29.02 1.09
CA VAL E 74 -2.77 30.27 0.34
C VAL E 74 -3.07 31.48 1.25
N SER E 75 -3.88 31.24 2.29
CA SER E 75 -4.17 32.30 3.28
C SER E 75 -2.98 32.67 4.11
N GLN E 76 -1.98 31.77 4.20
CA GLN E 76 -0.74 32.07 4.93
C GLN E 76 0.38 32.65 4.08
N ILE E 77 0.16 32.77 2.77
CA ILE E 77 1.22 33.21 1.91
C ILE E 77 1.25 34.74 1.92
N SER E 78 2.42 35.34 2.03
CA SER E 78 2.48 36.79 2.06
C SER E 78 2.85 37.37 0.69
N GLN E 79 3.72 36.68 -0.04
CA GLN E 79 4.02 37.10 -1.40
C GLN E 79 4.56 35.94 -2.23
N ILE E 80 4.30 36.01 -3.54
CA ILE E 80 4.87 35.08 -4.50
C ILE E 80 5.49 35.91 -5.60
N PRO E 81 6.66 36.54 -5.32
CA PRO E 81 7.33 37.30 -6.36
C PRO E 81 7.74 36.46 -7.52
N THR E 82 7.62 36.97 -8.74
CA THR E 82 8.06 36.20 -9.88
C THR E 82 8.44 37.17 -10.99
N THR E 83 9.47 36.77 -11.72
CA THR E 83 9.80 37.37 -12.99
C THR E 83 9.91 36.40 -14.13
N ALA E 84 9.39 36.82 -15.28
CA ALA E 84 9.43 36.00 -16.47
C ALA E 84 9.75 36.88 -17.65
N ARG E 85 10.86 36.60 -18.31
CA ARG E 85 11.19 37.31 -19.52
C ARG E 85 11.48 36.31 -20.63
N TRP E 86 10.72 36.43 -21.72
CA TRP E 86 10.70 35.41 -22.73
C TRP E 86 10.39 36.02 -24.08
N SER E 87 10.55 35.22 -25.13
CA SER E 87 10.08 35.58 -26.48
C SER E 87 9.91 34.33 -27.31
N TYR E 88 9.01 34.42 -28.28
CA TYR E 88 8.87 33.44 -29.31
C TYR E 88 9.47 33.95 -30.63
N ASP E 89 10.12 33.07 -31.38
CA ASP E 89 10.71 33.47 -32.66
C ASP E 89 9.73 33.37 -33.82
N ASN E 90 8.60 32.70 -33.60
CA ASN E 90 7.60 32.40 -34.61
C ASN E 90 6.29 32.52 -33.88
N THR E 91 5.48 33.53 -34.21
CA THR E 91 4.22 33.72 -33.54
C THR E 91 3.06 33.26 -34.41
N GLY E 92 3.38 32.58 -35.51
CA GLY E 92 2.36 31.98 -36.37
C GLY E 92 1.96 30.59 -35.93
N ILE E 93 1.45 30.52 -34.73
CA ILE E 93 1.32 29.24 -34.01
C ILE E 93 0.01 29.33 -33.23
N ARG E 94 -0.39 28.19 -32.69
CA ARG E 94 -1.57 28.09 -31.88
C ARG E 94 -1.10 27.51 -30.55
N ALA E 95 -1.01 28.37 -29.55
CA ALA E 95 -0.28 28.06 -28.33
C ALA E 95 -0.48 29.18 -27.33
N ASP E 96 -0.18 28.86 -26.07
CA ASP E 96 -0.14 29.87 -25.04
C ASP E 96 1.13 29.82 -24.23
N VAL E 97 1.46 30.94 -23.57
CA VAL E 97 2.56 31.02 -22.61
C VAL E 97 1.93 31.39 -21.28
N ALA E 98 2.18 30.58 -20.25
CA ALA E 98 1.41 30.66 -19.03
C ALA E 98 2.18 30.15 -17.84
N TYR E 99 1.89 30.80 -16.71
CA TYR E 99 2.04 30.22 -15.38
C TYR E 99 0.94 29.22 -15.14
N ASP E 100 1.27 28.13 -14.43
CA ASP E 100 0.30 27.14 -14.02
C ASP E 100 0.59 26.81 -12.55
N LEU E 101 -0.40 27.07 -11.69
CA LEU E 101 -0.34 26.81 -10.27
C LEU E 101 -1.45 25.86 -9.94
N PHE E 102 -1.18 24.90 -9.05
CA PHE E 102 -2.26 24.08 -8.49
C PHE E 102 -2.35 24.27 -6.98
N THR E 103 -3.57 24.21 -6.46
CA THR E 103 -3.80 24.14 -5.05
C THR E 103 -4.66 22.94 -4.74
N ALA E 104 -4.57 22.48 -3.50
CA ALA E 104 -5.38 21.36 -3.06
C ALA E 104 -5.55 21.38 -1.57
N ALA E 105 -6.65 20.80 -1.11
CA ALA E 105 -6.87 20.67 0.33
C ALA E 105 -5.87 19.77 1.05
N ASP E 106 -5.37 18.78 0.32
CA ASP E 106 -4.39 17.82 0.80
C ASP E 106 -2.98 18.25 0.39
N ILE E 107 -2.13 18.64 1.36
CA ILE E 107 -0.79 19.20 1.03
C ILE E 107 0.07 18.18 0.27
N ASN E 108 -0.31 16.90 0.34
CA ASN E 108 0.37 15.84 -0.40
C ASN E 108 -0.32 15.41 -1.69
N HIS E 109 -1.34 16.14 -2.10
CA HIS E 109 -2.00 15.91 -3.41
C HIS E 109 -0.98 15.69 -4.53
N VAL E 110 -1.36 14.87 -5.48
CA VAL E 110 -0.56 14.78 -6.70
C VAL E 110 -0.34 16.15 -7.30
N THR E 111 0.85 16.37 -7.85
CA THR E 111 1.30 17.70 -8.25
C THR E 111 1.06 18.08 -9.73
N TRP E 112 0.35 17.23 -10.45
CA TRP E 112 0.00 17.49 -11.85
C TRP E 112 -1.47 17.90 -11.96
N SER E 113 -2.16 18.04 -10.83
CA SER E 113 -3.53 18.52 -10.83
C SER E 113 -3.82 19.09 -9.44
N GLY E 114 -5.00 19.67 -9.25
CA GLY E 114 -5.36 20.23 -7.96
C GLY E 114 -6.86 20.29 -7.81
N ASP E 115 -7.32 20.67 -6.63
CA ASP E 115 -8.72 21.04 -6.46
C ASP E 115 -8.97 22.32 -7.25
N TYR E 116 -7.99 23.20 -7.26
CA TYR E 116 -8.06 24.38 -8.09
C TYR E 116 -6.76 24.52 -8.87
N GLU E 117 -6.85 25.31 -9.94
CA GLU E 117 -5.73 25.68 -10.79
C GLU E 117 -5.83 27.17 -11.05
N LEU E 118 -4.71 27.86 -10.89
CA LEU E 118 -4.62 29.27 -11.25
C LEU E 118 -3.60 29.41 -12.35
N MET E 119 -4.03 29.94 -13.49
CA MET E 119 -3.15 30.15 -14.61
C MET E 119 -3.03 31.64 -14.86
N ILE E 120 -1.86 32.06 -15.30
CA ILE E 120 -1.66 33.42 -15.78
C ILE E 120 -1.06 33.33 -17.19
N TRP E 121 -1.89 33.64 -18.16
CA TRP E 121 -1.50 33.57 -19.55
C TRP E 121 -0.88 34.87 -20.00
N LEU E 122 0.44 34.85 -20.10
CA LEU E 122 1.18 36.03 -20.56
C LEU E 122 1.06 36.18 -22.08
N ALA E 123 0.68 35.13 -22.79
CA ALA E 123 0.49 35.22 -24.23
C ALA E 123 -0.41 34.12 -24.74
N ARG E 124 -1.13 34.43 -25.82
CA ARG E 124 -2.06 33.51 -26.46
C ARG E 124 -1.90 33.84 -27.95
N TYR E 125 -1.78 32.79 -28.76
CA TYR E 125 -1.65 32.91 -30.21
C TYR E 125 -2.71 32.03 -30.88
N GLY E 126 -3.19 32.50 -32.02
CA GLY E 126 -4.14 31.76 -32.84
C GLY E 126 -5.50 31.51 -32.21
N GLY E 127 -5.86 32.29 -31.18
CA GLY E 127 -7.20 32.20 -30.64
C GLY E 127 -7.43 31.08 -29.67
N VAL E 128 -6.38 30.37 -29.25
CA VAL E 128 -6.60 29.33 -28.28
C VAL E 128 -6.95 29.99 -26.94
N GLN E 129 -7.87 29.38 -26.22
CA GLN E 129 -8.47 30.01 -25.08
C GLN E 129 -8.44 29.08 -23.87
N PRO E 130 -8.46 29.68 -22.68
CA PRO E 130 -8.61 28.85 -21.49
C PRO E 130 -9.82 27.93 -21.48
N ILE E 131 -9.80 26.99 -20.54
CA ILE E 131 -11.00 26.25 -20.18
C ILE E 131 -12.09 27.18 -19.65
N GLY E 132 -13.33 26.93 -20.05
CA GLY E 132 -14.47 27.69 -19.54
C GLY E 132 -14.88 28.91 -20.33
N SER E 133 -15.23 29.97 -19.62
CA SER E 133 -15.65 31.23 -20.22
C SER E 133 -15.05 32.37 -19.44
N GLN E 134 -15.00 33.55 -20.05
CA GLN E 134 -14.63 34.74 -19.31
C GLN E 134 -15.77 35.16 -18.40
N ILE E 135 -15.48 35.34 -17.12
CA ILE E 135 -16.49 35.77 -16.18
C ILE E 135 -16.26 37.16 -15.65
N ALA E 136 -15.07 37.73 -15.83
CA ALA E 136 -14.79 38.99 -15.20
C ALA E 136 -13.54 39.62 -15.81
N THR E 137 -13.26 40.86 -15.42
CA THR E 137 -12.02 41.56 -15.77
C THR E 137 -11.35 42.06 -14.51
N ALA E 138 -10.09 41.69 -14.30
CA ALA E 138 -9.39 42.07 -13.07
C ALA E 138 -8.26 43.01 -13.41
N THR E 139 -8.00 43.96 -12.52
CA THR E 139 -6.85 44.86 -12.69
C THR E 139 -5.86 44.61 -11.58
N VAL E 140 -4.64 44.28 -11.96
CA VAL E 140 -3.52 44.04 -11.03
C VAL E 140 -2.32 44.87 -11.44
N ASP E 141 -1.81 45.72 -10.53
CA ASP E 141 -0.68 46.60 -10.82
C ASP E 141 -0.98 47.45 -12.08
N GLY E 142 -2.23 47.80 -12.26
CA GLY E 142 -2.67 48.68 -13.33
C GLY E 142 -2.87 47.98 -14.65
N GLN E 143 -2.59 46.68 -14.72
CA GLN E 143 -2.77 45.92 -15.95
C GLN E 143 -4.11 45.18 -15.91
N THR E 144 -4.92 45.27 -16.95
CA THR E 144 -6.17 44.47 -17.02
C THR E 144 -5.92 43.05 -17.51
N TRP E 145 -6.68 42.11 -16.94
CA TRP E 145 -6.64 40.70 -17.30
C TRP E 145 -8.08 40.25 -17.49
N GLU E 146 -8.30 39.42 -18.51
CA GLU E 146 -9.56 38.72 -18.65
C GLU E 146 -9.51 37.55 -17.68
N LEU E 147 -10.52 37.40 -16.83
CA LEU E 147 -10.58 36.28 -15.91
C LEU E 147 -11.55 35.25 -16.47
N TRP E 148 -11.02 34.07 -16.73
CA TRP E 148 -11.81 32.91 -17.16
C TRP E 148 -12.00 31.92 -16.01
N TYR E 149 -13.09 31.17 -16.08
CA TYR E 149 -13.37 30.13 -15.11
C TYR E 149 -13.89 28.95 -15.89
N GLY E 150 -13.26 27.80 -15.67
CA GLY E 150 -13.60 26.53 -16.31
C GLY E 150 -13.42 25.39 -15.35
N ALA E 151 -14.04 24.24 -15.66
CA ALA E 151 -13.91 23.10 -14.76
C ALA E 151 -14.10 21.79 -15.53
N ASN E 152 -13.42 20.76 -15.05
CA ASN E 152 -13.59 19.45 -15.67
C ASN E 152 -14.22 18.42 -14.76
N GLY E 153 -14.91 18.86 -13.73
CA GLY E 153 -15.52 17.88 -12.83
C GLY E 153 -14.75 17.52 -11.58
N SER E 154 -13.44 17.72 -11.56
CA SER E 154 -12.73 17.69 -10.27
C SER E 154 -11.90 18.95 -10.01
N GLN E 155 -11.37 19.50 -11.10
CA GLN E 155 -10.45 20.63 -11.01
C GLN E 155 -11.12 21.88 -11.54
N LYS E 156 -11.13 22.91 -10.72
CA LYS E 156 -11.67 24.21 -11.05
C LYS E 156 -10.50 25.14 -11.42
N THR E 157 -10.57 25.76 -12.59
CA THR E 157 -9.45 26.52 -13.15
C THR E 157 -9.83 27.97 -13.39
N TYR E 158 -9.09 28.84 -12.70
CA TYR E 158 -9.16 30.26 -12.98
C TYR E 158 -7.96 30.66 -13.84
N SER E 159 -8.22 31.28 -14.98
CA SER E 159 -7.16 31.74 -15.88
C SER E 159 -7.24 33.23 -16.12
N PHE E 160 -6.16 33.94 -15.79
CA PHE E 160 -6.04 35.37 -16.05
C PHE E 160 -5.27 35.54 -17.36
N VAL E 161 -5.88 36.23 -18.32
CA VAL E 161 -5.34 36.28 -19.67
C VAL E 161 -5.00 37.69 -20.07
N ALA E 162 -3.72 37.91 -20.39
CA ALA E 162 -3.28 39.21 -20.87
C ALA E 162 -3.97 39.56 -22.21
N PRO E 163 -4.39 40.81 -22.36
CA PRO E 163 -4.96 41.22 -23.66
C PRO E 163 -3.99 41.10 -24.83
N THR E 164 -2.70 41.34 -24.63
CA THR E 164 -1.68 41.13 -25.64
C THR E 164 -0.43 40.58 -24.95
N PRO E 165 0.50 40.02 -25.72
CA PRO E 165 1.58 39.26 -25.04
C PRO E 165 2.44 40.11 -24.15
N ILE E 166 2.67 39.61 -22.93
CA ILE E 166 3.54 40.25 -21.95
C ILE E 166 4.83 39.43 -21.93
N THR E 167 5.82 39.93 -22.67
CA THR E 167 7.12 39.29 -22.79
C THR E 167 8.09 39.58 -21.68
N SER E 168 7.80 40.61 -20.88
CA SER E 168 8.58 40.88 -19.71
C SER E 168 7.63 41.14 -18.54
N PHE E 169 7.50 40.14 -17.68
CA PHE E 169 6.52 40.19 -16.60
C PHE E 169 7.28 40.21 -15.29
N GLN E 170 6.82 41.04 -14.37
CA GLN E 170 7.27 40.95 -12.99
C GLN E 170 6.16 41.38 -12.07
N GLY E 171 5.84 40.51 -11.13
CA GLY E 171 4.73 40.79 -10.26
C GLY E 171 4.67 39.81 -9.12
N ASP E 172 3.57 39.85 -8.38
CA ASP E 172 3.39 39.05 -7.18
C ASP E 172 2.15 38.20 -7.45
N VAL E 173 2.35 36.89 -7.60
CA VAL E 173 1.25 36.00 -7.96
C VAL E 173 0.21 35.94 -6.85
N ASN E 174 0.59 36.33 -5.64
CA ASN E 174 -0.38 36.32 -4.57
C ASN E 174 -1.42 37.44 -4.72
N ASP E 175 -1.12 38.46 -5.53
CA ASP E 175 -2.16 39.46 -5.85
C ASP E 175 -3.35 38.84 -6.60
N PHE E 176 -3.04 37.83 -7.40
CA PHE E 176 -4.08 37.13 -8.14
C PHE E 176 -4.87 36.18 -7.20
N PHE E 177 -4.21 35.47 -6.29
CA PHE E 177 -4.92 34.71 -5.26
C PHE E 177 -5.80 35.60 -4.40
N LYS E 178 -5.24 36.76 -4.00
CA LYS E 178 -6.05 37.69 -3.24
C LYS E 178 -7.30 38.15 -3.98
N TYR E 179 -7.18 38.38 -5.29
CA TYR E 179 -8.32 38.79 -6.11
C TYR E 179 -9.40 37.71 -6.06
N LEU E 180 -8.98 36.46 -6.26
CA LEU E 180 -9.93 35.36 -6.21
C LEU E 180 -10.58 35.17 -4.83
N THR E 181 -9.78 35.33 -3.80
CA THR E 181 -10.26 35.14 -2.42
C THR E 181 -11.30 36.22 -2.12
N GLN E 182 -11.02 37.43 -2.58
CA GLN E 182 -11.91 38.57 -2.29
C GLN E 182 -13.12 38.65 -3.21
N ASN E 183 -13.01 38.24 -4.47
CA ASN E 183 -14.09 38.39 -5.44
C ASN E 183 -14.80 37.14 -5.92
N HIS E 184 -14.21 35.97 -5.73
CA HIS E 184 -14.76 34.73 -6.24
C HIS E 184 -14.81 33.59 -5.24
N GLY E 185 -14.83 33.93 -3.95
CA GLY E 185 -14.97 32.93 -2.91
C GLY E 185 -13.90 31.84 -2.88
N PHE E 186 -12.72 32.11 -3.42
CA PHE E 186 -11.68 31.08 -3.39
C PHE E 186 -11.34 30.73 -1.94
N PRO E 187 -11.29 29.42 -1.61
CA PRO E 187 -11.15 29.03 -0.19
C PRO E 187 -9.70 29.00 0.27
N ALA E 188 -9.11 30.19 0.35
CA ALA E 188 -7.70 30.34 0.59
C ALA E 188 -7.27 29.66 1.87
N SER E 189 -8.14 29.65 2.89
CA SER E 189 -7.73 29.17 4.19
C SER E 189 -7.73 27.66 4.29
N SER E 190 -8.16 26.97 3.24
CA SER E 190 -8.11 25.53 3.23
C SER E 190 -7.45 24.95 2.01
N GLN E 191 -6.80 25.77 1.20
CA GLN E 191 -6.16 25.26 0.02
C GLN E 191 -4.66 25.51 0.14
N TYR E 192 -3.86 24.45 -0.02
CA TYR E 192 -2.42 24.59 -0.03
C TYR E 192 -1.96 24.82 -1.47
N LEU E 193 -1.00 25.72 -1.65
CA LEU E 193 -0.35 25.85 -2.91
C LEU E 193 0.68 24.75 -3.04
N ILE E 194 0.50 23.94 -4.08
CA ILE E 194 1.34 22.77 -4.26
C ILE E 194 2.23 22.76 -5.47
N THR E 195 1.98 23.63 -6.45
CA THR E 195 2.79 23.68 -7.68
C THR E 195 2.88 25.10 -8.22
N LEU E 196 4.00 25.45 -8.80
CA LEU E 196 4.19 26.75 -9.43
C LEU E 196 5.15 26.58 -10.59
N GLN E 197 4.60 26.71 -11.80
CA GLN E 197 5.34 26.43 -13.02
C GLN E 197 5.13 27.55 -14.03
N PHE E 198 6.01 27.59 -15.03
CA PHE E 198 5.88 28.52 -16.11
C PHE E 198 6.40 27.87 -17.37
N GLY E 199 5.65 28.05 -18.45
CA GLY E 199 6.04 27.48 -19.73
C GLY E 199 5.07 27.75 -20.83
N THR E 200 5.00 26.83 -21.79
CA THR E 200 4.20 27.04 -22.99
C THR E 200 3.45 25.79 -23.35
N ALA E 201 2.19 25.96 -23.71
CA ALA E 201 1.31 24.88 -24.14
C ALA E 201 0.98 25.01 -25.61
N PRO E 202 1.64 24.20 -26.45
CA PRO E 202 1.32 24.23 -27.88
C PRO E 202 0.19 23.31 -28.27
N PHE E 203 -0.59 23.77 -29.24
CA PHE E 203 -1.57 22.96 -29.92
C PHE E 203 -1.02 22.53 -31.28
N THR E 204 -0.79 23.49 -32.17
CA THR E 204 -0.31 23.21 -33.49
C THR E 204 0.60 24.33 -33.95
N GLY E 205 1.45 23.97 -34.88
CA GLY E 205 2.34 24.92 -35.53
C GLY E 205 3.79 24.50 -35.49
N GLY E 206 4.64 25.45 -35.82
CA GLY E 206 6.08 25.27 -35.69
C GLY E 206 6.74 24.94 -37.02
N PRO E 207 8.07 24.88 -37.03
CA PRO E 207 8.86 24.94 -35.80
C PRO E 207 8.88 26.29 -35.15
N ALA E 208 8.88 26.30 -33.82
CA ALA E 208 8.84 27.52 -33.06
C ALA E 208 9.66 27.28 -31.81
N THR E 209 10.37 28.32 -31.38
CA THR E 209 11.16 28.30 -30.15
C THR E 209 10.75 29.36 -29.17
N LEU E 210 10.43 28.92 -27.97
CA LEU E 210 10.20 29.80 -26.84
C LEU E 210 11.56 29.91 -26.19
N SER E 211 12.08 31.13 -26.07
CA SER E 211 13.31 31.37 -25.30
C SER E 211 12.95 32.07 -24.02
N VAL E 212 13.20 31.39 -22.90
CA VAL E 212 12.99 32.00 -21.60
C VAL E 212 14.35 32.52 -21.13
N SER E 213 14.56 33.84 -21.25
CA SER E 213 15.84 34.41 -20.90
C SER E 213 16.05 34.45 -19.40
N ASN E 214 14.96 34.60 -18.65
CA ASN E 214 15.00 34.55 -17.20
C ASN E 214 13.63 34.21 -16.62
N TRP E 215 13.62 33.29 -15.66
CA TRP E 215 12.46 32.98 -14.86
C TRP E 215 12.88 32.74 -13.45
N SER E 216 12.22 33.39 -12.52
CA SER E 216 12.44 33.12 -11.12
C SER E 216 11.13 33.24 -10.39
N ALA E 217 11.04 32.60 -9.23
CA ALA E 217 9.89 32.77 -8.39
C ALA E 217 10.28 32.37 -6.98
N SER E 218 9.48 32.82 -6.02
CA SER E 218 9.64 32.37 -4.64
C SER E 218 8.28 32.40 -4.00
N VAL E 219 8.11 31.64 -2.92
CA VAL E 219 6.86 31.60 -2.17
C VAL E 219 7.17 31.81 -0.69
N GLN E 220 6.70 32.92 -0.14
CA GLN E 220 7.02 33.30 1.24
C GLN E 220 5.70 33.48 1.97
N GLN F 3 -5.15 5.70 -40.73
CA GLN F 3 -4.32 4.78 -39.92
C GLN F 3 -5.23 3.86 -39.12
N LEU F 4 -4.86 2.59 -39.03
CA LEU F 4 -5.65 1.60 -38.31
C LEU F 4 -5.00 1.33 -36.98
N CYS F 5 -5.53 1.92 -35.90
CA CYS F 5 -4.97 1.83 -34.56
C CYS F 5 -5.72 0.96 -33.58
N ASP F 6 -7.05 0.91 -33.71
CA ASP F 6 -7.86 0.06 -32.82
C ASP F 6 -7.51 -1.42 -33.02
N GLN F 7 -7.90 -2.23 -32.03
CA GLN F 7 -7.58 -3.66 -32.02
C GLN F 7 -7.86 -4.36 -33.35
N TYR F 8 -9.06 -4.21 -33.90
CA TYR F 8 -9.46 -4.86 -35.16
C TYR F 8 -9.81 -3.85 -36.26
N ALA F 9 -9.07 -2.74 -36.28
CA ALA F 9 -9.22 -1.78 -37.34
C ALA F 9 -8.69 -2.38 -38.63
N THR F 10 -9.39 -2.07 -39.73
CA THR F 10 -9.23 -2.82 -40.98
C THR F 10 -9.61 -1.96 -42.18
N TYR F 11 -9.07 -2.33 -43.34
CA TYR F 11 -9.32 -1.65 -44.61
C TYR F 11 -9.18 -2.69 -45.67
N THR F 12 -10.16 -2.72 -46.55
CA THR F 12 -10.14 -3.60 -47.71
C THR F 12 -10.09 -2.77 -48.99
N GLY F 13 -9.18 -3.17 -49.86
CA GLY F 13 -9.08 -2.60 -51.20
C GLY F 13 -8.77 -3.69 -52.17
N GLY F 14 -9.65 -3.83 -53.15
CA GLY F 14 -9.61 -4.99 -54.06
C GLY F 14 -9.73 -6.33 -53.32
N VAL F 15 -8.75 -7.19 -53.56
CA VAL F 15 -8.72 -8.52 -52.95
C VAL F 15 -7.83 -8.59 -51.73
N TYR F 16 -7.43 -7.43 -51.20
CA TYR F 16 -6.59 -7.36 -50.01
C TYR F 16 -7.27 -6.70 -48.83
N THR F 17 -7.21 -7.37 -47.67
CA THR F 17 -7.72 -6.84 -46.43
C THR F 17 -6.53 -6.65 -45.50
N ILE F 18 -6.37 -5.45 -44.97
CA ILE F 18 -5.31 -5.15 -44.01
C ILE F 18 -5.95 -4.99 -42.65
N ASN F 19 -5.45 -5.73 -41.66
CA ASN F 19 -6.09 -5.75 -40.32
C ASN F 19 -4.96 -5.44 -39.36
N ASN F 20 -5.19 -4.55 -38.39
CA ASN F 20 -4.19 -4.27 -37.33
C ASN F 20 -4.06 -5.50 -36.42
N ASN F 21 -5.19 -6.15 -36.20
CA ASN F 21 -5.27 -7.46 -35.58
C ASN F 21 -4.42 -7.54 -34.28
N LEU F 22 -4.73 -6.71 -33.31
CA LEU F 22 -4.02 -6.78 -32.04
C LEU F 22 -4.66 -7.81 -31.11
N TRP F 23 -4.65 -9.07 -31.52
CA TRP F 23 -5.46 -10.07 -30.87
C TRP F 23 -4.93 -10.42 -29.50
N GLY F 24 -3.64 -10.22 -29.32
CA GLY F 24 -2.95 -10.58 -28.09
C GLY F 24 -2.66 -9.40 -27.18
N LYS F 25 -3.34 -8.28 -27.38
CA LYS F 25 -2.94 -7.03 -26.74
C LYS F 25 -3.04 -7.05 -25.20
N ASP F 26 -3.92 -7.87 -24.66
CA ASP F 26 -4.12 -7.93 -23.20
C ASP F 26 -2.97 -8.70 -22.57
N ALA F 27 -2.15 -9.34 -23.38
CA ALA F 27 -1.01 -10.07 -22.81
C ALA F 27 0.17 -9.16 -22.43
N GLY F 28 0.14 -7.91 -22.86
CA GLY F 28 1.17 -6.97 -22.43
C GLY F 28 0.71 -5.54 -22.48
N SER F 29 1.67 -4.64 -22.61
CA SER F 29 1.39 -3.22 -22.61
C SER F 29 2.12 -2.55 -23.78
N GLY F 30 1.39 -1.69 -24.49
CA GLY F 30 1.93 -1.05 -25.69
C GLY F 30 0.86 -0.62 -26.69
N SER F 31 1.24 -0.42 -27.95
CA SER F 31 0.29 0.09 -28.94
C SER F 31 0.88 -0.20 -30.31
N GLN F 32 0.04 -0.09 -31.32
CA GLN F 32 0.37 -0.50 -32.67
C GLN F 32 -0.65 0.11 -33.62
N CYS F 33 -0.14 0.76 -34.68
CA CYS F 33 -0.99 1.34 -35.73
C CYS F 33 -0.50 0.82 -37.08
N THR F 34 -1.43 0.55 -38.00
CA THR F 34 -1.08 -0.02 -39.29
C THR F 34 -1.58 0.94 -40.35
N THR F 35 -0.73 1.25 -41.32
CA THR F 35 -0.98 2.25 -42.33
C THR F 35 -1.06 1.56 -43.68
N VAL F 36 -2.14 1.80 -44.42
CA VAL F 36 -2.25 1.24 -45.75
C VAL F 36 -1.74 2.25 -46.75
N ASN F 37 -0.82 1.84 -47.61
CA ASN F 37 -0.31 2.68 -48.67
C ASN F 37 -1.04 2.43 -49.96
N SER F 38 -1.25 1.16 -50.32
CA SER F 38 -2.06 0.86 -51.48
C SER F 38 -2.70 -0.52 -51.32
N ALA F 39 -3.81 -0.75 -52.02
CA ALA F 39 -4.41 -2.09 -52.05
C ALA F 39 -5.30 -2.20 -53.27
N SER F 40 -4.91 -3.04 -54.22
CA SER F 40 -5.52 -3.08 -55.54
C SER F 40 -5.69 -4.53 -55.97
N SER F 41 -6.18 -4.72 -57.19
CA SER F 41 -6.24 -6.03 -57.80
C SER F 41 -4.88 -6.74 -57.88
N ALA F 42 -3.80 -5.97 -57.93
CA ALA F 42 -2.47 -6.48 -58.22
C ALA F 42 -1.59 -6.73 -56.99
N GLY F 43 -1.82 -5.98 -55.93
CA GLY F 43 -1.02 -6.18 -54.74
C GLY F 43 -1.30 -5.13 -53.71
N THR F 44 -0.58 -5.21 -52.61
CA THR F 44 -0.78 -4.23 -51.57
C THR F 44 0.56 -3.78 -50.99
N SER F 45 0.54 -2.58 -50.43
CA SER F 45 1.67 -2.02 -49.72
C SER F 45 1.17 -1.35 -48.46
N TRP F 46 1.81 -1.69 -47.33
CA TRP F 46 1.37 -1.19 -46.03
C TRP F 46 2.53 -1.21 -45.04
N SER F 47 2.31 -0.63 -43.87
CA SER F 47 3.32 -0.63 -42.81
C SER F 47 2.62 -0.74 -41.47
N THR F 48 3.37 -1.20 -40.48
CA THR F 48 2.85 -1.26 -39.14
C THR F 48 3.94 -0.92 -38.14
N LYS F 49 3.56 -0.11 -37.17
CA LYS F 49 4.50 0.42 -36.17
C LYS F 49 4.00 0.06 -34.81
N TRP F 50 4.87 -0.55 -34.00
CA TRP F 50 4.44 -1.07 -32.71
C TRP F 50 5.52 -0.91 -31.66
N ASN F 51 5.08 -0.90 -30.40
CA ASN F 51 5.95 -1.09 -29.24
C ASN F 51 5.18 -1.96 -28.26
N TRP F 52 5.82 -3.03 -27.79
CA TRP F 52 5.18 -4.01 -26.89
C TRP F 52 6.14 -4.41 -25.78
N SER F 53 5.63 -4.47 -24.57
CA SER F 53 6.36 -5.03 -23.45
C SER F 53 5.47 -5.96 -22.63
N GLY F 54 6.08 -6.77 -21.77
CA GLY F 54 5.36 -7.74 -20.97
C GLY F 54 5.01 -8.97 -21.78
N GLY F 55 4.52 -9.99 -21.10
CA GLY F 55 4.03 -11.23 -21.72
C GLY F 55 5.06 -11.83 -22.68
N GLU F 56 6.29 -11.98 -22.20
CA GLU F 56 7.43 -12.18 -23.10
C GLU F 56 7.31 -13.39 -24.03
N ASN F 57 6.61 -14.44 -23.62
CA ASN F 57 6.44 -15.57 -24.51
C ASN F 57 5.07 -15.59 -25.17
N SER F 58 4.43 -14.43 -25.24
CA SER F 58 3.09 -14.25 -25.83
C SER F 58 3.08 -13.26 -26.99
N VAL F 59 2.55 -13.72 -28.13
CA VAL F 59 2.38 -12.82 -29.27
C VAL F 59 1.31 -11.77 -28.94
N LYS F 60 1.59 -10.51 -29.29
CA LYS F 60 0.65 -9.43 -29.02
C LYS F 60 -0.35 -9.19 -30.14
N SER F 61 0.06 -9.50 -31.36
CA SER F 61 -0.72 -9.07 -32.52
C SER F 61 -0.21 -9.79 -33.76
N TYR F 62 -0.98 -9.72 -34.83
CA TYR F 62 -0.50 -10.15 -36.14
C TYR F 62 -1.09 -9.28 -37.24
N ALA F 63 -0.62 -8.03 -37.26
CA ALA F 63 -1.01 -7.13 -38.31
C ALA F 63 -0.63 -7.79 -39.62
N ASN F 64 -1.52 -7.76 -40.58
CA ASN F 64 -1.37 -8.55 -41.78
C ASN F 64 -2.21 -8.01 -42.92
N SER F 65 -1.79 -8.37 -44.12
CA SER F 65 -2.60 -8.31 -45.30
C SER F 65 -3.04 -9.72 -45.66
N GLY F 66 -4.33 -9.88 -45.89
CA GLY F 66 -4.92 -11.17 -46.30
C GLY F 66 -5.56 -11.10 -47.66
N LEU F 67 -5.57 -12.26 -48.31
CA LEU F 67 -6.07 -12.38 -49.65
C LEU F 67 -7.50 -12.85 -49.67
N THR F 68 -8.32 -12.22 -50.51
CA THR F 68 -9.62 -12.78 -50.88
C THR F 68 -9.46 -13.72 -52.07
N PHE F 69 -9.86 -14.98 -51.92
CA PHE F 69 -9.72 -15.94 -53.01
C PHE F 69 -10.78 -17.03 -52.94
N ASN F 70 -10.86 -17.80 -54.01
CA ASN F 70 -11.81 -18.87 -54.10
C ASN F 70 -11.23 -20.09 -53.38
N LYS F 71 -11.81 -20.44 -52.26
CA LYS F 71 -11.30 -21.51 -51.41
C LYS F 71 -11.42 -22.85 -52.17
N LYS F 72 -10.39 -23.68 -52.04
CA LYS F 72 -10.43 -25.00 -52.66
C LYS F 72 -9.63 -26.03 -51.91
N LEU F 73 -9.93 -27.29 -52.19
CA LEU F 73 -9.17 -28.39 -51.63
C LEU F 73 -7.71 -28.24 -52.01
N VAL F 74 -6.85 -28.57 -51.06
CA VAL F 74 -5.41 -28.43 -51.28
C VAL F 74 -4.97 -29.35 -52.44
N SER F 75 -5.58 -30.54 -52.55
CA SER F 75 -5.23 -31.49 -53.62
C SER F 75 -5.62 -30.92 -54.98
N GLN F 76 -6.56 -29.99 -55.01
CA GLN F 76 -6.99 -29.39 -56.27
C GLN F 76 -6.22 -28.11 -56.67
N ILE F 77 -5.34 -27.61 -55.81
CA ILE F 77 -4.69 -26.34 -56.10
C ILE F 77 -3.50 -26.61 -57.02
N SER F 78 -3.30 -25.74 -58.00
CA SER F 78 -2.19 -25.87 -58.98
C SER F 78 -1.02 -24.98 -58.61
N GLN F 79 -1.32 -23.76 -58.16
CA GLN F 79 -0.31 -22.84 -57.71
C GLN F 79 -0.86 -21.74 -56.81
N ILE F 80 0.03 -21.26 -55.94
CA ILE F 80 -0.22 -20.15 -55.03
C ILE F 80 0.94 -19.18 -55.17
N PRO F 81 0.98 -18.47 -56.29
CA PRO F 81 2.11 -17.59 -56.51
C PRO F 81 2.03 -16.41 -55.57
N THR F 82 3.18 -16.00 -55.06
CA THR F 82 3.19 -14.89 -54.14
C THR F 82 4.50 -14.13 -54.23
N THR F 83 4.47 -12.87 -53.83
CA THR F 83 5.67 -12.06 -53.65
C THR F 83 5.55 -11.30 -52.34
N ALA F 84 6.67 -11.03 -51.66
CA ALA F 84 6.67 -10.28 -50.43
C ALA F 84 8.02 -9.55 -50.35
N ARG F 85 7.95 -8.24 -50.32
CA ARG F 85 9.12 -7.39 -50.19
C ARG F 85 8.92 -6.43 -49.04
N TRP F 86 9.82 -6.52 -48.06
CA TRP F 86 9.58 -5.92 -46.77
C TRP F 86 10.91 -5.60 -46.09
N SER F 87 10.83 -4.70 -45.10
CA SER F 87 11.97 -4.43 -44.23
C SER F 87 11.52 -4.00 -42.85
N TYR F 88 12.37 -4.25 -41.85
CA TYR F 88 12.17 -3.66 -40.53
C TYR F 88 13.17 -2.52 -40.36
N ASP F 89 12.73 -1.43 -39.73
CA ASP F 89 13.67 -0.34 -39.43
C ASP F 89 14.54 -0.58 -38.18
N ASN F 90 14.11 -1.47 -37.30
CA ASN F 90 14.75 -1.74 -36.02
C ASN F 90 14.64 -3.24 -35.82
N THR F 91 15.75 -3.96 -35.86
CA THR F 91 15.69 -5.39 -35.74
C THR F 91 16.10 -5.85 -34.32
N GLY F 92 16.23 -4.93 -33.38
CA GLY F 92 16.49 -5.31 -31.99
C GLY F 92 15.20 -5.58 -31.26
N ILE F 93 14.48 -6.60 -31.75
CA ILE F 93 13.10 -6.86 -31.36
C ILE F 93 12.95 -8.37 -31.19
N ARG F 94 11.79 -8.77 -30.66
CA ARG F 94 11.52 -10.18 -30.48
C ARG F 94 10.21 -10.43 -31.24
N ALA F 95 10.32 -10.96 -32.45
CA ALA F 95 9.26 -10.90 -33.48
C ALA F 95 9.57 -11.76 -34.66
N ASP F 96 8.53 -12.13 -35.40
CA ASP F 96 8.72 -12.86 -36.65
C ASP F 96 7.95 -12.19 -37.80
N VAL F 97 8.38 -12.47 -39.02
CA VAL F 97 7.68 -12.01 -40.22
C VAL F 97 7.30 -13.29 -40.98
N ALA F 98 6.01 -13.47 -41.22
CA ALA F 98 5.52 -14.75 -41.68
C ALA F 98 4.24 -14.67 -42.52
N TYR F 99 4.14 -15.62 -43.44
CA TYR F 99 2.89 -16.05 -44.02
C TYR F 99 2.17 -16.93 -43.02
N ASP F 100 0.83 -16.87 -43.03
CA ASP F 100 -0.01 -17.68 -42.17
C ASP F 100 -1.19 -18.16 -43.01
N LEU F 101 -1.28 -19.46 -43.18
CA LEU F 101 -2.35 -20.07 -43.96
C LEU F 101 -3.06 -21.06 -43.05
N PHE F 102 -4.38 -21.11 -43.15
CA PHE F 102 -5.15 -22.14 -42.45
C PHE F 102 -5.83 -23.02 -43.48
N THR F 103 -5.98 -24.29 -43.11
CA THR F 103 -6.82 -25.22 -43.86
C THR F 103 -7.83 -25.83 -42.90
N ALA F 104 -8.96 -26.26 -43.44
CA ALA F 104 -9.94 -26.99 -42.66
C ALA F 104 -10.70 -27.96 -43.54
N ALA F 105 -11.23 -29.00 -42.91
CA ALA F 105 -12.09 -29.95 -43.65
C ALA F 105 -13.42 -29.35 -44.07
N ASP F 106 -13.81 -28.28 -43.37
CA ASP F 106 -15.08 -27.57 -43.60
C ASP F 106 -14.69 -26.27 -44.31
N ILE F 107 -15.19 -26.10 -45.52
CA ILE F 107 -14.83 -24.94 -46.34
C ILE F 107 -15.38 -23.66 -45.74
N ASN F 108 -16.34 -23.79 -44.81
CA ASN F 108 -16.93 -22.66 -44.11
C ASN F 108 -16.42 -22.50 -42.67
N HIS F 109 -15.28 -23.10 -42.39
CA HIS F 109 -14.65 -22.96 -41.08
C HIS F 109 -14.32 -21.49 -40.82
N VAL F 110 -14.30 -21.11 -39.55
CA VAL F 110 -13.86 -19.77 -39.20
C VAL F 110 -12.44 -19.56 -39.72
N THR F 111 -12.08 -18.33 -40.04
CA THR F 111 -10.85 -18.10 -40.78
C THR F 111 -9.62 -17.70 -39.96
N TRP F 112 -9.78 -17.62 -38.66
CA TRP F 112 -8.68 -17.22 -37.78
C TRP F 112 -8.05 -18.44 -37.12
N SER F 113 -8.46 -19.62 -37.58
CA SER F 113 -7.93 -20.90 -37.07
C SER F 113 -8.27 -21.99 -38.12
N GLY F 114 -7.66 -23.15 -37.98
CA GLY F 114 -7.91 -24.25 -38.90
C GLY F 114 -7.66 -25.61 -38.30
N ASP F 115 -8.04 -26.67 -39.01
CA ASP F 115 -7.56 -28.00 -38.68
C ASP F 115 -6.04 -28.03 -38.77
N TYR F 116 -5.51 -27.41 -39.82
CA TYR F 116 -4.08 -27.23 -39.95
C TYR F 116 -3.72 -25.79 -40.24
N GLU F 117 -2.49 -25.46 -39.85
CA GLU F 117 -1.91 -24.17 -40.10
C GLU F 117 -0.57 -24.37 -40.76
N LEU F 118 -0.32 -23.62 -41.85
CA LEU F 118 0.95 -23.59 -42.50
C LEU F 118 1.53 -22.18 -42.40
N MET F 119 2.69 -22.08 -41.76
CA MET F 119 3.38 -20.78 -41.66
C MET F 119 4.68 -20.83 -42.43
N ILE F 120 5.06 -19.73 -43.07
CA ILE F 120 6.36 -19.61 -43.70
C ILE F 120 6.98 -18.37 -43.09
N TRP F 121 7.96 -18.56 -42.21
CA TRP F 121 8.62 -17.43 -41.54
C TRP F 121 9.75 -16.93 -42.41
N LEU F 122 9.57 -15.75 -42.99
CA LEU F 122 10.62 -15.11 -43.77
C LEU F 122 11.68 -14.54 -42.86
N ALA F 123 11.34 -14.31 -41.60
CA ALA F 123 12.35 -13.79 -40.68
C ALA F 123 11.94 -14.04 -39.25
N ARG F 124 12.95 -14.21 -38.40
CA ARG F 124 12.75 -14.17 -36.97
C ARG F 124 13.87 -13.40 -36.27
N TYR F 125 13.48 -12.73 -35.22
CA TYR F 125 14.38 -11.91 -34.44
C TYR F 125 14.27 -12.32 -32.98
N GLY F 126 15.43 -12.33 -32.31
CA GLY F 126 15.46 -12.52 -30.87
C GLY F 126 15.29 -13.97 -30.46
N GLY F 127 15.36 -14.88 -31.41
CA GLY F 127 15.32 -16.29 -31.11
C GLY F 127 13.91 -16.82 -30.86
N VAL F 128 12.88 -16.04 -31.16
CA VAL F 128 11.50 -16.53 -31.00
C VAL F 128 11.24 -17.68 -31.95
N GLN F 129 10.43 -18.64 -31.49
CA GLN F 129 10.31 -19.89 -32.19
C GLN F 129 8.84 -20.29 -32.41
N PRO F 130 8.63 -21.02 -33.49
CA PRO F 130 7.31 -21.52 -33.85
C PRO F 130 6.83 -22.39 -32.73
N ILE F 131 5.55 -22.72 -32.71
CA ILE F 131 5.08 -23.82 -31.87
C ILE F 131 5.69 -25.18 -32.23
N GLY F 132 5.97 -25.97 -31.20
CA GLY F 132 6.45 -27.34 -31.45
C GLY F 132 7.95 -27.53 -31.42
N SER F 133 8.41 -28.48 -32.21
CA SER F 133 9.85 -28.71 -32.30
C SER F 133 10.18 -28.70 -33.76
N GLN F 134 11.47 -28.62 -34.06
CA GLN F 134 11.94 -28.84 -35.42
C GLN F 134 11.95 -30.34 -35.73
N ILE F 135 11.33 -30.72 -36.84
CA ILE F 135 11.12 -32.11 -37.24
C ILE F 135 11.93 -32.49 -38.46
N ALA F 136 12.55 -31.50 -39.07
CA ALA F 136 13.20 -31.69 -40.34
C ALA F 136 13.86 -30.38 -40.77
N THR F 137 14.86 -30.52 -41.61
CA THR F 137 15.41 -29.43 -42.36
C THR F 137 14.97 -29.70 -43.79
N ALA F 138 14.14 -28.83 -44.35
CA ALA F 138 13.36 -29.15 -45.55
C ALA F 138 13.84 -28.28 -46.70
N THR F 139 14.01 -28.89 -47.87
CA THR F 139 14.36 -28.10 -49.06
C THR F 139 13.14 -28.01 -49.99
N VAL F 140 12.69 -26.76 -50.13
CA VAL F 140 11.52 -26.43 -50.92
C VAL F 140 11.94 -25.36 -51.90
N ASP F 141 11.78 -25.65 -53.19
CA ASP F 141 12.19 -24.73 -54.25
C ASP F 141 13.58 -24.08 -53.98
N GLY F 142 14.58 -24.91 -53.64
CA GLY F 142 15.99 -24.49 -53.58
C GLY F 142 16.32 -23.49 -52.47
N GLN F 143 15.46 -23.51 -51.46
CA GLN F 143 15.74 -22.87 -50.19
C GLN F 143 15.52 -23.88 -49.05
N THR F 144 16.34 -23.80 -48.03
CA THR F 144 16.24 -24.73 -46.94
C THR F 144 15.46 -24.00 -45.85
N TRP F 145 14.62 -24.75 -45.18
CA TRP F 145 13.77 -24.22 -44.13
C TRP F 145 13.92 -25.13 -42.92
N GLU F 146 14.00 -24.56 -41.71
CA GLU F 146 13.74 -25.36 -40.53
C GLU F 146 12.25 -25.67 -40.57
N LEU F 147 11.87 -26.93 -40.52
CA LEU F 147 10.44 -27.29 -40.47
C LEU F 147 10.05 -27.71 -39.06
N TRP F 148 9.17 -26.91 -38.47
CA TRP F 148 8.69 -27.17 -37.15
C TRP F 148 7.29 -27.73 -37.29
N TYR F 149 6.89 -28.52 -36.30
CA TYR F 149 5.55 -29.03 -36.18
C TYR F 149 5.16 -29.03 -34.73
N GLY F 150 3.98 -28.50 -34.44
CA GLY F 150 3.37 -28.64 -33.13
C GLY F 150 1.87 -28.49 -33.20
N ALA F 151 1.16 -28.95 -32.19
CA ALA F 151 -0.29 -28.75 -32.18
C ALA F 151 -0.82 -28.08 -30.91
N ASN F 152 -1.69 -27.09 -31.08
CA ASN F 152 -2.47 -26.54 -29.97
C ASN F 152 -3.94 -26.89 -30.13
N GLY F 153 -4.42 -27.76 -29.23
CA GLY F 153 -5.75 -28.34 -29.33
C GLY F 153 -5.95 -28.95 -30.70
N SER F 154 -7.01 -28.53 -31.38
CA SER F 154 -7.37 -29.11 -32.67
C SER F 154 -6.55 -28.52 -33.83
N GLN F 155 -5.80 -27.45 -33.57
CA GLN F 155 -4.98 -26.88 -34.63
C GLN F 155 -3.56 -27.42 -34.63
N LYS F 156 -3.20 -27.99 -35.78
CA LYS F 156 -1.91 -28.57 -36.04
C LYS F 156 -1.14 -27.64 -36.99
N THR F 157 0.01 -27.18 -36.51
CA THR F 157 0.79 -26.17 -37.22
C THR F 157 2.14 -26.68 -37.70
N TYR F 158 2.36 -26.54 -39.00
CA TYR F 158 3.67 -26.70 -39.60
C TYR F 158 4.23 -25.33 -39.88
N SER F 159 5.47 -25.09 -39.49
CA SER F 159 6.06 -23.78 -39.72
C SER F 159 7.37 -23.98 -40.44
N PHE F 160 7.51 -23.38 -41.62
CA PHE F 160 8.79 -23.39 -42.32
C PHE F 160 9.56 -22.13 -41.99
N VAL F 161 10.77 -22.25 -41.47
CA VAL F 161 11.49 -21.08 -40.98
C VAL F 161 12.80 -20.80 -41.72
N ALA F 162 12.92 -19.58 -42.23
CA ALA F 162 14.13 -19.22 -42.96
C ALA F 162 15.28 -19.19 -41.97
N PRO F 163 16.42 -19.78 -42.34
CA PRO F 163 17.63 -19.55 -41.50
C PRO F 163 18.01 -18.09 -41.23
N THR F 164 17.96 -17.25 -42.26
CA THR F 164 18.28 -15.82 -42.08
C THR F 164 17.24 -15.03 -42.88
N PRO F 165 17.07 -13.75 -42.54
CA PRO F 165 15.87 -13.10 -43.06
C PRO F 165 15.80 -13.06 -44.58
N ILE F 166 14.63 -13.34 -45.14
CA ILE F 166 14.38 -13.18 -46.58
C ILE F 166 13.46 -11.97 -46.75
N THR F 167 14.01 -10.83 -47.18
CA THR F 167 13.32 -9.55 -47.30
C THR F 167 12.75 -9.34 -48.69
N SER F 168 13.12 -10.23 -49.63
CA SER F 168 12.59 -10.17 -50.98
C SER F 168 12.30 -11.56 -51.51
N PHE F 169 11.04 -11.94 -51.33
CA PHE F 169 10.60 -13.32 -51.51
C PHE F 169 9.70 -13.40 -52.73
N GLN F 170 9.90 -14.45 -53.54
CA GLN F 170 8.96 -14.81 -54.59
C GLN F 170 8.90 -16.33 -54.58
N GLY F 171 7.70 -16.87 -54.50
CA GLY F 171 7.58 -18.33 -54.50
C GLY F 171 6.15 -18.78 -54.76
N ASP F 172 5.96 -20.09 -54.70
CA ASP F 172 4.67 -20.73 -54.93
C ASP F 172 4.41 -21.48 -53.64
N VAL F 173 3.50 -20.95 -52.83
CA VAL F 173 3.24 -21.56 -51.55
C VAL F 173 2.76 -23.02 -51.75
N ASN F 174 2.18 -23.32 -52.89
CA ASN F 174 1.73 -24.70 -53.10
C ASN F 174 2.88 -25.74 -53.05
N ASP F 175 4.11 -25.31 -53.31
CA ASP F 175 5.29 -26.17 -53.16
C ASP F 175 5.46 -26.67 -51.71
N PHE F 176 5.00 -25.88 -50.73
CA PHE F 176 5.07 -26.24 -49.32
C PHE F 176 3.95 -27.25 -49.02
N PHE F 177 2.75 -27.03 -49.54
CA PHE F 177 1.65 -28.03 -49.40
C PHE F 177 2.13 -29.35 -50.01
N LYS F 178 2.72 -29.29 -51.19
CA LYS F 178 3.11 -30.53 -51.88
C LYS F 178 4.19 -31.28 -51.11
N TYR F 179 5.07 -30.52 -50.48
CA TYR F 179 6.07 -31.07 -49.60
C TYR F 179 5.44 -31.78 -48.39
N LEU F 180 4.46 -31.17 -47.74
CA LEU F 180 3.82 -31.79 -46.60
C LEU F 180 3.00 -33.00 -47.02
N THR F 181 2.38 -32.92 -48.20
CA THR F 181 1.54 -34.01 -48.67
C THR F 181 2.43 -35.25 -48.95
N GLN F 182 3.57 -34.98 -49.54
CA GLN F 182 4.49 -36.02 -49.98
C GLN F 182 5.28 -36.56 -48.81
N ASN F 183 5.62 -35.73 -47.83
CA ASN F 183 6.57 -36.18 -46.81
C ASN F 183 6.04 -36.31 -45.40
N HIS F 184 4.85 -35.75 -45.12
CA HIS F 184 4.31 -35.71 -43.77
C HIS F 184 2.80 -36.06 -43.72
N GLY F 185 2.33 -36.75 -44.73
CA GLY F 185 0.98 -37.33 -44.71
C GLY F 185 -0.10 -36.27 -44.62
N PHE F 186 0.17 -35.08 -45.15
CA PHE F 186 -0.84 -34.02 -45.06
C PHE F 186 -2.09 -34.43 -45.85
N PRO F 187 -3.28 -34.34 -45.24
CA PRO F 187 -4.46 -34.90 -45.94
C PRO F 187 -5.03 -33.91 -46.97
N ALA F 188 -4.30 -33.72 -48.06
CA ALA F 188 -4.62 -32.71 -49.08
C ALA F 188 -5.97 -32.91 -49.71
N SER F 189 -6.46 -34.14 -49.77
CA SER F 189 -7.72 -34.41 -50.44
C SER F 189 -8.97 -34.12 -49.58
N SER F 190 -8.77 -33.72 -48.33
CA SER F 190 -9.91 -33.43 -47.47
C SER F 190 -9.70 -32.14 -46.67
N GLN F 191 -8.71 -31.33 -47.04
CA GLN F 191 -8.52 -30.04 -46.39
C GLN F 191 -8.69 -28.94 -47.42
N TYR F 192 -9.51 -27.95 -47.10
CA TYR F 192 -9.65 -26.75 -47.93
C TYR F 192 -8.71 -25.66 -47.45
N LEU F 193 -8.03 -24.98 -48.37
CA LEU F 193 -7.33 -23.74 -48.03
C LEU F 193 -8.36 -22.63 -47.79
N ILE F 194 -8.35 -22.07 -46.58
CA ILE F 194 -9.33 -21.10 -46.18
C ILE F 194 -8.76 -19.73 -45.86
N THR F 195 -7.45 -19.62 -45.64
CA THR F 195 -6.88 -18.29 -45.32
C THR F 195 -5.47 -18.18 -45.85
N LEU F 196 -5.11 -16.99 -46.32
CA LEU F 196 -3.74 -16.71 -46.78
C LEU F 196 -3.38 -15.26 -46.48
N GLN F 197 -2.46 -15.10 -45.53
CA GLN F 197 -2.09 -13.83 -44.93
C GLN F 197 -0.59 -13.69 -44.84
N PHE F 198 -0.15 -12.44 -44.72
CA PHE F 198 1.25 -12.11 -44.53
C PHE F 198 1.37 -10.93 -43.60
N GLY F 199 2.28 -11.05 -42.65
CA GLY F 199 2.44 -9.95 -41.69
C GLY F 199 3.48 -10.25 -40.65
N THR F 200 3.33 -9.66 -39.48
CA THR F 200 4.38 -9.78 -38.47
C THR F 200 3.78 -10.01 -37.09
N ALA F 201 4.39 -10.91 -36.33
CA ALA F 201 3.94 -11.26 -34.99
C ALA F 201 4.99 -10.83 -33.98
N PRO F 202 4.73 -9.70 -33.31
CA PRO F 202 5.64 -9.26 -32.28
C PRO F 202 5.34 -9.85 -30.90
N PHE F 203 6.42 -10.10 -30.16
CA PHE F 203 6.34 -10.47 -28.75
C PHE F 203 6.69 -9.24 -27.92
N THR F 204 7.90 -8.74 -28.07
CA THR F 204 8.32 -7.55 -27.34
C THR F 204 9.33 -6.72 -28.12
N GLY F 205 9.36 -5.41 -27.81
CA GLY F 205 10.37 -4.52 -28.33
C GLY F 205 9.77 -3.22 -28.82
N GLY F 206 10.56 -2.51 -29.62
CA GLY F 206 10.06 -1.34 -30.29
C GLY F 206 10.40 -0.07 -29.55
N PRO F 207 10.09 1.08 -30.15
CA PRO F 207 9.26 1.13 -31.35
C PRO F 207 9.95 0.52 -32.57
N ALA F 208 9.18 -0.16 -33.41
CA ALA F 208 9.73 -0.76 -34.64
C ALA F 208 8.64 -0.71 -35.71
N THR F 209 9.06 -0.57 -36.96
CA THR F 209 8.10 -0.44 -38.05
C THR F 209 8.47 -1.42 -39.13
N LEU F 210 7.52 -2.28 -39.48
CA LEU F 210 7.60 -3.16 -40.62
C LEU F 210 7.02 -2.43 -41.82
N SER F 211 7.82 -2.29 -42.87
CA SER F 211 7.39 -1.64 -44.10
C SER F 211 7.23 -2.72 -45.15
N VAL F 212 6.00 -2.96 -45.60
CA VAL F 212 5.80 -3.96 -46.64
C VAL F 212 5.61 -3.19 -47.94
N SER F 213 6.64 -3.23 -48.79
CA SER F 213 6.63 -2.43 -50.01
C SER F 213 5.85 -3.16 -51.10
N ASN F 214 5.68 -4.48 -50.94
CA ASN F 214 4.74 -5.18 -51.79
C ASN F 214 4.40 -6.52 -51.17
N TRP F 215 3.13 -6.85 -51.20
CA TRP F 215 2.66 -8.22 -51.00
C TRP F 215 1.61 -8.52 -52.07
N SER F 216 1.80 -9.64 -52.75
CA SER F 216 0.85 -10.17 -53.75
C SER F 216 0.62 -11.64 -53.46
N ALA F 217 -0.51 -12.17 -53.91
CA ALA F 217 -0.75 -13.59 -53.88
C ALA F 217 -1.97 -13.87 -54.69
N SER F 218 -2.01 -15.09 -55.20
CA SER F 218 -3.20 -15.64 -55.82
C SER F 218 -3.29 -17.16 -55.58
N VAL F 219 -4.49 -17.69 -55.73
CA VAL F 219 -4.74 -19.11 -55.57
C VAL F 219 -5.52 -19.63 -56.76
N GLN F 220 -4.89 -20.54 -57.47
CA GLN F 220 -5.43 -21.13 -58.70
C GLN F 220 -5.36 -22.65 -58.60
N ALA G 2 -1.21 -37.28 -25.43
CA ALA G 2 -0.76 -37.94 -26.71
C ALA G 2 0.20 -39.13 -26.47
N GLN G 3 0.24 -40.01 -27.48
CA GLN G 3 1.24 -41.10 -27.58
C GLN G 3 2.23 -40.90 -28.74
N LEU G 4 3.52 -40.71 -28.42
CA LEU G 4 4.48 -40.22 -29.40
C LEU G 4 5.48 -41.31 -29.76
N CYS G 5 5.35 -41.92 -30.94
CA CYS G 5 6.14 -43.11 -31.27
C CYS G 5 7.08 -42.87 -32.43
N ASP G 6 6.70 -41.94 -33.32
CA ASP G 6 7.47 -41.63 -34.54
C ASP G 6 8.74 -40.91 -34.10
N GLN G 7 9.71 -40.85 -35.00
CA GLN G 7 11.05 -40.38 -34.64
C GLN G 7 11.03 -39.00 -34.00
N TYR G 8 10.24 -38.09 -34.58
CA TYR G 8 10.16 -36.71 -34.07
C TYR G 8 8.74 -36.30 -33.68
N ALA G 9 7.95 -37.27 -33.22
CA ALA G 9 6.64 -37.03 -32.66
C ALA G 9 6.75 -36.13 -31.45
N THR G 10 5.79 -35.22 -31.36
CA THR G 10 5.86 -34.12 -30.42
C THR G 10 4.47 -33.72 -29.93
N TYR G 11 4.43 -33.22 -28.69
CA TYR G 11 3.21 -32.70 -28.09
C TYR G 11 3.59 -31.41 -27.37
N THR G 12 2.72 -30.41 -27.44
CA THR G 12 2.96 -29.13 -26.72
C THR G 12 1.82 -28.85 -25.77
N GLY G 13 2.16 -28.49 -24.54
CA GLY G 13 1.21 -27.93 -23.58
C GLY G 13 1.80 -26.81 -22.75
N GLY G 14 1.16 -25.65 -22.77
CA GLY G 14 1.70 -24.49 -22.08
C GLY G 14 3.11 -24.19 -22.55
N VAL G 15 4.05 -24.17 -21.62
CA VAL G 15 5.41 -23.74 -21.97
C VAL G 15 6.30 -24.95 -22.13
N TYR G 16 5.67 -26.12 -22.26
CA TYR G 16 6.45 -27.34 -22.39
C TYR G 16 6.16 -28.07 -23.69
N THR G 17 7.22 -28.63 -24.26
CA THR G 17 7.12 -29.43 -25.45
C THR G 17 7.80 -30.76 -25.15
N ILE G 18 7.11 -31.86 -25.44
CA ILE G 18 7.65 -33.18 -25.22
C ILE G 18 7.92 -33.81 -26.59
N ASN G 19 9.15 -34.28 -26.80
CA ASN G 19 9.58 -34.78 -28.11
C ASN G 19 10.14 -36.20 -27.91
N ASN G 20 9.72 -37.15 -28.74
CA ASN G 20 10.29 -38.49 -28.73
C ASN G 20 11.77 -38.44 -29.11
N ASN G 21 12.12 -37.64 -30.15
CA ASN G 21 13.48 -37.31 -30.54
C ASN G 21 14.39 -38.54 -30.68
N LEU G 22 14.01 -39.46 -31.56
CA LEU G 22 14.83 -40.61 -31.82
C LEU G 22 15.91 -40.29 -32.84
N TRP G 23 16.76 -39.34 -32.49
CA TRP G 23 17.70 -38.77 -33.43
C TRP G 23 18.75 -39.77 -33.90
N GLY G 24 19.11 -40.73 -33.05
CA GLY G 24 20.14 -41.72 -33.38
C GLY G 24 19.60 -43.10 -33.72
N LYS G 25 18.33 -43.16 -34.13
CA LYS G 25 17.65 -44.44 -34.31
C LYS G 25 18.34 -45.31 -35.34
N ASP G 26 19.08 -44.68 -36.27
CA ASP G 26 19.76 -45.42 -37.33
C ASP G 26 21.06 -46.05 -36.85
N ALA G 27 21.50 -45.70 -35.65
CA ALA G 27 22.71 -46.31 -35.08
C ALA G 27 22.44 -47.72 -34.56
N GLY G 28 21.18 -48.11 -34.47
CA GLY G 28 20.89 -49.44 -33.97
C GLY G 28 19.48 -49.86 -34.32
N SER G 29 18.93 -50.69 -33.46
CA SER G 29 17.67 -51.34 -33.72
C SER G 29 16.87 -51.36 -32.44
N GLY G 30 15.56 -51.15 -32.58
CA GLY G 30 14.67 -51.08 -31.46
C GLY G 30 13.54 -50.10 -31.70
N SER G 31 12.94 -49.64 -30.61
CA SER G 31 11.85 -48.68 -30.71
C SER G 31 11.62 -47.96 -29.40
N GLN G 32 10.80 -46.93 -29.46
CA GLN G 32 10.64 -46.08 -28.32
C GLN G 32 9.37 -45.24 -28.50
N CYS G 33 8.55 -45.21 -27.46
CA CYS G 33 7.34 -44.37 -27.44
C CYS G 33 7.31 -43.51 -26.16
N THR G 34 6.84 -42.27 -26.30
CA THR G 34 6.77 -41.29 -25.20
C THR G 34 5.32 -40.87 -25.00
N THR G 35 4.89 -40.99 -23.74
CA THR G 35 3.50 -40.74 -23.35
C THR G 35 3.54 -39.45 -22.53
N VAL G 36 2.67 -38.50 -22.88
CA VAL G 36 2.49 -37.30 -22.09
C VAL G 36 1.30 -37.41 -21.12
N ASN G 37 1.55 -37.17 -19.85
CA ASN G 37 0.55 -37.31 -18.81
C ASN G 37 -0.10 -35.93 -18.58
N SER G 38 0.74 -34.89 -18.55
CA SER G 38 0.24 -33.55 -18.36
C SER G 38 1.31 -32.54 -18.74
N ALA G 39 0.88 -31.32 -19.07
CA ALA G 39 1.78 -30.25 -19.42
C ALA G 39 1.00 -28.95 -19.19
N SER G 40 1.45 -28.15 -18.23
CA SER G 40 0.76 -26.92 -17.86
C SER G 40 1.78 -25.79 -17.72
N SER G 41 1.32 -24.63 -17.25
CA SER G 41 2.22 -23.55 -16.92
C SER G 41 3.19 -23.93 -15.82
N ALA G 42 2.84 -24.89 -14.98
CA ALA G 42 3.59 -25.21 -13.78
C ALA G 42 4.68 -26.26 -14.02
N GLY G 43 4.41 -27.19 -14.94
CA GLY G 43 5.33 -28.30 -15.16
C GLY G 43 4.68 -29.32 -16.05
N THR G 44 5.43 -30.41 -16.26
CA THR G 44 5.01 -31.46 -17.15
C THR G 44 5.34 -32.82 -16.53
N SER G 45 4.47 -33.80 -16.78
CA SER G 45 4.74 -35.18 -16.38
C SER G 45 4.54 -36.06 -17.60
N TRP G 46 5.48 -37.00 -17.79
CA TRP G 46 5.54 -37.75 -19.03
C TRP G 46 6.37 -38.99 -18.78
N SER G 47 6.30 -39.97 -19.69
CA SER G 47 7.09 -41.18 -19.52
C SER G 47 7.60 -41.56 -20.88
N THR G 48 8.69 -42.33 -20.95
CA THR G 48 9.13 -42.86 -22.22
C THR G 48 9.58 -44.31 -22.01
N LYS G 49 9.21 -45.17 -22.95
CA LYS G 49 9.51 -46.60 -22.90
C LYS G 49 10.26 -47.02 -24.14
N TRP G 50 11.38 -47.70 -23.94
CA TRP G 50 12.29 -47.97 -25.05
C TRP G 50 12.97 -49.33 -24.92
N ASN G 51 13.42 -49.84 -26.06
CA ASN G 51 14.37 -50.95 -26.12
C ASN G 51 15.26 -50.69 -27.30
N TRP G 52 16.58 -50.78 -27.07
CA TRP G 52 17.56 -50.47 -28.11
C TRP G 52 18.71 -51.48 -28.06
N SER G 53 19.21 -51.85 -29.23
CA SER G 53 20.38 -52.70 -29.31
C SER G 53 21.20 -52.24 -30.48
N GLY G 54 22.45 -52.68 -30.49
CA GLY G 54 23.42 -52.28 -31.50
C GLY G 54 24.03 -50.93 -31.22
N GLY G 55 25.01 -50.58 -32.05
CA GLY G 55 25.75 -49.31 -31.95
C GLY G 55 25.99 -48.93 -30.49
N GLU G 56 26.71 -49.81 -29.78
CA GLU G 56 26.70 -49.82 -28.31
C GLU G 56 27.32 -48.55 -27.72
N ASN G 57 28.16 -47.85 -28.47
CA ASN G 57 28.73 -46.62 -27.94
C ASN G 57 28.02 -45.38 -28.51
N SER G 58 26.84 -45.57 -29.12
CA SER G 58 26.07 -44.51 -29.78
C SER G 58 24.74 -44.28 -29.10
N VAL G 59 24.45 -43.01 -28.77
CA VAL G 59 23.11 -42.66 -28.28
C VAL G 59 22.05 -42.86 -29.38
N LYS G 60 20.95 -43.49 -29.04
CA LYS G 60 19.83 -43.73 -29.98
C LYS G 60 18.79 -42.62 -30.00
N SER G 61 18.64 -41.94 -28.88
CA SER G 61 17.56 -40.96 -28.75
C SER G 61 17.80 -40.02 -27.58
N TYR G 62 17.03 -38.95 -27.54
CA TYR G 62 16.93 -38.15 -26.30
C TYR G 62 15.51 -37.62 -26.18
N ALA G 63 14.60 -38.53 -25.77
CA ALA G 63 13.21 -38.15 -25.51
C ALA G 63 13.23 -37.21 -24.32
N ASN G 64 12.51 -36.11 -24.41
CA ASN G 64 12.71 -35.04 -23.43
C ASN G 64 11.48 -34.15 -23.40
N SER G 65 11.39 -33.38 -22.30
CA SER G 65 10.56 -32.19 -22.28
C SER G 65 11.46 -30.96 -22.29
N GLY G 66 11.08 -29.99 -23.11
CA GLY G 66 11.85 -28.77 -23.31
C GLY G 66 11.00 -27.56 -23.00
N LEU G 67 11.66 -26.54 -22.51
CA LEU G 67 10.98 -25.29 -22.09
C LEU G 67 10.97 -24.23 -23.17
N THR G 68 9.83 -23.55 -23.34
CA THR G 68 9.74 -22.33 -24.08
C THR G 68 10.06 -21.14 -23.14
N PHE G 69 11.04 -20.34 -23.53
CA PHE G 69 11.49 -19.23 -22.69
C PHE G 69 12.11 -18.18 -23.58
N ASN G 70 12.28 -17.00 -22.98
CA ASN G 70 12.92 -15.88 -23.63
C ASN G 70 14.45 -16.03 -23.61
N LYS G 71 15.03 -16.24 -24.78
CA LYS G 71 16.46 -16.55 -24.89
C LYS G 71 17.30 -15.30 -24.59
N LYS G 72 18.39 -15.49 -23.86
CA LYS G 72 19.21 -14.38 -23.45
C LYS G 72 20.62 -14.82 -23.17
N LEU G 73 21.49 -13.83 -23.05
CA LEU G 73 22.89 -14.11 -22.73
C LEU G 73 22.95 -14.77 -21.39
N VAL G 74 23.85 -15.74 -21.26
CA VAL G 74 24.09 -16.42 -19.98
C VAL G 74 24.49 -15.44 -18.87
N SER G 75 25.24 -14.43 -19.26
CA SER G 75 25.65 -13.35 -18.34
C SER G 75 24.50 -12.49 -17.81
N GLN G 76 23.34 -12.58 -18.46
CA GLN G 76 22.19 -11.79 -18.16
C GLN G 76 21.11 -12.58 -17.45
N ILE G 77 21.42 -13.83 -17.10
CA ILE G 77 20.45 -14.67 -16.41
C ILE G 77 20.46 -14.42 -14.90
N SER G 78 19.29 -14.27 -14.30
CA SER G 78 19.19 -14.15 -12.84
C SER G 78 19.09 -15.51 -12.17
N GLN G 79 18.36 -16.44 -12.79
CA GLN G 79 18.21 -17.79 -12.21
C GLN G 79 17.48 -18.67 -13.21
N ILE G 80 17.80 -19.96 -13.10
CA ILE G 80 17.09 -21.02 -13.83
C ILE G 80 16.59 -22.06 -12.84
N PRO G 81 15.51 -21.72 -12.14
CA PRO G 81 15.04 -22.67 -11.14
C PRO G 81 14.34 -23.87 -11.78
N THR G 82 14.63 -25.05 -11.27
CA THR G 82 14.12 -26.27 -11.89
C THR G 82 13.95 -27.34 -10.81
N THR G 83 12.98 -28.23 -11.05
CA THR G 83 12.82 -29.40 -10.24
C THR G 83 12.60 -30.55 -11.22
N ALA G 84 13.16 -31.70 -10.88
CA ALA G 84 12.94 -32.90 -11.66
C ALA G 84 12.73 -34.07 -10.70
N ARG G 85 11.67 -34.85 -10.92
CA ARG G 85 11.39 -36.01 -10.12
C ARG G 85 11.05 -37.14 -11.05
N TRP G 86 11.78 -38.24 -10.95
CA TRP G 86 11.70 -39.27 -11.98
C TRP G 86 12.09 -40.62 -11.37
N SER G 87 11.82 -41.69 -12.11
CA SER G 87 12.45 -42.98 -11.81
C SER G 87 12.44 -43.86 -13.06
N TYR G 88 13.25 -44.92 -13.01
CA TYR G 88 13.32 -45.95 -14.02
C TYR G 88 12.82 -47.26 -13.41
N ASP G 89 12.04 -48.03 -14.14
CA ASP G 89 11.54 -49.30 -13.62
C ASP G 89 12.59 -50.42 -13.73
N ASN G 90 13.53 -50.31 -14.66
CA ASN G 90 14.53 -51.34 -14.95
C ASN G 90 15.82 -50.52 -15.07
N THR G 91 16.80 -50.81 -14.21
CA THR G 91 18.08 -50.13 -14.29
C THR G 91 19.18 -51.03 -14.92
N GLY G 92 18.77 -52.18 -15.43
CA GLY G 92 19.66 -53.06 -16.19
C GLY G 92 19.82 -52.56 -17.62
N ILE G 93 20.34 -51.35 -17.74
CA ILE G 93 20.34 -50.57 -18.99
C ILE G 93 21.69 -49.80 -19.11
N ARG G 94 21.93 -49.24 -20.29
CA ARG G 94 23.12 -48.42 -20.52
C ARG G 94 22.55 -47.09 -21.04
N ALA G 95 22.53 -46.07 -20.18
CA ALA G 95 21.74 -44.88 -20.45
C ALA G 95 22.07 -43.84 -19.42
N ASP G 96 21.69 -42.59 -19.73
CA ASP G 96 21.75 -41.51 -18.75
C ASP G 96 20.43 -40.77 -18.69
N VAL G 97 20.24 -40.07 -17.58
CA VAL G 97 19.11 -39.18 -17.39
C VAL G 97 19.73 -37.80 -17.12
N ALA G 98 19.40 -36.82 -17.95
CA ALA G 98 20.14 -35.56 -17.96
C ALA G 98 19.30 -34.39 -18.40
N TYR G 99 19.64 -33.24 -17.84
CA TYR G 99 19.39 -31.96 -18.43
C TYR G 99 20.35 -31.74 -19.58
N ASP G 100 19.84 -31.04 -20.58
CA ASP G 100 20.60 -30.65 -21.76
C ASP G 100 20.24 -29.22 -22.13
N LEU G 101 21.28 -28.38 -22.18
CA LEU G 101 21.19 -26.98 -22.54
C LEU G 101 22.17 -26.62 -23.64
N PHE G 102 21.74 -25.82 -24.63
CA PHE G 102 22.66 -25.34 -25.66
C PHE G 102 22.78 -23.85 -25.54
N THR G 103 23.99 -23.38 -25.80
CA THR G 103 24.20 -21.96 -25.96
C THR G 103 24.86 -21.68 -27.31
N ALA G 104 24.64 -20.49 -27.83
CA ALA G 104 25.25 -20.10 -29.11
C ALA G 104 25.50 -18.62 -29.13
N ALA G 105 26.56 -18.22 -29.85
CA ALA G 105 26.81 -16.80 -30.09
C ALA G 105 25.69 -16.12 -30.88
N ASP G 106 24.95 -16.92 -31.66
CA ASP G 106 23.85 -16.42 -32.48
C ASP G 106 22.53 -16.82 -31.81
N ILE G 107 21.72 -15.85 -31.40
CA ILE G 107 20.49 -16.15 -30.66
C ILE G 107 19.48 -16.92 -31.52
N ASN G 108 19.61 -16.83 -32.84
CA ASN G 108 18.75 -17.57 -33.77
C ASN G 108 19.36 -18.89 -34.25
N HIS G 109 20.39 -19.34 -33.55
CA HIS G 109 21.00 -20.65 -33.80
C HIS G 109 19.96 -21.78 -33.73
N VAL G 110 20.17 -22.83 -34.51
CA VAL G 110 19.27 -23.96 -34.47
C VAL G 110 19.28 -24.52 -33.05
N THR G 111 18.15 -25.06 -32.60
CA THR G 111 17.99 -25.42 -31.19
C THR G 111 18.33 -26.87 -30.88
N TRP G 112 18.85 -27.60 -31.86
CA TRP G 112 19.29 -28.99 -31.66
C TRP G 112 20.81 -29.12 -31.54
N SER G 113 21.51 -27.99 -31.45
CA SER G 113 22.93 -27.99 -31.17
C SER G 113 23.33 -26.63 -30.63
N GLY G 114 24.60 -26.48 -30.30
CA GLY G 114 25.13 -25.19 -29.80
C GLY G 114 26.59 -24.98 -30.09
N ASP G 115 27.06 -23.77 -29.89
CA ASP G 115 28.50 -23.60 -29.70
C ASP G 115 29.00 -24.31 -28.46
N TYR G 116 28.19 -24.25 -27.40
CA TYR G 116 28.49 -24.93 -26.15
C TYR G 116 27.26 -25.74 -25.79
N GLU G 117 27.46 -26.75 -24.96
CA GLU G 117 26.37 -27.56 -24.44
C GLU G 117 26.70 -27.76 -22.96
N LEU G 118 25.70 -27.61 -22.11
CA LEU G 118 25.84 -27.94 -20.71
C LEU G 118 24.89 -29.11 -20.44
N MET G 119 25.41 -30.21 -19.91
CA MET G 119 24.55 -31.32 -19.49
C MET G 119 24.72 -31.46 -17.99
N ILE G 120 23.65 -31.89 -17.35
CA ILE G 120 23.68 -32.26 -15.94
C ILE G 120 23.05 -33.65 -15.87
N TRP G 121 23.89 -34.67 -15.64
CA TRP G 121 23.47 -36.05 -15.63
C TRP G 121 23.01 -36.40 -14.22
N LEU G 122 21.70 -36.47 -14.03
CA LEU G 122 21.19 -36.89 -12.74
C LEU G 122 21.43 -38.38 -12.49
N ALA G 123 21.66 -39.14 -13.55
CA ALA G 123 21.91 -40.58 -13.38
C ALA G 123 22.65 -41.13 -14.57
N ARG G 124 23.48 -42.12 -14.29
CA ARG G 124 24.26 -42.80 -15.32
C ARG G 124 24.08 -44.28 -14.98
N TYR G 125 23.80 -45.10 -15.99
CA TYR G 125 23.72 -46.56 -15.85
C TYR G 125 24.64 -47.26 -16.83
N GLY G 126 25.34 -48.26 -16.33
CA GLY G 126 26.14 -49.13 -17.15
C GLY G 126 27.45 -48.48 -17.57
N GLY G 127 27.83 -47.40 -16.87
CA GLY G 127 29.14 -46.79 -17.08
C GLY G 127 29.32 -46.01 -18.39
N VAL G 128 28.20 -45.66 -19.02
CA VAL G 128 28.27 -44.82 -20.21
C VAL G 128 28.87 -43.46 -19.83
N GLN G 129 29.61 -42.86 -20.77
CA GLN G 129 30.47 -41.71 -20.47
C GLN G 129 30.01 -40.52 -21.29
N PRO G 130 30.10 -39.31 -20.72
CA PRO G 130 30.01 -38.09 -21.46
C PRO G 130 31.12 -38.03 -22.48
N ILE G 131 30.97 -37.11 -23.42
CA ILE G 131 32.08 -36.82 -24.31
C ILE G 131 33.28 -36.23 -23.61
N GLY G 132 34.46 -36.65 -24.06
CA GLY G 132 35.70 -36.09 -23.58
C GLY G 132 36.27 -36.84 -22.39
N SER G 133 36.64 -36.12 -21.35
CA SER G 133 37.26 -36.71 -20.18
C SER G 133 36.87 -35.96 -18.93
N GLN G 134 37.04 -36.62 -17.79
CA GLN G 134 36.71 -35.95 -16.53
C GLN G 134 37.82 -34.98 -16.19
N ILE G 135 37.50 -33.69 -16.08
CA ILE G 135 38.48 -32.63 -15.84
C ILE G 135 38.56 -32.15 -14.42
N ALA G 136 37.57 -32.43 -13.60
CA ALA G 136 37.44 -31.84 -12.27
C ALA G 136 36.32 -32.58 -11.56
N THR G 137 36.34 -32.42 -10.24
CA THR G 137 35.23 -32.72 -9.36
C THR G 137 34.77 -31.34 -8.92
N ALA G 138 33.52 -31.01 -9.23
CA ALA G 138 32.95 -29.68 -8.97
C ALA G 138 31.89 -29.79 -7.88
N THR G 139 31.94 -28.87 -6.92
CA THR G 139 30.86 -28.75 -5.98
C THR G 139 29.96 -27.60 -6.39
N VAL G 140 28.70 -27.94 -6.61
CA VAL G 140 27.68 -26.95 -6.96
C VAL G 140 26.53 -27.09 -5.97
N ASP G 141 26.25 -26.01 -5.25
CA ASP G 141 25.15 -25.99 -4.29
C ASP G 141 25.25 -27.12 -3.27
N GLY G 142 26.46 -27.40 -2.79
CA GLY G 142 26.66 -28.46 -1.79
C GLY G 142 26.64 -29.90 -2.29
N GLN G 143 26.36 -30.13 -3.57
CA GLN G 143 26.48 -31.50 -4.11
C GLN G 143 27.73 -31.60 -5.01
N THR G 144 28.45 -32.71 -4.92
CA THR G 144 29.63 -32.91 -5.81
C THR G 144 29.21 -33.56 -7.12
N TRP G 145 29.92 -33.18 -8.18
CA TRP G 145 29.63 -33.65 -9.53
C TRP G 145 30.96 -34.03 -10.12
N GLU G 146 31.01 -35.08 -10.93
CA GLU G 146 32.18 -35.24 -11.83
C GLU G 146 32.01 -34.31 -13.02
N LEU G 147 33.01 -33.47 -13.31
CA LEU G 147 32.89 -32.54 -14.42
C LEU G 147 33.72 -33.00 -15.60
N TRP G 148 33.01 -33.22 -16.70
CA TRP G 148 33.63 -33.64 -17.96
C TRP G 148 33.58 -32.50 -18.94
N TYR G 149 34.48 -32.56 -19.92
CA TYR G 149 34.55 -31.62 -21.02
C TYR G 149 35.03 -32.35 -22.23
N GLY G 150 34.40 -32.11 -23.36
CA GLY G 150 34.99 -32.50 -24.63
C GLY G 150 34.30 -31.80 -25.75
N ALA G 151 34.72 -32.08 -26.97
CA ALA G 151 34.18 -31.35 -28.10
C ALA G 151 34.03 -32.26 -29.29
N ASN G 152 32.97 -32.00 -30.03
CA ASN G 152 32.67 -32.65 -31.30
C ASN G 152 32.38 -31.58 -32.35
N GLY G 153 33.33 -31.38 -33.24
CA GLY G 153 33.21 -30.34 -34.24
C GLY G 153 33.14 -29.02 -33.50
N SER G 154 32.18 -28.19 -33.89
CA SER G 154 32.03 -26.86 -33.31
C SER G 154 31.31 -26.88 -31.96
N GLN G 155 30.79 -28.03 -31.54
CA GLN G 155 30.05 -28.10 -30.26
C GLN G 155 30.92 -28.54 -29.07
N LYS G 156 31.04 -27.67 -28.06
CA LYS G 156 31.92 -27.89 -26.93
C LYS G 156 31.06 -28.21 -25.70
N THR G 157 31.26 -29.37 -25.09
CA THR G 157 30.27 -29.88 -24.11
C THR G 157 30.83 -30.08 -22.72
N TYR G 158 30.26 -29.38 -21.74
CA TYR G 158 30.55 -29.64 -20.33
C TYR G 158 29.46 -30.52 -19.74
N SER G 159 29.82 -31.59 -19.03
CA SER G 159 28.84 -32.52 -18.46
C SER G 159 29.14 -32.72 -16.97
N PHE G 160 28.19 -32.34 -16.12
CA PHE G 160 28.28 -32.52 -14.68
C PHE G 160 27.56 -33.81 -14.33
N VAL G 161 28.28 -34.79 -13.80
CA VAL G 161 27.73 -36.13 -13.62
C VAL G 161 27.57 -36.49 -12.13
N ALA G 162 26.36 -36.91 -11.77
CA ALA G 162 26.11 -37.32 -10.39
C ALA G 162 26.78 -38.67 -10.14
N PRO G 163 27.47 -38.80 -8.99
CA PRO G 163 28.10 -40.08 -8.67
C PRO G 163 27.10 -41.18 -8.39
N THR G 164 25.94 -40.83 -7.84
CA THR G 164 24.85 -41.79 -7.72
C THR G 164 23.55 -41.13 -8.17
N PRO G 165 22.57 -41.92 -8.61
CA PRO G 165 21.38 -41.33 -9.22
C PRO G 165 20.64 -40.38 -8.31
N ILE G 166 20.24 -39.25 -8.84
CA ILE G 166 19.45 -38.27 -8.09
C ILE G 166 18.07 -38.27 -8.71
N THR G 167 17.11 -38.91 -8.01
CA THR G 167 15.80 -39.12 -8.59
C THR G 167 14.82 -38.03 -8.17
N SER G 168 15.28 -37.15 -7.29
CA SER G 168 14.51 -35.97 -6.97
C SER G 168 15.48 -34.76 -6.87
N PHE G 169 15.52 -33.96 -7.91
CA PHE G 169 16.45 -32.83 -7.98
C PHE G 169 15.69 -31.52 -7.88
N GLN G 170 16.23 -30.59 -7.12
CA GLN G 170 15.73 -29.21 -7.13
C GLN G 170 16.92 -28.29 -7.08
N GLY G 171 16.97 -27.33 -7.99
CA GLY G 171 18.13 -26.45 -7.95
C GLY G 171 18.03 -25.38 -8.98
N ASP G 172 19.12 -24.65 -9.15
CA ASP G 172 19.16 -23.50 -10.07
C ASP G 172 20.22 -23.81 -11.12
N VAL G 173 19.81 -24.10 -12.35
CA VAL G 173 20.80 -24.50 -13.37
C VAL G 173 21.82 -23.37 -13.60
N ASN G 174 21.46 -22.13 -13.29
CA ASN G 174 22.43 -21.05 -13.42
C ASN G 174 23.64 -21.18 -12.50
N ASP G 175 23.52 -21.89 -11.40
CA ASP G 175 24.68 -22.15 -10.57
C ASP G 175 25.78 -22.93 -11.33
N PHE G 176 25.36 -23.82 -12.24
CA PHE G 176 26.31 -24.54 -13.10
C PHE G 176 26.95 -23.63 -14.12
N PHE G 177 26.17 -22.73 -14.73
CA PHE G 177 26.77 -21.80 -15.67
C PHE G 177 27.75 -20.89 -14.92
N LYS G 178 27.34 -20.40 -13.74
CA LYS G 178 28.21 -19.55 -12.93
C LYS G 178 29.50 -20.28 -12.64
N TYR G 179 29.40 -21.56 -12.25
CA TYR G 179 30.59 -22.35 -11.99
C TYR G 179 31.56 -22.38 -13.17
N LEU G 180 31.04 -22.68 -14.36
CA LEU G 180 31.85 -22.69 -15.55
C LEU G 180 32.48 -21.33 -15.91
N THR G 181 31.68 -20.30 -15.73
CA THR G 181 32.09 -18.91 -15.99
C THR G 181 33.23 -18.49 -15.05
N GLN G 182 33.10 -18.89 -13.79
CA GLN G 182 34.11 -18.56 -12.77
C GLN G 182 35.36 -19.42 -12.92
N ASN G 183 35.19 -20.73 -13.15
CA ASN G 183 36.26 -21.69 -13.01
C ASN G 183 36.86 -22.14 -14.31
N HIS G 184 36.14 -22.03 -15.41
CA HIS G 184 36.55 -22.67 -16.64
C HIS G 184 36.51 -21.72 -17.84
N GLY G 185 36.45 -20.42 -17.57
CA GLY G 185 36.51 -19.40 -18.64
C GLY G 185 35.33 -19.37 -19.61
N PHE G 186 34.18 -19.88 -19.19
CA PHE G 186 33.05 -19.95 -20.11
C PHE G 186 32.62 -18.54 -20.49
N PRO G 187 32.43 -18.26 -21.79
CA PRO G 187 32.17 -16.89 -22.27
C PRO G 187 30.69 -16.51 -22.15
N ALA G 188 30.27 -16.32 -20.91
CA ALA G 188 28.87 -16.09 -20.60
C ALA G 188 28.36 -14.84 -21.28
N SER G 189 29.22 -13.83 -21.46
CA SER G 189 28.71 -12.56 -21.95
C SER G 189 28.64 -12.48 -23.48
N SER G 190 28.93 -13.58 -24.16
CA SER G 190 28.73 -13.68 -25.60
C SER G 190 28.04 -14.98 -26.04
N GLN G 191 27.53 -15.76 -25.09
CA GLN G 191 26.72 -16.93 -25.45
C GLN G 191 25.27 -16.76 -24.97
N TYR G 192 24.34 -16.91 -25.92
CA TYR G 192 22.92 -17.00 -25.65
C TYR G 192 22.47 -18.39 -25.25
N LEU G 193 21.72 -18.47 -24.15
CA LEU G 193 21.06 -19.72 -23.83
C LEU G 193 19.88 -19.91 -24.74
N ILE G 194 19.90 -21.00 -25.50
CA ILE G 194 18.91 -21.21 -26.52
C ILE G 194 18.02 -22.44 -26.29
N THR G 195 18.39 -23.36 -25.39
CA THR G 195 17.62 -24.57 -25.20
C THR G 195 17.76 -25.02 -23.72
N LEU G 196 16.71 -25.63 -23.22
CA LEU G 196 16.67 -26.18 -21.87
C LEU G 196 15.70 -27.35 -21.88
N GLN G 197 16.25 -28.56 -21.81
CA GLN G 197 15.54 -29.81 -21.88
C GLN G 197 15.95 -30.73 -20.74
N PHE G 198 15.08 -31.71 -20.48
CA PHE G 198 15.35 -32.77 -19.53
C PHE G 198 14.78 -34.07 -20.11
N GLY G 199 15.55 -35.14 -20.02
CA GLY G 199 15.14 -36.42 -20.59
C GLY G 199 16.19 -37.46 -20.39
N THR G 200 16.15 -38.50 -21.22
CA THR G 200 17.03 -39.64 -21.03
C THR G 200 17.64 -40.01 -22.37
N ALA G 201 18.94 -40.33 -22.35
CA ALA G 201 19.65 -40.78 -23.55
C ALA G 201 20.08 -42.24 -23.42
N PRO G 202 19.40 -43.13 -24.16
CA PRO G 202 19.75 -44.53 -24.07
C PRO G 202 20.80 -44.90 -25.10
N PHE G 203 21.64 -45.86 -24.72
CA PHE G 203 22.61 -46.42 -25.67
C PHE G 203 22.07 -47.80 -26.02
N THR G 204 21.89 -48.62 -25.01
CA THR G 204 21.34 -49.97 -25.22
C THR G 204 20.60 -50.46 -23.98
N GLY G 205 19.71 -51.40 -24.18
CA GLY G 205 19.00 -51.99 -23.08
C GLY G 205 17.51 -52.07 -23.30
N GLY G 206 16.80 -52.23 -22.19
CA GLY G 206 15.33 -52.17 -22.14
C GLY G 206 14.78 -53.49 -22.61
N PRO G 207 13.46 -53.68 -22.57
CA PRO G 207 12.46 -52.61 -22.35
C PRO G 207 12.57 -51.93 -21.01
N ALA G 208 12.57 -50.60 -21.03
CA ALA G 208 12.74 -49.84 -19.82
C ALA G 208 11.89 -48.56 -19.97
N THR G 209 11.38 -48.08 -18.84
CA THR G 209 10.50 -46.90 -18.90
C THR G 209 11.01 -45.87 -17.92
N LEU G 210 11.27 -44.66 -18.43
CA LEU G 210 11.53 -43.53 -17.54
C LEU G 210 10.18 -42.91 -17.25
N SER G 211 9.87 -42.75 -15.97
CA SER G 211 8.66 -42.03 -15.58
C SER G 211 9.10 -40.72 -14.95
N VAL G 212 8.66 -39.62 -15.55
CA VAL G 212 8.95 -38.30 -15.01
C VAL G 212 7.67 -37.83 -14.29
N SER G 213 7.67 -37.94 -12.97
CA SER G 213 6.50 -37.47 -12.22
C SER G 213 6.28 -35.95 -12.38
N ASN G 214 7.37 -35.17 -12.39
CA ASN G 214 7.24 -33.74 -12.73
C ASN G 214 8.61 -33.18 -13.13
N TRP G 215 8.56 -32.38 -14.19
CA TRP G 215 9.66 -31.49 -14.56
C TRP G 215 9.11 -30.10 -14.63
N SER G 216 9.77 -29.15 -13.95
CA SER G 216 9.41 -27.74 -13.98
C SER G 216 10.69 -26.96 -14.21
N ALA G 217 10.60 -25.90 -15.00
CA ALA G 217 11.73 -24.99 -15.17
C ALA G 217 11.27 -23.63 -15.60
N SER G 218 12.12 -22.64 -15.34
CA SER G 218 11.94 -21.25 -15.75
C SER G 218 13.33 -20.66 -16.03
N VAL G 219 13.43 -19.76 -17.00
CA VAL G 219 14.66 -19.02 -17.23
C VAL G 219 14.33 -17.54 -17.05
N GLN G 220 15.00 -16.93 -16.07
CA GLN G 220 14.70 -15.55 -15.66
C GLN G 220 15.93 -14.67 -15.81
#